data_5F39
#
_entry.id   5F39
#
_cell.length_a   58.409
_cell.length_b   102.061
_cell.length_c   143.474
_cell.angle_alpha   90.00
_cell.angle_beta   99.82
_cell.angle_gamma   90.00
#
_symmetry.space_group_name_H-M   'P 1 21 1'
#
loop_
_entity.id
_entity.type
_entity.pdbx_description
1 polymer 'Lysine-specific demethylase 4A'
2 non-polymer 'ZINC ION'
3 non-polymer 8-(1,3-thiazol-4-yl)-3~{H}-pyrido[3,4-d]pyrimidin-4-one
4 non-polymer 'DIMETHYL SULFOXIDE'
5 water water
#
_entity_poly.entity_id   1
_entity_poly.type   'polypeptide(L)'
_entity_poly.pdbx_seq_one_letter_code
;SMASESETLNPSARIMTFYPTMEEFRNFSRYIAYIESQGAHRAGLAKVVPPKEWKPRASYDDIDDLVIPAPIQQLVTGQS
GLFTQYNIQKKAMTVREFRKIANSDKYCTPRYSEFEELERKYWKNLTFNPPIYGADVNGTLYEKHVDEWNIGRLRTILDL
VEKESGITIEGVNTPYLYFGMWKTSFAWHTEDMDLYSINYLHFGEPKSWYSVPPEHGKRLERLAKGFFPGSAQSCEAFLR
HKMTLISPLMLKKYGIPFDKVTQEAGEFMITFPYGYHAGFNHGFNCAESTNFATRRWIEYGKQAVLCSCRKDMVKISMDV
FVRKFQPERYKLWKAGKDNTVIDHTLPTPEAAEFLKESEL
;
_entity_poly.pdbx_strand_id   A,B,C,D
#
loop_
_chem_comp.id
_chem_comp.type
_chem_comp.name
_chem_comp.formula
5UB non-polymer 8-(1,3-thiazol-4-yl)-3~{H}-pyrido[3,4-d]pyrimidin-4-one 'C10 H6 N4 O S'
DMS non-polymer 'DIMETHYL SULFOXIDE' 'C2 H6 O S'
ZN non-polymer 'ZINC ION' 'Zn 2'
#
# COMPACT_ATOMS: atom_id res chain seq x y z
N ASN A 10 33.26 -0.94 -34.42
CA ASN A 10 32.11 -0.83 -33.54
C ASN A 10 32.27 -0.33 -32.09
N PRO A 11 32.04 0.96 -31.86
CA PRO A 11 32.22 1.53 -30.54
C PRO A 11 31.12 1.37 -29.51
N SER A 12 29.89 1.49 -29.97
CA SER A 12 28.71 1.37 -29.14
C SER A 12 28.00 0.08 -29.49
N ALA A 13 28.59 -0.68 -30.40
CA ALA A 13 28.01 -1.93 -30.83
C ALA A 13 28.46 -3.06 -29.93
N ARG A 14 29.31 -2.76 -28.97
CA ARG A 14 29.80 -3.77 -28.04
C ARG A 14 28.67 -4.29 -27.16
N ILE A 15 28.69 -5.59 -26.87
CA ILE A 15 27.66 -6.21 -26.04
C ILE A 15 27.79 -5.79 -24.58
N MET A 16 26.68 -5.40 -23.99
CA MET A 16 26.65 -4.93 -22.60
C MET A 16 26.09 -5.98 -21.64
N THR A 17 26.64 -6.05 -20.43
CA THR A 17 26.22 -6.95 -19.35
C THR A 17 25.61 -6.11 -18.21
N PHE A 18 24.44 -6.55 -17.71
CA PHE A 18 23.70 -5.87 -16.63
C PHE A 18 23.54 -6.76 -15.43
N TYR A 19 23.65 -6.19 -14.25
CA TYR A 19 23.49 -6.93 -13.02
C TYR A 19 22.45 -6.24 -12.17
N PRO A 20 21.18 -6.49 -12.47
CA PRO A 20 20.10 -5.89 -11.69
C PRO A 20 19.98 -6.42 -10.26
N THR A 21 19.47 -5.56 -9.38
CA THR A 21 19.18 -5.92 -7.99
C THR A 21 17.79 -6.55 -8.02
N MET A 22 17.38 -7.24 -6.94
CA MET A 22 16.08 -7.88 -6.87
C MET A 22 14.92 -6.92 -7.18
N GLU A 23 14.97 -5.69 -6.65
CA GLU A 23 13.96 -4.64 -6.87
C GLU A 23 13.86 -4.25 -8.35
N GLU A 24 15.02 -4.13 -9.03
CA GLU A 24 15.11 -3.78 -10.44
C GLU A 24 14.63 -4.95 -11.32
N PHE A 25 15.06 -6.18 -10.97
CA PHE A 25 14.77 -7.44 -11.66
C PHE A 25 13.27 -7.81 -11.67
N ARG A 26 12.52 -7.35 -10.68
CA ARG A 26 11.09 -7.65 -10.53
C ARG A 26 10.22 -7.22 -11.75
N ASN A 27 10.39 -5.99 -12.30
CA ASN A 27 9.61 -5.56 -13.48
C ASN A 27 10.42 -5.78 -14.76
N PHE A 28 10.09 -6.85 -15.51
CA PHE A 28 10.76 -7.26 -16.75
C PHE A 28 10.76 -6.16 -17.78
N SER A 29 9.56 -5.70 -18.18
CA SER A 29 9.33 -4.67 -19.19
C SER A 29 10.06 -3.37 -18.82
N ARG A 30 10.01 -2.96 -17.54
CA ARG A 30 10.70 -1.75 -17.08
C ARG A 30 12.20 -1.94 -17.27
N TYR A 31 12.74 -3.16 -16.98
CA TYR A 31 14.17 -3.42 -17.13
C TYR A 31 14.62 -3.40 -18.58
N ILE A 32 13.72 -3.80 -19.50
CA ILE A 32 13.99 -3.78 -20.95
C ILE A 32 14.07 -2.33 -21.42
N ALA A 33 13.20 -1.45 -20.88
CA ALA A 33 13.19 -0.03 -21.17
C ALA A 33 14.46 0.58 -20.57
N TYR A 34 14.89 0.11 -19.38
CA TYR A 34 16.10 0.59 -18.74
C TYR A 34 17.39 0.30 -19.54
N ILE A 35 17.61 -0.99 -19.94
CA ILE A 35 18.83 -1.39 -20.65
C ILE A 35 18.91 -0.76 -22.02
N GLU A 36 17.77 -0.38 -22.60
CA GLU A 36 17.71 0.34 -23.87
C GLU A 36 18.12 1.79 -23.65
N SER A 37 17.67 2.39 -22.54
CA SER A 37 18.04 3.76 -22.15
C SER A 37 19.57 3.87 -21.98
N GLN A 38 20.24 2.72 -21.80
CA GLN A 38 21.70 2.59 -21.65
C GLN A 38 22.40 2.34 -22.99
N GLY A 39 21.63 2.06 -24.05
CA GLY A 39 22.13 1.81 -25.40
C GLY A 39 22.43 0.36 -25.75
N ALA A 40 21.89 -0.60 -24.96
CA ALA A 40 22.08 -2.05 -25.10
C ALA A 40 21.60 -2.57 -26.44
N HIS A 41 20.47 -2.01 -26.91
CA HIS A 41 19.81 -2.32 -28.18
C HIS A 41 20.69 -2.15 -29.45
N ARG A 42 21.71 -1.30 -29.39
CA ARG A 42 22.56 -0.97 -30.52
C ARG A 42 23.48 -2.11 -30.93
N ALA A 43 23.88 -2.95 -29.96
CA ALA A 43 24.74 -4.11 -30.20
C ALA A 43 23.91 -5.25 -30.82
N GLY A 44 22.60 -5.26 -30.52
CA GLY A 44 21.64 -6.27 -30.97
C GLY A 44 21.50 -7.43 -30.00
N LEU A 45 22.37 -7.48 -29.00
CA LEU A 45 22.45 -8.56 -28.03
C LEU A 45 22.99 -7.99 -26.70
N ALA A 46 22.33 -8.33 -25.57
CA ALA A 46 22.74 -7.92 -24.22
C ALA A 46 22.63 -9.09 -23.24
N LYS A 47 23.52 -9.11 -22.23
CA LYS A 47 23.52 -10.13 -21.18
C LYS A 47 22.97 -9.55 -19.91
N VAL A 48 22.08 -10.29 -19.22
CA VAL A 48 21.49 -9.87 -17.94
C VAL A 48 21.74 -10.96 -16.90
N VAL A 49 22.47 -10.59 -15.87
CA VAL A 49 22.82 -11.52 -14.80
C VAL A 49 21.85 -11.29 -13.64
N PRO A 50 20.99 -12.28 -13.38
CA PRO A 50 20.00 -12.13 -12.29
C PRO A 50 20.60 -12.07 -10.88
N PRO A 51 19.88 -11.49 -9.87
CA PRO A 51 20.41 -11.49 -8.50
C PRO A 51 20.68 -12.90 -7.98
N LYS A 52 21.73 -13.07 -7.15
CA LYS A 52 22.15 -14.37 -6.59
C LYS A 52 21.00 -15.08 -5.87
N GLU A 53 20.14 -14.30 -5.18
CA GLU A 53 18.96 -14.76 -4.43
C GLU A 53 17.79 -15.30 -5.32
N TRP A 54 17.95 -15.23 -6.67
CA TRP A 54 16.95 -15.67 -7.64
C TRP A 54 17.31 -17.00 -8.29
N LYS A 55 16.33 -17.92 -8.34
CA LYS A 55 16.44 -19.24 -8.94
C LYS A 55 15.08 -19.59 -9.59
N PRO A 56 15.02 -20.07 -10.86
CA PRO A 56 13.72 -20.40 -11.47
C PRO A 56 13.16 -21.79 -11.11
N ARG A 57 14.02 -22.66 -10.58
CA ARG A 57 13.68 -24.04 -10.23
C ARG A 57 14.65 -24.45 -9.15
N ALA A 58 14.18 -25.25 -8.18
CA ALA A 58 14.99 -25.71 -7.05
C ALA A 58 16.12 -26.68 -7.45
N SER A 59 15.82 -27.66 -8.34
CA SER A 59 16.78 -28.66 -8.84
C SER A 59 16.36 -29.18 -10.20
N TYR A 60 17.34 -29.62 -11.03
CA TYR A 60 17.11 -30.18 -12.36
C TYR A 60 17.35 -31.72 -12.39
N ASP A 61 17.10 -32.39 -11.26
CA ASP A 61 17.30 -33.84 -11.06
C ASP A 61 16.10 -34.73 -11.47
N ASP A 62 14.95 -34.11 -11.79
CA ASP A 62 13.70 -34.77 -12.14
C ASP A 62 13.36 -34.69 -13.64
N ILE A 63 14.29 -34.20 -14.48
CA ILE A 63 13.99 -34.05 -15.90
C ILE A 63 14.59 -35.20 -16.77
N ASP A 64 15.10 -36.28 -16.16
CA ASP A 64 15.71 -37.37 -16.94
C ASP A 64 14.78 -38.09 -17.90
N ASP A 65 13.48 -38.22 -17.51
CA ASP A 65 12.44 -38.91 -18.28
C ASP A 65 11.69 -37.97 -19.23
N LEU A 66 12.07 -36.68 -19.27
CA LEU A 66 11.49 -35.64 -20.16
C LEU A 66 11.81 -35.99 -21.61
N VAL A 67 10.79 -35.99 -22.45
CA VAL A 67 10.97 -36.38 -23.84
C VAL A 67 11.19 -35.26 -24.82
N ILE A 68 12.23 -35.43 -25.63
CA ILE A 68 12.57 -34.50 -26.67
C ILE A 68 11.96 -35.26 -27.81
N PRO A 69 10.89 -34.75 -28.38
CA PRO A 69 10.18 -35.48 -29.46
C PRO A 69 10.85 -35.55 -30.84
N ALA A 70 11.55 -34.46 -31.23
CA ALA A 70 12.20 -34.38 -32.53
C ALA A 70 13.67 -33.92 -32.44
N PRO A 71 14.61 -34.79 -31.97
CA PRO A 71 16.01 -34.38 -31.92
C PRO A 71 16.50 -34.22 -33.35
N ILE A 72 17.26 -33.17 -33.61
CA ILE A 72 17.79 -32.89 -34.96
C ILE A 72 19.29 -33.17 -35.02
N GLN A 73 19.71 -33.96 -36.01
CA GLN A 73 21.11 -34.21 -36.24
C GLN A 73 21.56 -33.14 -37.25
N GLN A 74 22.52 -32.32 -36.82
CA GLN A 74 23.01 -31.19 -37.58
C GLN A 74 24.16 -31.52 -38.52
N LEU A 75 23.84 -31.62 -39.83
CA LEU A 75 24.83 -31.88 -40.87
C LEU A 75 25.28 -30.56 -41.48
N VAL A 76 26.57 -30.26 -41.45
CA VAL A 76 27.08 -29.02 -42.01
C VAL A 76 27.96 -29.30 -43.24
N THR A 77 27.66 -28.62 -44.33
CA THR A 77 28.40 -28.70 -45.59
C THR A 77 29.02 -27.34 -45.88
N GLY A 78 30.25 -27.36 -46.34
CA GLY A 78 30.92 -26.11 -46.67
C GLY A 78 32.43 -26.13 -46.50
N GLN A 79 33.01 -24.95 -46.75
CA GLN A 79 34.44 -24.67 -46.70
C GLN A 79 34.66 -23.18 -46.67
N SER A 80 35.90 -22.78 -46.39
CA SER A 80 36.39 -21.39 -46.40
C SER A 80 35.47 -20.39 -45.67
N GLY A 81 35.03 -20.75 -44.45
CA GLY A 81 34.21 -19.93 -43.57
C GLY A 81 32.73 -19.83 -43.88
N LEU A 82 32.30 -20.44 -45.01
CA LEU A 82 30.89 -20.45 -45.49
C LEU A 82 30.31 -21.86 -45.54
N PHE A 83 29.30 -22.08 -44.68
CA PHE A 83 28.63 -23.37 -44.49
C PHE A 83 27.10 -23.29 -44.49
N THR A 84 26.46 -24.46 -44.76
CA THR A 84 25.02 -24.66 -44.76
C THR A 84 24.74 -25.83 -43.83
N GLN A 85 23.83 -25.63 -42.88
CA GLN A 85 23.42 -26.61 -41.90
C GLN A 85 22.08 -27.24 -42.33
N TYR A 86 22.07 -28.57 -42.43
CA TYR A 86 20.92 -29.39 -42.78
C TYR A 86 20.51 -30.14 -41.53
N ASN A 87 19.22 -30.14 -41.25
CA ASN A 87 18.71 -30.78 -40.05
C ASN A 87 18.01 -32.07 -40.46
N ILE A 88 18.44 -33.18 -39.85
CA ILE A 88 17.88 -34.52 -40.06
C ILE A 88 17.18 -34.88 -38.77
N GLN A 89 15.87 -35.13 -38.83
CA GLN A 89 15.08 -35.50 -37.64
C GLN A 89 15.38 -36.92 -37.23
N LYS A 90 15.56 -37.12 -35.93
CA LYS A 90 15.86 -38.41 -35.34
C LYS A 90 14.66 -38.84 -34.48
N LYS A 91 14.64 -40.11 -34.06
CA LYS A 91 13.55 -40.63 -33.24
C LYS A 91 13.56 -39.92 -31.89
N ALA A 92 12.37 -39.77 -31.26
CA ALA A 92 12.22 -39.15 -29.95
C ALA A 92 13.13 -39.83 -28.93
N MET A 93 13.73 -39.01 -28.06
CA MET A 93 14.58 -39.54 -27.00
C MET A 93 14.36 -38.77 -25.74
N THR A 94 14.65 -39.39 -24.59
CA THR A 94 14.54 -38.75 -23.29
C THR A 94 15.81 -37.92 -23.08
N VAL A 95 15.87 -37.19 -21.93
CA VAL A 95 17.00 -36.32 -21.56
C VAL A 95 18.15 -37.20 -21.11
N ARG A 96 17.82 -38.32 -20.45
CA ARG A 96 18.77 -39.31 -19.97
C ARG A 96 19.59 -39.89 -21.14
N GLU A 97 18.91 -40.28 -22.24
CA GLU A 97 19.54 -40.85 -23.45
C GLU A 97 20.44 -39.81 -24.14
N PHE A 98 19.93 -38.55 -24.25
CA PHE A 98 20.61 -37.39 -24.83
C PHE A 98 21.90 -37.09 -24.07
N ARG A 99 21.82 -36.86 -22.72
CA ARG A 99 22.99 -36.59 -21.87
C ARG A 99 24.09 -37.67 -22.03
N LYS A 100 23.69 -38.97 -22.19
CA LYS A 100 24.62 -40.08 -22.43
C LYS A 100 25.44 -39.87 -23.72
N ILE A 101 24.77 -39.48 -24.83
CA ILE A 101 25.40 -39.20 -26.13
C ILE A 101 26.26 -37.93 -26.01
N ALA A 102 25.69 -36.86 -25.41
CA ALA A 102 26.33 -35.58 -25.20
C ALA A 102 27.69 -35.71 -24.50
N ASN A 103 27.75 -36.49 -23.40
CA ASN A 103 28.94 -36.69 -22.59
C ASN A 103 29.82 -37.88 -23.04
N SER A 104 29.35 -38.68 -24.04
CA SER A 104 30.09 -39.81 -24.61
C SER A 104 31.46 -39.35 -25.19
N ASP A 105 32.43 -40.27 -25.32
CA ASP A 105 33.78 -39.99 -25.87
C ASP A 105 33.70 -39.33 -27.26
N LYS A 106 32.77 -39.82 -28.11
CA LYS A 106 32.54 -39.35 -29.48
C LYS A 106 32.10 -37.88 -29.55
N TYR A 107 31.13 -37.47 -28.73
CA TYR A 107 30.53 -36.15 -28.81
C TYR A 107 30.90 -35.14 -27.71
N CYS A 108 31.64 -35.53 -26.66
CA CYS A 108 32.00 -34.59 -25.59
C CYS A 108 32.93 -33.45 -26.07
N THR A 109 32.94 -32.33 -25.31
CA THR A 109 33.74 -31.12 -25.58
C THR A 109 35.22 -31.47 -25.61
N PRO A 110 36.01 -30.93 -26.58
CA PRO A 110 37.45 -31.22 -26.56
C PRO A 110 38.17 -30.50 -25.41
N ARG A 111 39.40 -30.96 -25.08
CA ARG A 111 40.23 -30.34 -24.05
C ARG A 111 40.71 -29.00 -24.62
N TYR A 112 40.58 -27.92 -23.85
CA TYR A 112 41.00 -26.62 -24.36
C TYR A 112 41.46 -25.60 -23.31
N SER A 113 42.53 -24.88 -23.61
CA SER A 113 43.10 -23.87 -22.74
C SER A 113 42.27 -22.60 -22.51
N GLU A 114 41.68 -22.08 -23.59
CA GLU A 114 40.90 -20.86 -23.52
C GLU A 114 39.81 -20.85 -24.58
N PHE A 115 38.89 -19.90 -24.50
CA PHE A 115 37.78 -19.85 -25.44
C PHE A 115 38.25 -19.68 -26.87
N GLU A 116 39.20 -18.80 -27.10
CA GLU A 116 39.69 -18.59 -28.46
C GLU A 116 40.10 -19.92 -29.12
N GLU A 117 40.65 -20.87 -28.30
CA GLU A 117 41.06 -22.24 -28.68
C GLU A 117 39.84 -23.14 -29.01
N LEU A 118 38.77 -23.10 -28.19
CA LEU A 118 37.55 -23.89 -28.41
C LEU A 118 36.84 -23.38 -29.64
N GLU A 119 36.77 -22.05 -29.78
CA GLU A 119 36.13 -21.40 -30.92
C GLU A 119 36.89 -21.78 -32.24
N ARG A 120 38.20 -22.00 -32.17
CA ARG A 120 39.02 -22.41 -33.33
C ARG A 120 38.70 -23.86 -33.73
N LYS A 121 38.48 -24.74 -32.71
CA LYS A 121 38.14 -26.15 -32.91
C LYS A 121 36.77 -26.27 -33.50
N TYR A 122 35.87 -25.34 -33.11
CA TYR A 122 34.49 -25.30 -33.58
C TYR A 122 34.50 -25.14 -35.07
N TRP A 123 35.09 -24.05 -35.51
CA TRP A 123 35.16 -23.66 -36.90
C TRP A 123 36.02 -24.62 -37.77
N LYS A 124 36.94 -25.36 -37.14
CA LYS A 124 37.79 -26.34 -37.85
C LYS A 124 37.05 -27.65 -38.04
N ASN A 125 36.18 -28.02 -37.09
CA ASN A 125 35.50 -29.31 -37.09
C ASN A 125 33.96 -29.28 -37.27
N LEU A 126 33.33 -28.18 -37.73
CA LEU A 126 31.87 -28.20 -37.75
C LEU A 126 31.26 -29.08 -38.86
N THR A 127 32.05 -29.46 -39.89
CA THR A 127 31.55 -30.34 -40.97
C THR A 127 31.78 -31.81 -40.66
N PHE A 128 32.39 -32.09 -39.50
CA PHE A 128 32.71 -33.46 -39.04
C PHE A 128 31.89 -33.88 -37.85
N ASN A 129 31.75 -35.17 -37.65
CA ASN A 129 31.08 -35.79 -36.51
C ASN A 129 29.80 -35.03 -36.11
N PRO A 130 28.76 -35.00 -37.02
CA PRO A 130 27.55 -34.21 -36.75
C PRO A 130 26.90 -34.43 -35.39
N PRO A 131 26.70 -33.35 -34.61
CA PRO A 131 26.07 -33.52 -33.29
C PRO A 131 24.53 -33.58 -33.41
N ILE A 132 23.86 -33.97 -32.32
CA ILE A 132 22.40 -34.03 -32.18
C ILE A 132 21.98 -32.87 -31.26
N TYR A 133 21.05 -32.04 -31.75
CA TYR A 133 20.49 -30.91 -31.00
C TYR A 133 19.06 -31.26 -30.56
N GLY A 134 18.82 -31.28 -29.26
CA GLY A 134 17.51 -31.51 -28.68
C GLY A 134 16.78 -30.19 -28.66
N ALA A 135 16.48 -29.67 -29.84
CA ALA A 135 15.87 -28.38 -30.09
C ALA A 135 14.34 -28.42 -30.22
N ASP A 136 13.73 -27.23 -30.02
CA ASP A 136 12.33 -26.88 -30.18
C ASP A 136 11.37 -27.76 -29.38
N VAL A 137 11.75 -28.10 -28.13
CA VAL A 137 10.96 -28.92 -27.20
C VAL A 137 9.97 -27.96 -26.55
N ASN A 138 8.67 -28.22 -26.65
CA ASN A 138 7.66 -27.38 -26.02
C ASN A 138 7.65 -27.59 -24.51
N GLY A 139 7.88 -26.48 -23.79
CA GLY A 139 7.88 -26.53 -22.34
C GLY A 139 8.78 -25.53 -21.67
N THR A 140 8.66 -25.49 -20.34
CA THR A 140 9.38 -24.61 -19.42
C THR A 140 10.03 -25.43 -18.31
N LEU A 141 11.09 -24.90 -17.71
CA LEU A 141 11.68 -25.57 -16.57
C LEU A 141 11.50 -24.69 -15.34
N TYR A 142 10.70 -23.61 -15.50
CA TYR A 142 10.36 -22.69 -14.41
C TYR A 142 9.28 -23.34 -13.57
N GLU A 143 9.37 -23.15 -12.24
CA GLU A 143 8.37 -23.63 -11.29
C GLU A 143 7.19 -22.67 -11.41
N LYS A 144 5.97 -23.19 -11.20
CA LYS A 144 4.72 -22.46 -11.40
C LYS A 144 4.65 -21.07 -10.70
N HIS A 145 5.24 -20.95 -9.50
CA HIS A 145 5.19 -19.77 -8.63
C HIS A 145 6.14 -18.61 -9.00
N VAL A 146 7.22 -18.88 -9.75
CA VAL A 146 8.24 -17.88 -10.14
C VAL A 146 7.61 -16.76 -10.98
N ASP A 147 7.50 -15.54 -10.38
CA ASP A 147 6.85 -14.39 -11.00
C ASP A 147 7.77 -13.43 -11.74
N GLU A 148 9.09 -13.52 -11.48
CA GLU A 148 10.10 -12.64 -12.10
C GLU A 148 10.75 -13.30 -13.30
N TRP A 149 10.71 -12.61 -14.44
CA TRP A 149 11.34 -13.07 -15.69
C TRP A 149 10.94 -14.50 -16.09
N ASN A 150 9.63 -14.80 -16.05
CA ASN A 150 9.12 -16.10 -16.43
C ASN A 150 8.92 -16.13 -17.93
N ILE A 151 9.70 -16.95 -18.63
CA ILE A 151 9.65 -17.07 -20.07
C ILE A 151 8.25 -17.49 -20.50
N GLY A 152 7.61 -18.31 -19.69
CA GLY A 152 6.26 -18.74 -19.99
C GLY A 152 5.26 -17.60 -20.00
N ARG A 153 5.41 -16.66 -19.08
CA ARG A 153 4.49 -15.52 -19.00
C ARG A 153 5.12 -14.14 -18.86
N LEU A 154 5.73 -13.64 -19.92
CA LEU A 154 6.36 -12.32 -19.91
C LEU A 154 5.43 -11.11 -19.73
N ARG A 155 4.23 -11.18 -20.32
CA ARG A 155 3.27 -10.09 -20.21
C ARG A 155 3.61 -8.81 -20.98
N THR A 156 4.27 -8.96 -22.12
CA THR A 156 4.65 -7.84 -22.97
C THR A 156 3.45 -7.51 -23.89
N ILE A 157 3.57 -6.53 -24.80
CA ILE A 157 2.49 -6.19 -25.72
C ILE A 157 2.26 -7.32 -26.78
N LEU A 158 3.21 -8.32 -26.87
CA LEU A 158 3.08 -9.47 -27.76
C LEU A 158 1.81 -10.28 -27.43
N ASP A 159 1.37 -10.20 -26.18
CA ASP A 159 0.15 -10.81 -25.65
C ASP A 159 -1.13 -10.46 -26.44
N LEU A 160 -1.14 -9.34 -27.18
CA LEU A 160 -2.28 -8.89 -28.01
C LEU A 160 -2.63 -9.87 -29.13
N VAL A 161 -1.62 -10.60 -29.67
CA VAL A 161 -1.81 -11.62 -30.71
C VAL A 161 -2.81 -12.71 -30.20
N GLU A 162 -2.51 -13.29 -29.03
CA GLU A 162 -3.33 -14.31 -28.38
C GLU A 162 -4.59 -13.73 -27.76
N LYS A 163 -4.54 -12.52 -27.18
CA LYS A 163 -5.70 -11.86 -26.55
C LYS A 163 -6.80 -11.45 -27.53
N GLU A 164 -6.45 -10.96 -28.74
CA GLU A 164 -7.49 -10.56 -29.70
C GLU A 164 -7.98 -11.71 -30.60
N SER A 165 -7.06 -12.59 -31.05
CA SER A 165 -7.36 -13.72 -31.95
C SER A 165 -7.53 -15.07 -31.25
N GLY A 166 -6.59 -15.40 -30.39
CA GLY A 166 -6.56 -16.69 -29.72
C GLY A 166 -5.48 -17.56 -30.31
N ILE A 167 -4.73 -17.03 -31.32
CA ILE A 167 -3.66 -17.72 -32.02
C ILE A 167 -2.41 -17.87 -31.17
N THR A 168 -1.89 -19.10 -31.16
CA THR A 168 -0.71 -19.56 -30.45
C THR A 168 0.37 -19.94 -31.50
N ILE A 169 1.56 -19.37 -31.35
CA ILE A 169 2.70 -19.68 -32.20
C ILE A 169 3.80 -20.28 -31.33
N GLU A 170 3.97 -21.62 -31.42
CA GLU A 170 4.94 -22.46 -30.70
C GLU A 170 6.32 -21.82 -30.79
N GLY A 171 6.91 -21.50 -29.64
CA GLY A 171 8.21 -20.86 -29.56
C GLY A 171 8.15 -19.35 -29.62
N VAL A 172 7.16 -18.77 -30.33
CA VAL A 172 7.02 -17.31 -30.48
C VAL A 172 6.30 -16.71 -29.25
N ASN A 173 5.13 -17.21 -28.87
CA ASN A 173 4.43 -16.70 -27.68
C ASN A 173 4.23 -17.81 -26.63
N THR A 174 5.00 -18.92 -26.78
CA THR A 174 5.06 -20.09 -25.89
C THR A 174 6.56 -20.39 -25.66
N PRO A 175 7.00 -20.99 -24.51
CA PRO A 175 8.43 -21.28 -24.38
C PRO A 175 8.91 -22.58 -25.04
N TYR A 176 10.18 -22.55 -25.48
CA TYR A 176 10.89 -23.68 -26.11
C TYR A 176 12.11 -24.03 -25.27
N LEU A 177 12.46 -25.32 -25.25
CA LEU A 177 13.64 -25.82 -24.57
C LEU A 177 14.62 -26.32 -25.60
N TYR A 178 15.92 -26.13 -25.33
CA TYR A 178 17.03 -26.54 -26.19
C TYR A 178 18.06 -27.27 -25.35
N PHE A 179 18.17 -28.58 -25.58
CA PHE A 179 19.16 -29.43 -24.91
C PHE A 179 20.27 -29.54 -25.94
N GLY A 180 21.45 -28.97 -25.66
CA GLY A 180 22.54 -29.01 -26.61
C GLY A 180 23.66 -29.89 -26.15
N MET A 181 24.64 -30.11 -27.04
CA MET A 181 25.89 -30.83 -26.82
C MET A 181 26.97 -30.11 -27.63
N TRP A 182 28.24 -30.43 -27.36
CA TRP A 182 29.35 -29.83 -28.07
C TRP A 182 29.09 -29.71 -29.57
N LYS A 183 29.38 -28.53 -30.13
CA LYS A 183 29.31 -28.21 -31.54
C LYS A 183 27.91 -27.98 -32.08
N THR A 184 26.82 -28.23 -31.32
CA THR A 184 25.44 -27.96 -31.83
C THR A 184 25.36 -26.45 -32.04
N SER A 185 24.53 -25.97 -32.96
CA SER A 185 24.51 -24.54 -33.17
C SER A 185 23.29 -23.90 -33.80
N PHE A 186 23.24 -22.58 -33.72
CA PHE A 186 22.18 -21.80 -34.33
C PHE A 186 22.82 -20.85 -35.34
N ALA A 187 22.29 -20.86 -36.55
CA ALA A 187 22.77 -20.05 -37.65
C ALA A 187 22.36 -18.60 -37.56
N TRP A 188 22.95 -17.77 -38.40
CA TRP A 188 22.65 -16.35 -38.41
C TRP A 188 21.21 -16.09 -38.73
N HIS A 189 20.55 -15.28 -37.92
CA HIS A 189 19.16 -14.97 -38.14
C HIS A 189 18.66 -13.84 -37.27
N THR A 190 17.42 -13.42 -37.54
CA THR A 190 16.75 -12.40 -36.77
C THR A 190 15.50 -13.14 -36.34
N GLU A 191 14.86 -12.70 -35.27
CA GLU A 191 13.68 -13.39 -34.77
C GLU A 191 12.50 -13.33 -35.77
N ASP A 192 11.50 -14.19 -35.60
CA ASP A 192 10.34 -14.13 -36.49
C ASP A 192 9.65 -12.78 -36.30
N MET A 193 9.31 -12.10 -37.40
CA MET A 193 8.69 -10.76 -37.42
C MET A 193 9.61 -9.68 -36.83
N ASP A 194 10.94 -9.98 -36.77
CA ASP A 194 12.01 -9.15 -36.20
C ASP A 194 11.68 -8.73 -34.78
N LEU A 195 11.19 -9.70 -33.99
CA LEU A 195 10.80 -9.54 -32.59
C LEU A 195 12.05 -9.56 -31.71
N TYR A 196 11.85 -9.36 -30.39
CA TYR A 196 12.90 -9.48 -29.39
C TYR A 196 12.90 -10.94 -28.97
N SER A 197 13.93 -11.39 -28.26
CA SER A 197 13.95 -12.74 -27.70
C SER A 197 14.63 -12.77 -26.35
N ILE A 198 14.16 -13.67 -25.47
CA ILE A 198 14.77 -13.89 -24.18
C ILE A 198 15.33 -15.31 -24.18
N ASN A 199 16.54 -15.50 -23.67
CA ASN A 199 17.19 -16.81 -23.62
C ASN A 199 17.88 -17.02 -22.26
N TYR A 200 17.44 -18.02 -21.48
CA TYR A 200 18.02 -18.37 -20.16
C TYR A 200 18.68 -19.73 -20.20
N LEU A 201 19.95 -19.80 -19.80
CA LEU A 201 20.72 -21.04 -19.77
C LEU A 201 20.46 -21.62 -18.40
N HIS A 202 19.57 -22.64 -18.31
CA HIS A 202 19.16 -23.29 -17.07
C HIS A 202 20.32 -23.95 -16.35
N PHE A 203 21.11 -24.72 -17.08
CA PHE A 203 22.26 -25.45 -16.51
C PHE A 203 23.20 -25.88 -17.61
N GLY A 204 24.35 -26.40 -17.20
CA GLY A 204 25.34 -26.99 -18.10
C GLY A 204 26.44 -26.11 -18.62
N GLU A 205 27.08 -26.61 -19.68
CA GLU A 205 28.18 -25.94 -20.35
C GLU A 205 27.74 -24.66 -21.07
N PRO A 206 28.64 -23.67 -21.25
CA PRO A 206 28.20 -22.39 -21.83
C PRO A 206 27.70 -22.47 -23.29
N LYS A 207 27.08 -21.35 -23.71
CA LYS A 207 26.51 -21.12 -25.03
C LYS A 207 27.21 -19.86 -25.46
N SER A 208 28.01 -19.91 -26.56
CA SER A 208 28.72 -18.72 -27.10
C SER A 208 27.88 -18.15 -28.19
N TRP A 209 27.89 -16.82 -28.33
CA TRP A 209 27.06 -16.03 -29.25
C TRP A 209 27.90 -15.03 -30.04
N TYR A 210 27.44 -14.70 -31.27
CA TYR A 210 27.98 -13.71 -32.23
C TYR A 210 26.83 -12.82 -32.58
N SER A 211 27.06 -11.52 -32.75
CA SER A 211 26.00 -10.58 -33.13
C SER A 211 26.46 -9.42 -34.02
N VAL A 212 25.65 -9.08 -35.02
CA VAL A 212 25.85 -7.95 -35.91
C VAL A 212 24.89 -6.84 -35.43
N PRO A 213 25.39 -5.62 -35.12
CA PRO A 213 24.49 -4.54 -34.67
C PRO A 213 23.40 -4.23 -35.70
N PRO A 214 22.09 -4.08 -35.30
CA PRO A 214 21.04 -3.72 -36.27
C PRO A 214 21.35 -2.65 -37.34
N GLU A 215 22.16 -1.65 -37.02
CA GLU A 215 22.54 -0.63 -38.00
C GLU A 215 23.29 -1.25 -39.21
N HIS A 216 24.04 -2.36 -38.97
CA HIS A 216 24.86 -3.05 -39.97
C HIS A 216 24.27 -4.36 -40.48
N GLY A 217 23.02 -4.65 -40.09
CA GLY A 217 22.31 -5.86 -40.48
C GLY A 217 22.16 -6.04 -41.98
N LYS A 218 21.87 -4.92 -42.68
CA LYS A 218 21.70 -4.91 -44.14
C LYS A 218 22.98 -5.27 -44.89
N ARG A 219 24.13 -5.02 -44.25
CA ARG A 219 25.46 -5.39 -44.75
C ARG A 219 25.66 -6.91 -44.65
N LEU A 220 25.20 -7.53 -43.53
CA LEU A 220 25.30 -8.98 -43.39
C LEU A 220 24.40 -9.63 -44.46
N GLU A 221 23.20 -9.06 -44.69
CA GLU A 221 22.26 -9.50 -45.70
C GLU A 221 22.87 -9.44 -47.11
N ARG A 222 23.54 -8.30 -47.46
CA ARG A 222 24.20 -8.11 -48.75
C ARG A 222 25.29 -9.17 -48.95
N LEU A 223 26.09 -9.43 -47.89
CA LEU A 223 27.14 -10.43 -47.87
C LEU A 223 26.61 -11.83 -48.15
N ALA A 224 25.65 -12.30 -47.31
CA ALA A 224 25.01 -13.59 -47.45
C ALA A 224 24.46 -13.75 -48.89
N LYS A 225 23.82 -12.70 -49.46
CA LYS A 225 23.32 -12.70 -50.85
C LYS A 225 24.46 -13.04 -51.83
N GLY A 226 25.58 -12.35 -51.71
CA GLY A 226 26.76 -12.56 -52.54
C GLY A 226 27.34 -13.97 -52.48
N PHE A 227 27.23 -14.62 -51.33
CA PHE A 227 27.77 -15.95 -51.13
C PHE A 227 26.87 -17.07 -51.55
N PHE A 228 25.55 -16.86 -51.40
CA PHE A 228 24.54 -17.84 -51.77
C PHE A 228 23.57 -17.14 -52.73
N PRO A 229 24.00 -16.85 -53.99
CA PRO A 229 23.10 -16.15 -54.91
C PRO A 229 21.89 -16.98 -55.37
N GLY A 230 22.05 -18.30 -55.36
CA GLY A 230 21.02 -19.25 -55.73
C GLY A 230 19.87 -19.17 -54.77
N SER A 231 20.18 -19.22 -53.46
CA SER A 231 19.24 -19.14 -52.33
C SER A 231 18.53 -17.81 -52.33
N ALA A 232 19.25 -16.72 -52.67
CA ALA A 232 18.75 -15.34 -52.72
C ALA A 232 17.71 -15.16 -53.84
N GLN A 233 17.90 -15.84 -55.00
CA GLN A 233 16.96 -15.78 -56.11
C GLN A 233 15.67 -16.52 -55.78
N SER A 234 15.78 -17.60 -54.99
CA SER A 234 14.68 -18.49 -54.56
C SER A 234 13.84 -17.87 -53.43
N CYS A 235 14.49 -17.12 -52.53
CA CYS A 235 13.85 -16.49 -51.40
C CYS A 235 14.64 -15.29 -50.94
N GLU A 236 13.99 -14.09 -50.92
CA GLU A 236 14.60 -12.81 -50.48
C GLU A 236 15.11 -12.91 -49.04
N ALA A 237 14.31 -13.54 -48.16
CA ALA A 237 14.62 -13.73 -46.76
C ALA A 237 15.14 -15.15 -46.44
N PHE A 238 16.12 -15.67 -47.22
CA PHE A 238 16.68 -17.03 -47.03
C PHE A 238 17.40 -17.22 -45.68
N LEU A 239 17.87 -16.13 -45.06
CA LEU A 239 18.54 -16.24 -43.77
C LEU A 239 17.56 -16.71 -42.68
N ARG A 240 16.25 -16.57 -42.96
CA ARG A 240 15.16 -16.96 -42.07
C ARG A 240 15.03 -18.47 -41.98
N HIS A 241 15.57 -19.19 -42.97
CA HIS A 241 15.60 -20.66 -43.02
C HIS A 241 16.47 -21.24 -41.90
N LYS A 242 17.36 -20.39 -41.28
CA LYS A 242 18.29 -20.71 -40.20
C LYS A 242 19.23 -21.86 -40.60
N MET A 243 19.85 -21.68 -41.79
CA MET A 243 20.76 -22.67 -42.36
C MET A 243 22.15 -22.15 -42.62
N THR A 244 22.33 -20.82 -42.62
CA THR A 244 23.58 -20.15 -43.00
C THR A 244 24.51 -19.94 -41.85
N LEU A 245 25.74 -20.52 -41.95
CA LEU A 245 26.79 -20.37 -40.95
C LEU A 245 27.94 -19.60 -41.59
N ILE A 246 28.29 -18.43 -41.02
CA ILE A 246 29.36 -17.57 -41.53
C ILE A 246 30.34 -17.38 -40.41
N SER A 247 31.62 -17.75 -40.65
CA SER A 247 32.73 -17.65 -39.69
C SER A 247 33.03 -16.21 -39.26
N PRO A 248 33.39 -15.93 -37.99
CA PRO A 248 33.78 -14.55 -37.62
C PRO A 248 34.89 -13.96 -38.49
N LEU A 249 35.80 -14.82 -39.03
CA LEU A 249 36.90 -14.45 -39.94
C LEU A 249 36.41 -13.95 -41.26
N MET A 250 35.32 -14.57 -41.77
CA MET A 250 34.63 -14.27 -43.03
C MET A 250 34.00 -12.87 -42.90
N LEU A 251 33.39 -12.57 -41.72
CA LEU A 251 32.80 -11.27 -41.40
C LEU A 251 33.89 -10.21 -41.36
N LYS A 252 34.94 -10.44 -40.54
CA LYS A 252 36.13 -9.58 -40.36
C LYS A 252 36.69 -9.24 -41.75
N LYS A 253 36.91 -10.26 -42.61
CA LYS A 253 37.42 -10.09 -43.97
C LYS A 253 36.59 -9.12 -44.81
N TYR A 254 35.26 -9.19 -44.70
CA TYR A 254 34.39 -8.34 -45.52
C TYR A 254 33.88 -7.09 -44.81
N GLY A 255 34.53 -6.77 -43.68
CA GLY A 255 34.26 -5.57 -42.90
C GLY A 255 32.90 -5.50 -42.24
N ILE A 256 32.31 -6.65 -41.92
CA ILE A 256 31.04 -6.67 -41.21
C ILE A 256 31.39 -6.48 -39.72
N PRO A 257 30.87 -5.43 -39.03
CA PRO A 257 31.18 -5.28 -37.60
C PRO A 257 30.36 -6.28 -36.82
N PHE A 258 30.98 -6.93 -35.83
CA PHE A 258 30.33 -7.94 -35.00
C PHE A 258 31.00 -8.01 -33.64
N ASP A 259 30.29 -8.60 -32.65
CA ASP A 259 30.82 -8.83 -31.29
C ASP A 259 30.51 -10.25 -30.85
N LYS A 260 31.33 -10.80 -29.93
CA LYS A 260 31.07 -12.12 -29.36
C LYS A 260 30.92 -12.03 -27.85
N VAL A 261 30.21 -12.99 -27.27
CA VAL A 261 29.91 -13.09 -25.82
C VAL A 261 29.58 -14.56 -25.53
N THR A 262 30.02 -15.04 -24.38
CA THR A 262 29.72 -16.37 -23.91
C THR A 262 28.74 -16.27 -22.75
N GLN A 263 27.60 -16.96 -22.87
CA GLN A 263 26.55 -17.04 -21.87
C GLN A 263 26.81 -18.31 -21.06
N GLU A 264 26.77 -18.19 -19.73
CA GLU A 264 26.99 -19.30 -18.79
C GLU A 264 25.73 -19.61 -18.05
N ALA A 265 25.64 -20.81 -17.43
CA ALA A 265 24.46 -21.24 -16.68
C ALA A 265 24.03 -20.16 -15.68
N GLY A 266 22.72 -19.89 -15.68
CA GLY A 266 22.12 -18.91 -14.77
C GLY A 266 22.15 -17.48 -15.25
N GLU A 267 22.43 -17.29 -16.56
CA GLU A 267 22.49 -15.98 -17.22
C GLU A 267 21.46 -15.86 -18.31
N PHE A 268 20.99 -14.60 -18.56
CA PHE A 268 20.00 -14.30 -19.62
C PHE A 268 20.64 -13.59 -20.81
N MET A 269 20.14 -13.85 -22.02
CA MET A 269 20.59 -13.15 -23.22
C MET A 269 19.36 -12.56 -23.89
N ILE A 270 19.36 -11.24 -24.10
CA ILE A 270 18.28 -10.52 -24.76
C ILE A 270 18.76 -10.18 -26.17
N THR A 271 17.95 -10.52 -27.19
CA THR A 271 18.18 -10.17 -28.59
C THR A 271 17.14 -9.11 -28.90
N PHE A 272 17.55 -8.11 -29.66
CA PHE A 272 16.72 -6.95 -29.95
C PHE A 272 16.23 -7.01 -31.38
N PRO A 273 15.17 -6.23 -31.75
CA PRO A 273 14.68 -6.27 -33.12
C PRO A 273 15.74 -5.98 -34.18
N TYR A 274 15.86 -6.90 -35.15
CA TYR A 274 16.76 -6.87 -36.30
C TYR A 274 18.26 -7.17 -35.92
N GLY A 275 18.44 -7.72 -34.71
CA GLY A 275 19.75 -8.09 -34.20
C GLY A 275 20.14 -9.47 -34.67
N TYR A 276 21.01 -9.52 -35.70
CA TYR A 276 21.46 -10.78 -36.29
C TYR A 276 22.38 -11.46 -35.32
N HIS A 277 22.10 -12.75 -35.06
CA HIS A 277 22.88 -13.55 -34.14
C HIS A 277 23.01 -14.97 -34.62
N ALA A 278 24.06 -15.62 -34.13
CA ALA A 278 24.43 -17.02 -34.38
C ALA A 278 25.29 -17.42 -33.20
N GLY A 279 25.47 -18.71 -32.99
CA GLY A 279 26.32 -19.19 -31.91
C GLY A 279 26.39 -20.69 -31.89
N PHE A 280 26.98 -21.25 -30.85
CA PHE A 280 27.14 -22.71 -30.66
C PHE A 280 27.20 -23.07 -29.20
N ASN A 281 26.89 -24.32 -28.92
CA ASN A 281 26.91 -24.87 -27.55
C ASN A 281 28.25 -25.56 -27.22
N HIS A 282 28.83 -25.20 -26.09
CA HIS A 282 30.12 -25.75 -25.66
C HIS A 282 30.04 -27.21 -25.29
N GLY A 283 28.93 -27.60 -24.67
CA GLY A 283 28.69 -28.95 -24.22
C GLY A 283 27.29 -29.15 -23.71
N PHE A 284 27.07 -30.23 -22.95
CA PHE A 284 25.74 -30.53 -22.44
C PHE A 284 25.19 -29.39 -21.57
N ASN A 285 24.04 -28.84 -21.99
CA ASN A 285 23.34 -27.75 -21.33
C ASN A 285 21.86 -27.79 -21.72
N CYS A 286 21.05 -26.88 -21.15
CA CYS A 286 19.63 -26.68 -21.42
C CYS A 286 19.30 -25.21 -21.33
N ALA A 287 18.74 -24.63 -22.41
CA ALA A 287 18.33 -23.21 -22.53
C ALA A 287 16.84 -23.09 -22.81
N GLU A 288 16.19 -22.11 -22.21
CA GLU A 288 14.76 -21.85 -22.44
C GLU A 288 14.63 -20.54 -23.18
N SER A 289 13.72 -20.49 -24.15
CA SER A 289 13.59 -19.31 -24.96
C SER A 289 12.19 -19.04 -25.41
N THR A 290 11.90 -17.74 -25.73
CA THR A 290 10.62 -17.20 -26.27
C THR A 290 10.87 -15.82 -26.87
N ASN A 291 9.87 -15.30 -27.61
CA ASN A 291 9.90 -13.99 -28.22
C ASN A 291 9.04 -13.05 -27.38
N PHE A 292 9.32 -11.74 -27.43
CA PHE A 292 8.57 -10.70 -26.73
C PHE A 292 8.60 -9.40 -27.55
N ALA A 293 7.91 -8.33 -27.07
CA ALA A 293 7.84 -7.06 -27.80
C ALA A 293 7.76 -5.85 -26.92
N THR A 294 8.05 -4.68 -27.49
CA THR A 294 7.93 -3.34 -26.88
C THR A 294 7.28 -2.48 -27.94
N ARG A 295 6.86 -1.24 -27.59
CA ARG A 295 6.26 -0.30 -28.55
C ARG A 295 7.21 -0.06 -29.77
N ARG A 296 8.55 -0.07 -29.52
CA ARG A 296 9.61 0.09 -30.53
C ARG A 296 9.54 -1.00 -31.62
N TRP A 297 9.15 -2.24 -31.26
CA TRP A 297 9.07 -3.34 -32.19
C TRP A 297 8.01 -3.19 -33.29
N ILE A 298 6.85 -2.55 -32.99
CA ILE A 298 5.74 -2.45 -33.97
C ILE A 298 6.24 -1.99 -35.35
N GLU A 299 7.09 -0.95 -35.44
CA GLU A 299 7.60 -0.51 -36.73
C GLU A 299 8.43 -1.60 -37.45
N TYR A 300 9.21 -2.40 -36.67
CA TYR A 300 10.02 -3.52 -37.16
C TYR A 300 9.15 -4.64 -37.71
N GLY A 301 8.05 -4.95 -37.03
CA GLY A 301 7.09 -5.96 -37.46
C GLY A 301 6.43 -5.56 -38.76
N LYS A 302 6.07 -4.27 -38.87
CA LYS A 302 5.47 -3.66 -40.06
C LYS A 302 6.40 -3.75 -41.26
N GLN A 303 7.70 -3.46 -41.04
CA GLN A 303 8.73 -3.45 -42.07
C GLN A 303 9.52 -4.75 -42.27
N ALA A 304 9.31 -5.79 -41.43
CA ALA A 304 10.03 -7.07 -41.51
C ALA A 304 9.87 -7.75 -42.86
N VAL A 305 11.00 -8.11 -43.52
CA VAL A 305 10.99 -8.83 -44.81
C VAL A 305 10.88 -10.31 -44.45
N LEU A 306 9.80 -10.95 -44.90
CA LEU A 306 9.56 -12.35 -44.59
C LEU A 306 9.96 -13.35 -45.66
N CYS A 307 10.05 -14.60 -45.23
CA CYS A 307 10.40 -15.71 -46.11
C CYS A 307 9.32 -15.96 -47.13
N SER A 308 9.72 -16.35 -48.32
CA SER A 308 8.76 -16.62 -49.37
C SER A 308 9.04 -17.99 -50.01
N CYS A 309 8.80 -19.03 -49.23
CA CYS A 309 9.02 -20.39 -49.67
C CYS A 309 7.78 -21.21 -49.34
N MET A 313 5.38 -20.40 -42.75
CA MET A 313 6.28 -19.46 -42.08
C MET A 313 5.49 -18.54 -41.14
N VAL A 314 6.15 -18.10 -40.06
CA VAL A 314 5.56 -17.24 -39.04
C VAL A 314 5.26 -15.84 -39.60
N LYS A 315 3.96 -15.54 -39.64
CA LYS A 315 3.40 -14.27 -40.04
C LYS A 315 2.35 -13.91 -39.02
N ILE A 316 2.56 -12.76 -38.37
CA ILE A 316 1.69 -12.19 -37.36
C ILE A 316 0.99 -11.03 -38.04
N SER A 317 -0.35 -10.91 -37.86
CA SER A 317 -1.11 -9.79 -38.42
C SER A 317 -0.79 -8.55 -37.59
N MET A 318 -0.30 -7.49 -38.25
CA MET A 318 0.13 -6.28 -37.58
C MET A 318 -1.01 -5.32 -37.29
N ASP A 319 -2.16 -5.49 -37.99
CA ASP A 319 -3.38 -4.67 -37.86
C ASP A 319 -3.78 -4.31 -36.40
N VAL A 320 -3.72 -5.29 -35.45
CA VAL A 320 -4.05 -5.13 -34.03
C VAL A 320 -3.11 -4.10 -33.32
N PHE A 321 -1.78 -4.20 -33.58
CA PHE A 321 -0.76 -3.32 -33.02
C PHE A 321 -0.93 -1.91 -33.54
N VAL A 322 -1.03 -1.79 -34.89
CA VAL A 322 -1.20 -0.50 -35.58
C VAL A 322 -2.46 0.19 -35.03
N ARG A 323 -3.61 -0.52 -34.94
CA ARG A 323 -4.86 0.01 -34.38
C ARG A 323 -4.68 0.60 -32.96
N LYS A 324 -4.04 -0.18 -32.05
CA LYS A 324 -3.85 0.19 -30.65
C LYS A 324 -2.81 1.28 -30.40
N PHE A 325 -1.61 1.12 -30.94
CA PHE A 325 -0.56 2.08 -30.66
C PHE A 325 -0.30 3.10 -31.73
N GLN A 326 -0.79 2.84 -32.93
CA GLN A 326 -0.61 3.79 -34.00
C GLN A 326 -1.92 3.99 -34.74
N PRO A 327 -2.92 4.57 -34.08
CA PRO A 327 -4.20 4.78 -34.77
C PRO A 327 -4.13 5.84 -35.87
N GLU A 328 -3.31 6.89 -35.65
CA GLU A 328 -3.09 8.00 -36.59
C GLU A 328 -2.60 7.53 -37.97
N ARG A 329 -1.70 6.54 -37.98
CA ARG A 329 -1.06 5.97 -39.16
C ARG A 329 -1.83 4.81 -39.79
N TYR A 330 -2.88 4.27 -39.10
CA TYR A 330 -3.64 3.09 -39.58
C TYR A 330 -4.20 3.23 -41.01
N LYS A 331 -4.76 4.41 -41.35
CA LYS A 331 -5.32 4.66 -42.67
C LYS A 331 -4.22 4.64 -43.73
N LEU A 332 -3.12 5.38 -43.47
CA LEU A 332 -1.95 5.50 -44.34
C LEU A 332 -1.26 4.16 -44.56
N TRP A 333 -1.05 3.37 -43.48
CA TRP A 333 -0.38 2.06 -43.50
C TRP A 333 -1.14 1.00 -44.29
N LYS A 334 -2.47 0.97 -44.12
CA LYS A 334 -3.33 0.02 -44.82
C LYS A 334 -3.39 0.33 -46.33
N ALA A 335 -3.13 1.60 -46.72
CA ALA A 335 -3.09 2.09 -48.11
C ALA A 335 -1.71 1.86 -48.77
N GLY A 336 -0.72 1.50 -47.95
CA GLY A 336 0.65 1.25 -48.38
C GLY A 336 1.48 2.51 -48.52
N LYS A 337 0.95 3.64 -48.00
CA LYS A 337 1.58 4.96 -48.07
C LYS A 337 2.36 5.35 -46.78
N ASP A 338 2.76 4.35 -45.97
CA ASP A 338 3.55 4.53 -44.74
C ASP A 338 5.04 4.36 -45.05
N ASN A 339 5.73 5.51 -45.25
CA ASN A 339 7.14 5.60 -45.60
C ASN A 339 8.08 5.82 -44.37
N THR A 340 7.64 5.39 -43.16
CA THR A 340 8.40 5.54 -41.91
C THR A 340 9.77 4.85 -41.98
N VAL A 341 10.83 5.60 -41.61
CA VAL A 341 12.21 5.11 -41.60
C VAL A 341 12.59 4.79 -40.16
N ILE A 342 13.03 3.54 -39.92
CA ILE A 342 13.45 3.07 -38.61
C ILE A 342 14.87 3.54 -38.29
N ASP A 343 15.04 4.14 -37.08
CA ASP A 343 16.32 4.57 -36.52
C ASP A 343 16.70 3.50 -35.47
N HIS A 344 17.64 2.61 -35.83
CA HIS A 344 18.08 1.48 -35.00
C HIS A 344 18.75 1.89 -33.68
N THR A 345 19.20 3.17 -33.58
CA THR A 345 19.90 3.76 -32.43
C THR A 345 18.94 4.23 -31.33
N LEU A 346 17.71 4.52 -31.70
CA LEU A 346 16.72 5.05 -30.77
C LEU A 346 16.19 4.02 -29.79
N PRO A 347 16.06 4.36 -28.48
CA PRO A 347 15.47 3.40 -27.53
C PRO A 347 13.94 3.40 -27.63
N THR A 348 13.31 2.45 -26.93
CA THR A 348 11.84 2.30 -26.90
C THR A 348 11.21 3.52 -26.19
N PRO A 349 9.99 3.97 -26.60
CA PRO A 349 9.37 5.13 -25.92
C PRO A 349 9.22 4.99 -24.40
N GLU A 350 9.15 3.73 -23.91
CA GLU A 350 9.02 3.31 -22.50
C GLU A 350 10.26 3.73 -21.65
N ALA A 351 11.40 3.92 -22.32
CA ALA A 351 12.66 4.33 -21.70
C ALA A 351 12.68 5.84 -21.38
N ALA A 352 11.57 6.58 -21.67
CA ALA A 352 11.43 8.02 -21.41
C ALA A 352 11.64 8.39 -19.94
N GLU A 353 11.15 7.54 -19.00
CA GLU A 353 11.29 7.75 -17.56
C GLU A 353 12.75 7.66 -17.04
N PHE A 354 13.69 7.15 -17.89
CA PHE A 354 15.11 7.00 -17.57
C PHE A 354 15.99 8.00 -18.35
N LEU A 355 15.70 8.23 -19.64
CA LEU A 355 16.54 9.11 -20.47
C LEU A 355 15.79 10.35 -20.92
N SER B 12 -43.89 14.71 5.44
CA SER B 12 -43.92 14.61 3.99
C SER B 12 -42.75 15.33 3.33
N ALA B 13 -41.58 14.68 3.36
CA ALA B 13 -40.37 15.23 2.78
C ALA B 13 -39.79 14.18 1.86
N ARG B 14 -40.45 14.00 0.72
CA ARG B 14 -40.07 13.04 -0.28
C ARG B 14 -38.84 13.50 -1.03
N ILE B 15 -38.11 12.54 -1.59
CA ILE B 15 -36.91 12.82 -2.36
C ILE B 15 -37.33 13.48 -3.67
N MET B 16 -36.64 14.56 -4.02
CA MET B 16 -36.95 15.32 -5.21
C MET B 16 -35.93 15.05 -6.34
N THR B 17 -36.43 15.06 -7.60
CA THR B 17 -35.61 14.89 -8.81
C THR B 17 -35.61 16.22 -9.59
N PHE B 18 -34.42 16.64 -10.04
CA PHE B 18 -34.25 17.88 -10.82
C PHE B 18 -33.65 17.61 -12.19
N TYR B 19 -34.14 18.29 -13.24
CA TYR B 19 -33.69 18.13 -14.62
C TYR B 19 -33.17 19.47 -15.16
N PRO B 20 -31.97 19.93 -14.70
CA PRO B 20 -31.47 21.23 -15.16
C PRO B 20 -31.12 21.29 -16.63
N THR B 21 -31.20 22.51 -17.19
CA THR B 21 -30.79 22.78 -18.57
C THR B 21 -29.28 23.04 -18.50
N MET B 22 -28.59 23.00 -19.65
CA MET B 22 -27.15 23.22 -19.69
C MET B 22 -26.73 24.54 -19.02
N GLU B 23 -27.48 25.65 -19.24
CA GLU B 23 -27.23 26.96 -18.63
C GLU B 23 -27.34 26.92 -17.11
N GLU B 24 -28.35 26.21 -16.58
CA GLU B 24 -28.58 26.04 -15.14
C GLU B 24 -27.48 25.16 -14.50
N PHE B 25 -27.20 24.02 -15.17
CA PHE B 25 -26.23 22.98 -14.82
C PHE B 25 -24.77 23.48 -14.74
N ARG B 26 -24.44 24.56 -15.45
CA ARG B 26 -23.08 25.13 -15.48
C ARG B 26 -22.55 25.55 -14.09
N ASN B 27 -23.33 26.32 -13.28
CA ASN B 27 -22.87 26.71 -11.94
C ASN B 27 -23.37 25.75 -10.88
N PHE B 28 -22.46 24.87 -10.40
CA PHE B 28 -22.74 23.83 -9.41
C PHE B 28 -23.32 24.38 -8.13
N SER B 29 -22.57 25.27 -7.47
CA SER B 29 -22.93 25.91 -6.21
C SER B 29 -24.26 26.64 -6.31
N ARG B 30 -24.48 27.39 -7.41
CA ARG B 30 -25.75 28.09 -7.65
C ARG B 30 -26.90 27.09 -7.70
N TYR B 31 -26.69 25.88 -8.32
CA TYR B 31 -27.72 24.83 -8.43
C TYR B 31 -27.93 24.06 -7.13
N ILE B 32 -26.91 24.03 -6.23
CA ILE B 32 -27.11 23.39 -4.92
C ILE B 32 -28.01 24.35 -4.10
N ALA B 33 -27.80 25.69 -4.25
CA ALA B 33 -28.61 26.71 -3.58
C ALA B 33 -30.05 26.70 -4.16
N TYR B 34 -30.18 26.56 -5.50
CA TYR B 34 -31.47 26.51 -6.15
C TYR B 34 -32.33 25.37 -5.62
N ILE B 35 -31.79 24.14 -5.57
CA ILE B 35 -32.55 22.96 -5.12
C ILE B 35 -32.94 23.08 -3.63
N GLU B 36 -32.13 23.83 -2.79
CA GLU B 36 -32.49 24.07 -1.38
C GLU B 36 -33.59 25.10 -1.26
N SER B 37 -33.63 26.01 -2.25
CA SER B 37 -34.72 27.01 -2.33
C SER B 37 -36.05 26.31 -2.66
N GLN B 38 -35.98 25.08 -3.22
CA GLN B 38 -37.12 24.22 -3.57
C GLN B 38 -37.51 23.26 -2.45
N GLY B 39 -36.69 23.16 -1.40
CA GLY B 39 -36.90 22.29 -0.25
C GLY B 39 -36.26 20.91 -0.31
N ALA B 40 -35.31 20.69 -1.27
CA ALA B 40 -34.64 19.40 -1.51
C ALA B 40 -33.90 18.85 -0.29
N HIS B 41 -33.24 19.75 0.45
CA HIS B 41 -32.44 19.47 1.64
C HIS B 41 -33.20 18.82 2.81
N ARG B 42 -34.55 18.94 2.83
CA ARG B 42 -35.37 18.41 3.91
C ARG B 42 -35.49 16.90 3.89
N ALA B 43 -35.42 16.28 2.70
CA ALA B 43 -35.47 14.84 2.49
C ALA B 43 -34.12 14.21 2.89
N GLY B 44 -33.04 14.99 2.76
CA GLY B 44 -31.66 14.60 3.05
C GLY B 44 -30.94 14.03 1.84
N LEU B 45 -31.68 13.82 0.76
CA LEU B 45 -31.21 13.19 -0.46
C LEU B 45 -32.01 13.72 -1.65
N ALA B 46 -31.33 14.09 -2.74
CA ALA B 46 -31.96 14.58 -3.97
C ALA B 46 -31.28 13.98 -5.20
N LYS B 47 -32.03 13.79 -6.28
CA LYS B 47 -31.51 13.28 -7.55
C LYS B 47 -31.43 14.43 -8.56
N VAL B 48 -30.32 14.51 -9.30
CA VAL B 48 -30.13 15.51 -10.34
C VAL B 48 -29.79 14.80 -11.64
N VAL B 49 -30.65 14.95 -12.64
CA VAL B 49 -30.46 14.33 -13.94
C VAL B 49 -29.87 15.42 -14.83
N PRO B 50 -28.61 15.25 -15.28
CA PRO B 50 -28.00 16.28 -16.12
C PRO B 50 -28.55 16.36 -17.56
N PRO B 51 -28.23 17.46 -18.30
CA PRO B 51 -28.69 17.55 -19.71
C PRO B 51 -28.12 16.41 -20.57
N LYS B 52 -28.93 15.89 -21.52
CA LYS B 52 -28.56 14.79 -22.44
C LYS B 52 -27.25 15.08 -23.18
N GLU B 53 -27.02 16.35 -23.56
CA GLU B 53 -25.82 16.86 -24.25
C GLU B 53 -24.53 16.84 -23.38
N TRP B 54 -24.64 16.43 -22.09
CA TRP B 54 -23.51 16.36 -21.15
C TRP B 54 -23.02 14.94 -20.92
N LYS B 55 -21.70 14.76 -20.99
CA LYS B 55 -20.99 13.51 -20.77
C LYS B 55 -19.65 13.80 -20.04
N PRO B 56 -19.30 13.10 -18.94
CA PRO B 56 -18.02 13.39 -18.26
C PRO B 56 -16.78 12.71 -18.88
N ARG B 57 -17.01 11.71 -19.74
CA ARG B 57 -15.97 10.93 -20.41
C ARG B 57 -16.57 10.41 -21.70
N ALA B 58 -15.75 10.32 -22.76
CA ALA B 58 -16.17 9.86 -24.08
C ALA B 58 -16.59 8.37 -24.13
N SER B 59 -15.79 7.47 -23.47
CA SER B 59 -16.01 6.02 -23.40
C SER B 59 -15.36 5.43 -22.16
N TYR B 60 -15.91 4.32 -21.62
CA TYR B 60 -15.37 3.62 -20.44
C TYR B 60 -14.70 2.27 -20.84
N ASP B 61 -14.13 2.20 -22.07
CA ASP B 61 -13.50 1.01 -22.64
C ASP B 61 -12.02 0.81 -22.29
N ASP B 62 -11.40 1.84 -21.70
CA ASP B 62 -9.99 1.89 -21.34
C ASP B 62 -9.71 1.74 -19.84
N ILE B 63 -10.73 1.37 -19.05
CA ILE B 63 -10.53 1.24 -17.60
C ILE B 63 -10.38 -0.24 -17.13
N ASP B 64 -10.25 -1.20 -18.05
CA ASP B 64 -10.10 -2.61 -17.69
C ASP B 64 -8.84 -2.94 -16.87
N ASP B 65 -7.73 -2.20 -17.13
CA ASP B 65 -6.44 -2.36 -16.47
C ASP B 65 -6.28 -1.47 -15.22
N LEU B 66 -7.36 -0.76 -14.83
CA LEU B 66 -7.38 0.12 -13.66
C LEU B 66 -7.35 -0.77 -12.41
N VAL B 67 -6.51 -0.43 -11.45
CA VAL B 67 -6.39 -1.23 -10.25
C VAL B 67 -7.23 -0.78 -9.06
N ILE B 68 -7.86 -1.75 -8.42
CA ILE B 68 -8.64 -1.52 -7.24
C ILE B 68 -7.67 -2.09 -6.23
N PRO B 69 -7.04 -1.24 -5.44
CA PRO B 69 -6.01 -1.72 -4.51
C PRO B 69 -6.48 -2.52 -3.29
N ALA B 70 -7.66 -2.19 -2.73
CA ALA B 70 -8.18 -2.86 -1.55
C ALA B 70 -9.64 -3.28 -1.70
N PRO B 71 -9.93 -4.36 -2.47
CA PRO B 71 -11.32 -4.81 -2.58
C PRO B 71 -11.75 -5.38 -1.22
N ILE B 72 -12.96 -5.03 -0.77
CA ILE B 72 -13.50 -5.49 0.51
C ILE B 72 -14.60 -6.55 0.30
N GLN B 73 -14.49 -7.68 1.00
CA GLN B 73 -15.51 -8.72 0.98
C GLN B 73 -16.43 -8.41 2.14
N GLN B 74 -17.71 -8.18 1.84
CA GLN B 74 -18.70 -7.75 2.80
C GLN B 74 -19.42 -8.89 3.48
N LEU B 75 -19.09 -9.15 4.74
CA LEU B 75 -19.72 -10.21 5.54
C LEU B 75 -20.79 -9.61 6.41
N VAL B 76 -22.02 -10.08 6.29
CA VAL B 76 -23.15 -9.53 7.08
C VAL B 76 -23.68 -10.59 8.06
N THR B 77 -23.83 -10.19 9.30
CA THR B 77 -24.38 -11.02 10.37
C THR B 77 -25.61 -10.34 10.93
N GLY B 78 -26.64 -11.13 11.20
CA GLY B 78 -27.86 -10.59 11.78
C GLY B 78 -29.12 -11.31 11.41
N GLN B 79 -30.23 -10.74 11.88
CA GLN B 79 -31.58 -11.26 11.71
C GLN B 79 -32.57 -10.17 12.05
N SER B 80 -33.85 -10.41 11.74
CA SER B 80 -35.00 -9.58 12.09
C SER B 80 -34.79 -8.08 11.77
N GLY B 81 -34.27 -7.79 10.57
CA GLY B 81 -34.05 -6.44 10.07
C GLY B 81 -32.84 -5.69 10.57
N LEU B 82 -32.10 -6.27 11.55
CA LEU B 82 -30.89 -5.68 12.15
C LEU B 82 -29.66 -6.51 11.88
N PHE B 83 -28.72 -5.91 11.14
CA PHE B 83 -27.48 -6.55 10.71
C PHE B 83 -26.22 -5.70 10.95
N THR B 84 -25.05 -6.39 11.00
CA THR B 84 -23.73 -5.80 11.14
C THR B 84 -22.89 -6.30 9.98
N GLN B 85 -22.30 -5.36 9.24
CA GLN B 85 -21.44 -5.62 8.11
C GLN B 85 -19.95 -5.53 8.55
N TYR B 86 -19.20 -6.60 8.29
CA TYR B 86 -17.78 -6.72 8.54
C TYR B 86 -17.08 -6.69 7.19
N ASN B 87 -16.03 -5.91 7.09
CA ASN B 87 -15.29 -5.81 5.84
C ASN B 87 -13.98 -6.58 5.97
N ILE B 88 -13.74 -7.49 5.02
CA ILE B 88 -12.52 -8.30 4.94
C ILE B 88 -11.78 -7.81 3.71
N GLN B 89 -10.55 -7.29 3.88
CA GLN B 89 -9.75 -6.82 2.74
C GLN B 89 -9.21 -7.99 1.94
N LYS B 90 -9.26 -7.87 0.62
CA LYS B 90 -8.79 -8.87 -0.33
C LYS B 90 -7.58 -8.29 -1.08
N LYS B 91 -6.83 -9.14 -1.82
CA LYS B 91 -5.68 -8.71 -2.61
C LYS B 91 -6.15 -7.74 -3.70
N ALA B 92 -5.28 -6.78 -4.09
CA ALA B 92 -5.59 -5.84 -5.18
C ALA B 92 -5.99 -6.59 -6.45
N MET B 93 -6.98 -6.07 -7.17
CA MET B 93 -7.40 -6.65 -8.42
C MET B 93 -7.73 -5.55 -9.42
N THR B 94 -7.73 -5.89 -10.72
CA THR B 94 -8.08 -4.94 -11.78
C THR B 94 -9.60 -4.92 -11.99
N VAL B 95 -10.08 -3.96 -12.80
CA VAL B 95 -11.50 -3.82 -13.12
C VAL B 95 -11.98 -5.01 -14.00
N ARG B 96 -11.10 -5.52 -14.87
CA ARG B 96 -11.29 -6.71 -15.70
C ARG B 96 -11.57 -7.94 -14.80
N GLU B 97 -10.74 -8.14 -13.74
CA GLU B 97 -10.84 -9.23 -12.77
C GLU B 97 -12.13 -9.14 -11.95
N PHE B 98 -12.47 -7.89 -11.53
CA PHE B 98 -13.67 -7.57 -10.77
C PHE B 98 -14.94 -7.82 -11.60
N ARG B 99 -15.06 -7.21 -12.82
CA ARG B 99 -16.20 -7.41 -13.74
C ARG B 99 -16.50 -8.91 -13.97
N LYS B 100 -15.44 -9.77 -14.10
CA LYS B 100 -15.57 -11.22 -14.28
C LYS B 100 -16.30 -11.86 -13.08
N ILE B 101 -15.95 -11.46 -11.82
CA ILE B 101 -16.58 -11.96 -10.59
C ILE B 101 -18.03 -11.43 -10.50
N ALA B 102 -18.22 -10.14 -10.82
CA ALA B 102 -19.46 -9.40 -10.76
C ALA B 102 -20.51 -10.07 -11.61
N ASN B 103 -20.14 -10.41 -12.85
CA ASN B 103 -21.04 -11.01 -13.82
C ASN B 103 -21.06 -12.54 -13.77
N SER B 104 -20.21 -13.16 -12.89
CA SER B 104 -20.10 -14.62 -12.67
C SER B 104 -21.42 -15.19 -12.15
N ASP B 105 -21.67 -16.49 -12.40
CA ASP B 105 -22.90 -17.19 -12.00
C ASP B 105 -23.21 -17.00 -10.50
N LYS B 106 -22.16 -17.12 -9.67
CA LYS B 106 -22.21 -17.01 -8.22
C LYS B 106 -22.68 -15.63 -7.74
N TYR B 107 -22.14 -14.55 -8.30
CA TYR B 107 -22.38 -13.19 -7.83
C TYR B 107 -23.27 -12.28 -8.68
N CYS B 108 -23.70 -12.69 -9.88
CA CYS B 108 -24.57 -11.85 -10.73
C CYS B 108 -25.97 -11.60 -10.12
N THR B 109 -26.64 -10.52 -10.60
CA THR B 109 -27.97 -10.06 -10.18
C THR B 109 -29.00 -11.14 -10.43
N PRO B 110 -29.95 -11.41 -9.50
CA PRO B 110 -30.99 -12.42 -9.78
C PRO B 110 -32.00 -11.92 -10.80
N ARG B 111 -32.77 -12.84 -11.43
CA ARG B 111 -33.81 -12.47 -12.38
C ARG B 111 -34.97 -11.87 -11.56
N TYR B 112 -35.46 -10.70 -11.96
CA TYR B 112 -36.55 -10.06 -11.22
C TYR B 112 -37.43 -9.15 -12.08
N SER B 113 -38.74 -9.26 -11.91
CA SER B 113 -39.67 -8.41 -12.64
C SER B 113 -39.68 -6.92 -12.26
N GLU B 114 -39.66 -6.63 -10.97
CA GLU B 114 -39.72 -5.24 -10.48
C GLU B 114 -38.79 -5.00 -9.29
N PHE B 115 -38.49 -3.73 -9.00
CA PHE B 115 -37.59 -3.44 -7.91
C PHE B 115 -38.09 -3.94 -6.57
N GLU B 116 -39.34 -3.70 -6.26
CA GLU B 116 -39.83 -4.20 -4.97
C GLU B 116 -39.39 -5.63 -4.74
N GLU B 117 -39.34 -6.45 -5.85
CA GLU B 117 -38.88 -7.85 -5.90
C GLU B 117 -37.37 -7.97 -5.66
N LEU B 118 -36.55 -7.08 -6.29
CA LEU B 118 -35.09 -7.05 -6.10
C LEU B 118 -34.75 -6.59 -4.69
N GLU B 119 -35.47 -5.61 -4.16
CA GLU B 119 -35.29 -5.11 -2.81
C GLU B 119 -35.67 -6.20 -1.74
N ARG B 120 -36.67 -7.06 -2.05
N ARG B 120 -36.67 -7.06 -2.06
CA ARG B 120 -37.07 -8.14 -1.17
CA ARG B 120 -37.12 -8.17 -1.25
C ARG B 120 -36.02 -9.26 -1.18
C ARG B 120 -36.01 -9.22 -1.18
N LYS B 121 -35.30 -9.45 -2.32
CA LYS B 121 -34.21 -10.43 -2.46
C LYS B 121 -32.97 -9.98 -1.69
N TYR B 122 -32.66 -8.70 -1.73
CA TYR B 122 -31.55 -8.13 -1.00
C TYR B 122 -31.73 -8.31 0.52
N TRP B 123 -32.90 -7.96 1.08
CA TRP B 123 -33.13 -8.08 2.52
C TRP B 123 -33.34 -9.54 2.97
N LYS B 124 -33.71 -10.44 2.03
CA LYS B 124 -33.87 -11.88 2.28
C LYS B 124 -32.53 -12.58 2.25
N ASN B 125 -31.63 -12.12 1.39
CA ASN B 125 -30.31 -12.72 1.20
C ASN B 125 -29.03 -11.96 1.55
N LEU B 126 -29.08 -10.83 2.25
CA LEU B 126 -27.83 -10.09 2.50
C LEU B 126 -26.75 -10.83 3.28
N THR B 127 -27.14 -11.63 4.26
CA THR B 127 -26.20 -12.40 5.06
C THR B 127 -25.50 -13.53 4.30
N PHE B 128 -26.10 -13.98 3.21
CA PHE B 128 -25.61 -15.09 2.39
C PHE B 128 -24.67 -14.67 1.27
N ASN B 129 -23.85 -15.60 0.77
CA ASN B 129 -22.93 -15.43 -0.37
C ASN B 129 -22.29 -14.02 -0.40
N PRO B 130 -21.43 -13.69 0.62
CA PRO B 130 -20.84 -12.34 0.71
C PRO B 130 -20.23 -11.79 -0.57
N PRO B 131 -20.60 -10.55 -0.98
CA PRO B 131 -20.04 -9.99 -2.21
C PRO B 131 -18.71 -9.27 -1.97
N ILE B 132 -18.06 -8.85 -3.06
CA ILE B 132 -16.82 -8.09 -3.04
C ILE B 132 -17.15 -6.67 -3.55
N TYR B 133 -16.82 -5.64 -2.75
CA TYR B 133 -16.99 -4.25 -3.10
C TYR B 133 -15.63 -3.62 -3.43
N GLY B 134 -15.48 -3.14 -4.67
CA GLY B 134 -14.29 -2.42 -5.11
C GLY B 134 -14.40 -0.96 -4.70
N ALA B 135 -14.39 -0.74 -3.38
CA ALA B 135 -14.60 0.55 -2.75
C ALA B 135 -13.34 1.33 -2.46
N ASP B 136 -13.52 2.67 -2.28
CA ASP B 136 -12.53 3.66 -1.84
C ASP B 136 -11.27 3.72 -2.71
N VAL B 137 -11.45 3.58 -4.04
CA VAL B 137 -10.37 3.65 -5.04
C VAL B 137 -10.12 5.14 -5.29
N ASN B 138 -8.90 5.61 -5.11
CA ASN B 138 -8.56 7.01 -5.37
C ASN B 138 -8.51 7.27 -6.86
N GLY B 139 -9.33 8.20 -7.30
CA GLY B 139 -9.36 8.56 -8.70
C GLY B 139 -10.67 9.11 -9.21
N THR B 140 -10.63 9.58 -10.47
CA THR B 140 -11.75 10.14 -11.22
C THR B 140 -11.88 9.45 -12.58
N LEU B 141 -13.08 9.44 -13.15
CA LEU B 141 -13.23 8.93 -14.50
C LEU B 141 -13.61 10.09 -15.42
N TYR B 142 -13.52 11.32 -14.89
CA TYR B 142 -13.80 12.55 -15.63
C TYR B 142 -12.59 12.88 -16.48
N GLU B 143 -12.85 13.41 -17.68
CA GLU B 143 -11.78 13.87 -18.55
C GLU B 143 -11.36 15.21 -17.99
N LYS B 144 -10.06 15.54 -18.06
CA LYS B 144 -9.49 16.72 -17.44
C LYS B 144 -10.18 18.05 -17.82
N HIS B 145 -10.70 18.19 -19.05
CA HIS B 145 -11.33 19.42 -19.60
C HIS B 145 -12.80 19.71 -19.15
N VAL B 146 -13.55 18.69 -18.69
CA VAL B 146 -14.96 18.78 -18.23
C VAL B 146 -15.07 19.76 -17.05
N ASP B 147 -15.70 20.94 -17.29
CA ASP B 147 -15.80 22.02 -16.30
C ASP B 147 -17.09 22.04 -15.48
N GLU B 148 -18.14 21.33 -15.93
CA GLU B 148 -19.43 21.27 -15.22
C GLU B 148 -19.54 20.04 -14.32
N TRP B 149 -19.85 20.27 -13.03
CA TRP B 149 -20.04 19.23 -12.03
C TRP B 149 -18.90 18.20 -11.98
N ASN B 150 -17.66 18.69 -11.96
CA ASN B 150 -16.49 17.82 -11.87
C ASN B 150 -16.24 17.47 -10.41
N ILE B 151 -16.42 16.21 -10.06
CA ILE B 151 -16.24 15.77 -8.69
C ILE B 151 -14.83 16.08 -8.23
N GLY B 152 -13.88 15.95 -9.15
CA GLY B 152 -12.50 16.25 -8.85
C GLY B 152 -12.32 17.70 -8.44
N ARG B 153 -13.03 18.61 -9.08
CA ARG B 153 -12.92 20.02 -8.73
C ARG B 153 -14.23 20.78 -8.56
N LEU B 154 -14.95 20.51 -7.48
CA LEU B 154 -16.21 21.18 -7.22
C LEU B 154 -16.08 22.67 -6.97
N ARG B 155 -15.00 23.07 -6.31
CA ARG B 155 -14.73 24.48 -5.99
C ARG B 155 -15.72 25.17 -5.04
N THR B 156 -16.15 24.41 -4.05
CA THR B 156 -17.06 24.85 -2.98
C THR B 156 -16.18 25.49 -1.89
N ILE B 157 -16.79 25.95 -0.77
CA ILE B 157 -16.03 26.56 0.31
C ILE B 157 -15.15 25.49 1.04
N LEU B 158 -15.38 24.18 0.76
CA LEU B 158 -14.61 23.08 1.34
C LEU B 158 -13.13 23.20 0.97
N ASP B 159 -12.86 23.86 -0.17
CA ASP B 159 -11.52 24.15 -0.70
C ASP B 159 -10.58 24.87 0.30
N LEU B 160 -11.15 25.58 1.30
CA LEU B 160 -10.44 26.31 2.34
C LEU B 160 -9.61 25.40 3.22
N VAL B 161 -10.04 24.14 3.42
CA VAL B 161 -9.33 23.12 4.21
C VAL B 161 -7.92 22.93 3.62
N GLU B 162 -7.83 22.62 2.31
CA GLU B 162 -6.57 22.43 1.61
C GLU B 162 -5.83 23.73 1.33
N LYS B 163 -6.56 24.81 0.99
CA LYS B 163 -5.96 26.13 0.72
C LYS B 163 -5.33 26.76 1.96
N GLU B 164 -5.89 26.47 3.15
CA GLU B 164 -5.40 27.01 4.41
C GLU B 164 -4.35 26.13 5.10
N SER B 165 -4.71 24.88 5.45
CA SER B 165 -3.80 23.97 6.16
C SER B 165 -2.91 23.08 5.25
N GLY B 166 -3.35 22.85 4.01
CA GLY B 166 -2.61 22.00 3.09
C GLY B 166 -2.97 20.53 3.27
N ILE B 167 -3.90 20.26 4.19
CA ILE B 167 -4.39 18.94 4.54
C ILE B 167 -5.31 18.38 3.45
N THR B 168 -5.02 17.13 3.06
CA THR B 168 -5.73 16.31 2.07
C THR B 168 -6.41 15.16 2.82
N ILE B 169 -7.73 15.03 2.62
CA ILE B 169 -8.51 13.93 3.19
C ILE B 169 -9.11 13.13 2.04
N GLU B 170 -8.51 11.96 1.77
CA GLU B 170 -8.88 10.97 0.75
C GLU B 170 -10.38 10.72 0.82
N GLY B 171 -11.07 11.00 -0.28
CA GLY B 171 -12.52 10.83 -0.39
C GLY B 171 -13.30 12.04 0.04
N VAL B 172 -12.78 12.85 1.00
CA VAL B 172 -13.46 14.03 1.52
C VAL B 172 -13.24 15.23 0.59
N ASN B 173 -11.99 15.58 0.28
CA ASN B 173 -11.72 16.69 -0.65
C ASN B 173 -10.99 16.20 -1.92
N THR B 174 -11.00 14.87 -2.15
CA THR B 174 -10.42 14.16 -3.29
C THR B 174 -11.51 13.18 -3.78
N PRO B 175 -11.58 12.79 -5.08
CA PRO B 175 -12.62 11.84 -5.49
C PRO B 175 -12.30 10.36 -5.25
N TYR B 176 -13.34 9.58 -4.97
CA TYR B 176 -13.30 8.13 -4.74
C TYR B 176 -14.12 7.43 -5.80
N LEU B 177 -13.70 6.21 -6.19
CA LEU B 177 -14.42 5.38 -7.12
C LEU B 177 -14.91 4.15 -6.37
N TYR B 178 -16.11 3.66 -6.72
CA TYR B 178 -16.76 2.50 -6.16
C TYR B 178 -17.23 1.59 -7.28
N PHE B 179 -16.59 0.44 -7.41
CA PHE B 179 -16.94 -0.57 -8.39
C PHE B 179 -17.78 -1.57 -7.58
N GLY B 180 -19.07 -1.63 -7.92
CA GLY B 180 -20.03 -2.49 -7.25
C GLY B 180 -20.44 -3.72 -8.02
N MET B 181 -21.03 -4.67 -7.27
CA MET B 181 -21.62 -5.90 -7.78
C MET B 181 -22.94 -6.14 -7.05
N TRP B 182 -23.76 -7.09 -7.52
CA TRP B 182 -25.04 -7.36 -6.85
C TRP B 182 -24.86 -7.57 -5.35
N LYS B 183 -25.75 -6.97 -4.55
CA LYS B 183 -25.81 -7.07 -3.10
C LYS B 183 -24.71 -6.30 -2.34
N THR B 184 -23.80 -5.58 -3.03
CA THR B 184 -22.79 -4.76 -2.32
C THR B 184 -23.55 -3.62 -1.66
N SER B 185 -23.14 -3.12 -0.51
CA SER B 185 -23.96 -2.08 0.08
C SER B 185 -23.29 -1.09 1.01
N PHE B 186 -23.96 0.04 1.23
CA PHE B 186 -23.45 1.04 2.15
C PHE B 186 -24.39 1.18 3.34
N ALA B 187 -23.82 1.09 4.53
CA ALA B 187 -24.55 1.16 5.79
C ALA B 187 -25.02 2.56 6.13
N TRP B 188 -25.91 2.66 7.11
CA TRP B 188 -26.44 3.94 7.53
C TRP B 188 -25.38 4.84 8.09
N HIS B 189 -25.33 6.06 7.59
CA HIS B 189 -24.34 7.00 8.03
C HIS B 189 -24.61 8.41 7.54
N THR B 190 -23.81 9.34 8.04
CA THR B 190 -23.86 10.73 7.65
C THR B 190 -22.45 10.99 7.16
N GLU B 191 -22.25 12.01 6.34
CA GLU B 191 -20.92 12.25 5.81
C GLU B 191 -19.93 12.66 6.91
N ASP B 192 -18.62 12.61 6.64
CA ASP B 192 -17.65 13.02 7.65
C ASP B 192 -17.83 14.52 7.89
N MET B 193 -17.87 14.94 9.16
CA MET B 193 -18.10 16.32 9.59
C MET B 193 -19.49 16.83 9.20
N ASP B 194 -20.42 15.89 8.93
CA ASP B 194 -21.81 16.11 8.50
C ASP B 194 -21.86 17.03 7.28
N LEU B 195 -20.93 16.75 6.32
CA LEU B 195 -20.77 17.48 5.05
C LEU B 195 -21.84 17.02 4.06
N TYR B 196 -21.86 17.64 2.87
CA TYR B 196 -22.73 17.27 1.75
C TYR B 196 -21.91 16.24 0.98
N SER B 197 -22.56 15.52 0.05
CA SER B 197 -21.86 14.59 -0.82
C SER B 197 -22.47 14.57 -2.21
N ILE B 198 -21.63 14.35 -3.21
CA ILE B 198 -22.07 14.22 -4.60
C ILE B 198 -21.70 12.80 -5.02
N ASN B 199 -22.65 12.10 -5.66
CA ASN B 199 -22.46 10.76 -6.14
C ASN B 199 -22.96 10.61 -7.60
N TYR B 200 -22.05 10.33 -8.55
CA TYR B 200 -22.38 10.14 -9.97
C TYR B 200 -22.16 8.67 -10.37
N LEU B 201 -23.22 8.04 -10.89
CA LEU B 201 -23.13 6.66 -11.37
C LEU B 201 -22.64 6.70 -12.85
N HIS B 202 -21.33 6.46 -13.08
CA HIS B 202 -20.68 6.52 -14.39
C HIS B 202 -21.28 5.57 -15.41
N PHE B 203 -21.46 4.31 -15.01
CA PHE B 203 -22.03 3.27 -15.86
C PHE B 203 -22.53 2.12 -15.02
N GLY B 204 -23.24 1.19 -15.68
CA GLY B 204 -23.68 -0.05 -15.09
C GLY B 204 -25.07 -0.10 -14.52
N GLU B 205 -25.30 -1.12 -13.70
CA GLU B 205 -26.57 -1.42 -13.05
C GLU B 205 -26.91 -0.41 -11.99
N PRO B 206 -28.21 -0.21 -11.66
CA PRO B 206 -28.57 0.81 -10.67
C PRO B 206 -27.99 0.71 -9.27
N LYS B 207 -28.14 1.82 -8.52
CA LYS B 207 -27.75 1.95 -7.11
C LYS B 207 -29.00 2.38 -6.37
N SER B 208 -29.44 1.62 -5.39
CA SER B 208 -30.63 2.00 -4.65
C SER B 208 -30.25 2.64 -3.34
N TRP B 209 -31.00 3.64 -2.94
CA TRP B 209 -30.77 4.45 -1.73
C TRP B 209 -32.00 4.51 -0.84
N TYR B 210 -31.76 4.69 0.46
CA TYR B 210 -32.73 4.91 1.53
C TYR B 210 -32.22 6.16 2.24
N SER B 211 -33.14 7.00 2.70
CA SER B 211 -32.75 8.20 3.44
C SER B 211 -33.74 8.62 4.52
N VAL B 212 -33.21 9.07 5.67
CA VAL B 212 -33.97 9.60 6.79
C VAL B 212 -33.81 11.13 6.73
N PRO B 213 -34.92 11.91 6.71
CA PRO B 213 -34.80 13.38 6.67
C PRO B 213 -34.00 13.90 7.85
N PRO B 214 -33.06 14.88 7.70
CA PRO B 214 -32.28 15.35 8.87
C PRO B 214 -33.09 15.73 10.12
N GLU B 215 -34.34 16.24 9.97
CA GLU B 215 -35.15 16.56 11.17
C GLU B 215 -35.58 15.29 11.97
N HIS B 216 -35.30 14.09 11.45
CA HIS B 216 -35.58 12.82 12.12
C HIS B 216 -34.34 11.94 12.36
N GLY B 217 -33.17 12.50 12.11
CA GLY B 217 -31.90 11.81 12.26
C GLY B 217 -31.55 11.44 13.68
N LYS B 218 -32.02 12.24 14.66
CA LYS B 218 -31.79 11.94 16.08
C LYS B 218 -32.60 10.72 16.53
N ARG B 219 -33.74 10.47 15.85
CA ARG B 219 -34.62 9.33 16.10
C ARG B 219 -33.95 8.06 15.58
N LEU B 220 -33.25 8.12 14.44
CA LEU B 220 -32.57 6.94 13.93
C LEU B 220 -31.41 6.62 14.82
N GLU B 221 -30.72 7.66 15.31
CA GLU B 221 -29.60 7.54 16.25
C GLU B 221 -30.07 6.86 17.55
N ARG B 222 -31.24 7.29 18.10
CA ARG B 222 -31.81 6.72 19.32
C ARG B 222 -32.11 5.25 19.11
N LEU B 223 -32.70 4.92 17.95
CA LEU B 223 -33.03 3.54 17.53
C LEU B 223 -31.78 2.64 17.53
N ALA B 224 -30.76 3.03 16.74
CA ALA B 224 -29.53 2.28 16.61
C ALA B 224 -28.86 2.01 17.97
N LYS B 225 -28.78 3.04 18.88
CA LYS B 225 -28.21 2.93 20.23
C LYS B 225 -28.99 1.95 21.10
N GLY B 226 -30.26 1.79 20.80
CA GLY B 226 -31.11 0.85 21.52
C GLY B 226 -30.81 -0.57 21.11
N PHE B 227 -30.52 -0.77 19.82
CA PHE B 227 -30.24 -2.08 19.24
C PHE B 227 -28.84 -2.57 19.44
N PHE B 228 -27.85 -1.65 19.49
CA PHE B 228 -26.44 -1.97 19.68
C PHE B 228 -25.92 -1.17 20.87
N PRO B 229 -26.37 -1.47 22.13
CA PRO B 229 -25.96 -0.67 23.29
C PRO B 229 -24.49 -0.79 23.66
N GLY B 230 -23.89 -1.94 23.32
CA GLY B 230 -22.49 -2.23 23.59
C GLY B 230 -21.58 -1.29 22.86
N SER B 231 -21.78 -1.21 21.52
CA SER B 231 -21.05 -0.34 20.59
C SER B 231 -21.30 1.13 20.92
N ALA B 232 -22.53 1.47 21.33
CA ALA B 232 -22.93 2.84 21.69
C ALA B 232 -22.14 3.39 22.89
N GLN B 233 -21.87 2.56 23.92
CA GLN B 233 -21.06 3.01 25.06
C GLN B 233 -19.57 2.98 24.69
N SER B 234 -19.17 2.07 23.77
CA SER B 234 -17.81 1.92 23.24
C SER B 234 -17.46 3.17 22.41
N CYS B 235 -18.44 3.71 21.66
CA CYS B 235 -18.26 4.89 20.84
C CYS B 235 -19.58 5.65 20.66
N GLU B 236 -19.59 6.95 21.01
CA GLU B 236 -20.79 7.78 20.90
C GLU B 236 -21.32 7.83 19.45
N ALA B 237 -20.41 7.98 18.48
CA ALA B 237 -20.76 8.06 17.08
C ALA B 237 -20.44 6.78 16.32
N PHE B 238 -20.87 5.61 16.84
CA PHE B 238 -20.61 4.27 16.24
C PHE B 238 -21.21 4.10 14.83
N LEU B 239 -22.25 4.88 14.47
CA LEU B 239 -22.83 4.76 13.13
C LEU B 239 -21.83 5.22 12.07
N ARG B 240 -20.79 5.97 12.51
CA ARG B 240 -19.72 6.49 11.67
C ARG B 240 -18.77 5.39 11.20
N HIS B 241 -18.80 4.23 11.90
CA HIS B 241 -18.03 3.03 11.57
C HIS B 241 -18.52 2.37 10.27
N LYS B 242 -19.75 2.75 9.80
CA LYS B 242 -20.41 2.29 8.59
C LYS B 242 -20.53 0.76 8.61
N MET B 243 -21.07 0.24 9.71
CA MET B 243 -21.28 -1.20 9.89
C MET B 243 -22.73 -1.60 10.14
N THR B 244 -23.63 -0.62 10.40
CA THR B 244 -25.02 -0.86 10.78
C THR B 244 -25.96 -0.84 9.61
N LEU B 245 -26.68 -1.97 9.40
CA LEU B 245 -27.71 -2.09 8.38
C LEU B 245 -29.05 -2.31 9.08
N ILE B 246 -30.00 -1.42 8.76
CA ILE B 246 -31.35 -1.44 9.32
C ILE B 246 -32.32 -1.50 8.15
N SER B 247 -33.17 -2.54 8.11
CA SER B 247 -34.20 -2.80 7.09
C SER B 247 -35.28 -1.71 7.02
N PRO B 248 -35.81 -1.33 5.83
CA PRO B 248 -36.91 -0.33 5.78
C PRO B 248 -38.12 -0.71 6.63
N LEU B 249 -38.38 -2.04 6.83
CA LEU B 249 -39.43 -2.60 7.69
C LEU B 249 -39.20 -2.30 9.16
N MET B 250 -37.94 -2.34 9.59
CA MET B 250 -37.47 -2.06 10.95
C MET B 250 -37.71 -0.57 11.26
N LEU B 251 -37.44 0.31 10.26
CA LEU B 251 -37.69 1.75 10.35
C LEU B 251 -39.19 2.00 10.48
N LYS B 252 -39.98 1.48 9.52
CA LYS B 252 -41.43 1.54 9.48
C LYS B 252 -42.00 1.15 10.87
N LYS B 253 -41.57 -0.02 11.41
CA LYS B 253 -41.98 -0.54 12.72
C LYS B 253 -41.78 0.45 13.86
N TYR B 254 -40.62 1.14 13.88
CA TYR B 254 -40.29 2.07 14.96
C TYR B 254 -40.62 3.53 14.66
N GLY B 255 -41.41 3.74 13.61
CA GLY B 255 -41.91 5.04 13.21
C GLY B 255 -40.86 6.01 12.72
N ILE B 256 -39.73 5.50 12.18
CA ILE B 256 -38.69 6.38 11.64
C ILE B 256 -39.17 6.75 10.22
N PRO B 257 -39.37 8.05 9.90
CA PRO B 257 -39.79 8.42 8.53
C PRO B 257 -38.60 8.27 7.59
N PHE B 258 -38.82 7.73 6.39
CA PHE B 258 -37.78 7.51 5.39
C PHE B 258 -38.35 7.48 3.98
N ASP B 259 -37.48 7.60 2.96
CA ASP B 259 -37.86 7.50 1.55
C ASP B 259 -36.83 6.68 0.79
N LYS B 260 -37.25 6.07 -0.33
CA LYS B 260 -36.35 5.30 -1.17
C LYS B 260 -36.33 5.89 -2.59
N VAL B 261 -35.20 5.66 -3.31
CA VAL B 261 -34.95 6.14 -4.67
C VAL B 261 -33.92 5.24 -5.31
N THR B 262 -34.06 5.01 -6.61
CA THR B 262 -33.12 4.23 -7.41
C THR B 262 -32.36 5.18 -8.33
N GLN B 263 -31.02 5.19 -8.24
CA GLN B 263 -30.14 5.96 -9.08
C GLN B 263 -29.70 5.06 -10.24
N GLU B 264 -29.76 5.58 -11.47
CA GLU B 264 -29.38 4.87 -12.69
C GLU B 264 -28.19 5.53 -13.30
N ALA B 265 -27.50 4.84 -14.24
CA ALA B 265 -26.29 5.35 -14.87
C ALA B 265 -26.55 6.72 -15.49
N GLY B 266 -25.62 7.64 -15.26
CA GLY B 266 -25.69 9.00 -15.78
C GLY B 266 -26.50 9.98 -14.94
N GLU B 267 -26.80 9.57 -13.69
CA GLU B 267 -27.55 10.38 -12.72
C GLU B 267 -26.71 10.73 -11.51
N PHE B 268 -27.01 11.88 -10.89
CA PHE B 268 -26.34 12.38 -9.67
C PHE B 268 -27.22 12.25 -8.45
N MET B 269 -26.62 11.96 -7.30
CA MET B 269 -27.33 11.91 -6.02
C MET B 269 -26.60 12.84 -5.08
N ILE B 270 -27.33 13.82 -4.51
CA ILE B 270 -26.81 14.81 -3.57
C ILE B 270 -27.32 14.43 -2.20
N THR B 271 -26.42 14.33 -1.22
CA THR B 271 -26.74 14.08 0.20
C THR B 271 -26.45 15.40 0.90
N PHE B 272 -27.31 15.76 1.82
CA PHE B 272 -27.24 17.04 2.49
C PHE B 272 -26.73 16.86 3.93
N PRO B 273 -26.29 17.94 4.60
CA PRO B 273 -25.79 17.80 5.97
C PRO B 273 -26.77 17.14 6.94
N TYR B 274 -26.30 16.08 7.61
CA TYR B 274 -27.00 15.27 8.61
C TYR B 274 -28.10 14.34 7.98
N GLY B 275 -28.02 14.16 6.66
CA GLY B 275 -28.92 13.28 5.92
C GLY B 275 -28.45 11.85 5.98
N TYR B 276 -29.08 11.06 6.84
CA TYR B 276 -28.73 9.64 7.02
C TYR B 276 -29.16 8.88 5.79
N HIS B 277 -28.22 8.07 5.25
CA HIS B 277 -28.46 7.28 4.06
C HIS B 277 -27.77 5.95 4.16
N ALA B 278 -28.34 4.99 3.39
CA ALA B 278 -27.94 3.61 3.20
C ALA B 278 -28.44 3.23 1.84
N GLY B 279 -27.91 2.17 1.27
CA GLY B 279 -28.38 1.65 -0.01
C GLY B 279 -27.61 0.41 -0.42
N PHE B 280 -27.81 -0.03 -1.67
CA PHE B 280 -27.16 -1.20 -2.26
C PHE B 280 -27.07 -1.10 -3.76
N ASN B 281 -26.10 -1.79 -4.33
CA ASN B 281 -25.86 -1.92 -5.76
C ASN B 281 -26.66 -3.09 -6.36
N HIS B 282 -27.29 -2.85 -7.51
CA HIS B 282 -28.08 -3.88 -8.20
C HIS B 282 -27.21 -4.87 -8.93
N GLY B 283 -26.04 -4.43 -9.41
CA GLY B 283 -25.12 -5.27 -10.16
C GLY B 283 -23.78 -4.61 -10.46
N PHE B 284 -23.17 -4.94 -11.60
CA PHE B 284 -21.89 -4.33 -11.96
C PHE B 284 -22.09 -2.88 -12.41
N ASN B 285 -21.47 -1.96 -11.68
CA ASN B 285 -21.52 -0.52 -11.90
C ASN B 285 -20.21 0.18 -11.42
N CYS B 286 -20.18 1.50 -11.54
CA CYS B 286 -19.10 2.35 -11.07
C CYS B 286 -19.61 3.72 -10.76
N ALA B 287 -19.38 4.16 -9.51
CA ALA B 287 -19.82 5.45 -9.01
C ALA B 287 -18.65 6.26 -8.53
N GLU B 288 -18.70 7.58 -8.76
CA GLU B 288 -17.65 8.50 -8.29
C GLU B 288 -18.24 9.37 -7.23
N SER B 289 -17.47 9.64 -6.19
CA SER B 289 -17.99 10.40 -5.09
C SER B 289 -16.97 11.28 -4.41
N THR B 290 -17.43 12.36 -3.76
CA THR B 290 -16.66 13.33 -2.94
C THR B 290 -17.61 14.11 -2.04
N ASN B 291 -17.05 14.81 -1.06
CA ASN B 291 -17.78 15.68 -0.15
C ASN B 291 -17.63 17.15 -0.60
N PHE B 292 -18.59 18.00 -0.25
CA PHE B 292 -18.58 19.42 -0.58
C PHE B 292 -19.31 20.21 0.51
N ALA B 293 -19.33 21.56 0.43
CA ALA B 293 -19.94 22.39 1.46
C ALA B 293 -20.58 23.64 0.93
N THR B 294 -21.45 24.25 1.76
CA THR B 294 -22.13 25.54 1.53
C THR B 294 -22.01 26.27 2.85
N ARG B 295 -22.40 27.57 2.90
CA ARG B 295 -22.38 28.37 4.14
C ARG B 295 -23.23 27.71 5.24
N ARG B 296 -24.33 27.03 4.84
CA ARG B 296 -25.25 26.30 5.73
C ARG B 296 -24.54 25.18 6.49
N TRP B 297 -23.54 24.51 5.87
CA TRP B 297 -22.82 23.41 6.49
C TRP B 297 -21.97 23.80 7.70
N ILE B 298 -21.38 25.01 7.72
CA ILE B 298 -20.48 25.43 8.81
C ILE B 298 -21.07 25.13 10.21
N GLU B 299 -22.35 25.47 10.45
CA GLU B 299 -22.94 25.17 11.76
C GLU B 299 -22.98 23.66 12.07
N TYR B 300 -23.22 22.82 11.03
CA TYR B 300 -23.24 21.35 11.12
C TYR B 300 -21.89 20.80 11.45
N GLY B 301 -20.84 21.36 10.84
CA GLY B 301 -19.45 20.97 11.09
C GLY B 301 -19.06 21.27 12.51
N LYS B 302 -19.47 22.44 12.99
CA LYS B 302 -19.21 22.93 14.35
C LYS B 302 -19.86 22.01 15.39
N GLN B 303 -21.10 21.56 15.13
CA GLN B 303 -21.91 20.73 16.02
C GLN B 303 -21.79 19.21 15.79
N ALA B 304 -21.13 18.74 14.70
CA ALA B 304 -20.99 17.31 14.34
C ALA B 304 -20.35 16.48 15.44
N VAL B 305 -21.01 15.38 15.86
CA VAL B 305 -20.50 14.45 16.87
C VAL B 305 -19.61 13.45 16.14
N LEU B 306 -18.32 13.41 16.50
CA LEU B 306 -17.36 12.58 15.79
C LEU B 306 -17.01 11.27 16.47
N CYS B 307 -16.42 10.36 15.67
CA CYS B 307 -15.97 9.07 16.16
C CYS B 307 -14.74 9.30 17.01
N SER B 308 -14.78 8.77 18.22
CA SER B 308 -13.72 8.87 19.23
C SER B 308 -12.68 7.74 19.16
N CYS B 309 -13.13 6.50 19.44
CA CYS B 309 -12.44 5.21 19.56
C CYS B 309 -11.32 4.93 18.55
N ARG B 310 -11.49 5.32 17.29
CA ARG B 310 -10.51 5.03 16.24
C ARG B 310 -9.51 6.17 15.97
N LYS B 311 -8.24 5.80 15.75
CA LYS B 311 -7.15 6.73 15.44
C LYS B 311 -7.18 7.09 13.95
N ASP B 312 -6.82 8.36 13.63
CA ASP B 312 -6.78 8.94 12.29
C ASP B 312 -8.18 9.06 11.63
N MET B 313 -9.24 9.29 12.45
CA MET B 313 -10.63 9.50 11.96
C MET B 313 -10.71 10.91 11.40
N VAL B 314 -11.67 11.16 10.49
CA VAL B 314 -11.80 12.46 9.84
C VAL B 314 -12.28 13.54 10.80
N LYS B 315 -11.38 14.49 11.08
CA LYS B 315 -11.61 15.67 11.90
C LYS B 315 -10.99 16.84 11.14
N ILE B 316 -11.82 17.79 10.79
CA ILE B 316 -11.46 19.01 10.08
C ILE B 316 -11.51 20.11 11.13
N SER B 317 -10.49 20.99 11.15
CA SER B 317 -10.48 22.14 12.06
C SER B 317 -11.46 23.19 11.47
N MET B 318 -12.45 23.56 12.28
CA MET B 318 -13.50 24.46 11.86
C MET B 318 -13.13 25.94 11.91
N ASP B 319 -12.07 26.30 12.68
CA ASP B 319 -11.56 27.65 12.89
C ASP B 319 -11.58 28.52 11.62
N VAL B 320 -10.98 28.02 10.52
CA VAL B 320 -10.87 28.73 9.25
C VAL B 320 -12.27 29.19 8.72
N PHE B 321 -13.30 28.31 8.78
CA PHE B 321 -14.67 28.60 8.34
C PHE B 321 -15.31 29.63 9.24
N VAL B 322 -15.23 29.42 10.59
CA VAL B 322 -15.77 30.33 11.61
C VAL B 322 -15.16 31.73 11.40
N ARG B 323 -13.82 31.82 11.27
CA ARG B 323 -13.12 33.09 11.02
C ARG B 323 -13.68 33.85 9.79
N LYS B 324 -13.84 33.14 8.66
CA LYS B 324 -14.27 33.72 7.40
C LYS B 324 -15.75 34.05 7.30
N PHE B 325 -16.62 33.13 7.72
CA PHE B 325 -18.05 33.38 7.58
C PHE B 325 -18.77 33.75 8.86
N GLN B 326 -18.13 33.49 9.99
CA GLN B 326 -18.74 33.84 11.25
C GLN B 326 -17.72 34.52 12.10
N PRO B 327 -17.28 35.71 11.69
CA PRO B 327 -16.27 36.39 12.53
C PRO B 327 -16.83 36.85 13.87
N GLU B 328 -18.12 37.30 13.87
CA GLU B 328 -18.86 37.78 15.05
C GLU B 328 -18.90 36.76 16.19
N ARG B 329 -19.09 35.48 15.83
CA ARG B 329 -19.22 34.35 16.75
C ARG B 329 -17.90 33.66 17.11
N TYR B 330 -16.77 34.03 16.43
CA TYR B 330 -15.46 33.39 16.66
C TYR B 330 -14.99 33.39 18.12
N LYS B 331 -15.17 34.52 18.83
CA LYS B 331 -14.78 34.64 20.24
C LYS B 331 -15.61 33.70 21.12
N LEU B 332 -16.95 33.74 20.94
CA LEU B 332 -17.92 32.93 21.67
C LEU B 332 -17.70 31.44 21.44
N TRP B 333 -17.51 31.04 20.17
CA TRP B 333 -17.32 29.63 19.75
C TRP B 333 -16.04 29.00 20.29
N LYS B 334 -14.94 29.77 20.27
CA LYS B 334 -13.66 29.30 20.78
C LYS B 334 -13.67 29.13 22.30
N ALA B 335 -14.59 29.85 23.01
CA ALA B 335 -14.81 29.78 24.46
C ALA B 335 -15.75 28.60 24.83
N GLY B 336 -16.43 28.03 23.83
CA GLY B 336 -17.39 26.95 23.99
C GLY B 336 -18.78 27.42 24.38
N LYS B 337 -19.00 28.75 24.32
CA LYS B 337 -20.25 29.42 24.68
C LYS B 337 -21.17 29.71 23.48
N ASP B 338 -20.95 29.02 22.33
CA ASP B 338 -21.82 29.14 21.15
C ASP B 338 -22.88 28.03 21.26
N ASN B 339 -24.13 28.44 21.59
CA ASN B 339 -25.25 27.52 21.78
C ASN B 339 -26.31 27.59 20.64
N THR B 340 -25.89 27.97 19.41
CA THR B 340 -26.71 28.05 18.19
C THR B 340 -27.45 26.73 17.93
N VAL B 341 -28.77 26.82 17.68
CA VAL B 341 -29.63 25.67 17.39
C VAL B 341 -29.87 25.60 15.88
N ILE B 342 -29.54 24.45 15.30
CA ILE B 342 -29.71 24.23 13.86
C ILE B 342 -31.18 23.95 13.49
N ASP B 343 -31.70 24.68 12.47
CA ASP B 343 -33.03 24.47 11.87
C ASP B 343 -32.79 23.72 10.54
N HIS B 344 -33.06 22.41 10.53
CA HIS B 344 -32.82 21.53 9.38
C HIS B 344 -33.66 21.86 8.12
N THR B 345 -34.75 22.65 8.30
CA THR B 345 -35.71 23.05 7.25
C THR B 345 -35.23 24.27 6.44
N LEU B 346 -34.35 25.08 7.05
CA LEU B 346 -33.85 26.30 6.44
C LEU B 346 -32.88 26.08 5.29
N PRO B 347 -33.01 26.82 4.15
CA PRO B 347 -32.04 26.67 3.07
C PRO B 347 -30.78 27.46 3.36
N THR B 348 -29.78 27.26 2.50
CA THR B 348 -28.49 27.92 2.62
C THR B 348 -28.64 29.39 2.27
N PRO B 349 -27.88 30.32 2.93
CA PRO B 349 -28.05 31.77 2.65
C PRO B 349 -27.93 32.16 1.17
N GLU B 350 -27.18 31.35 0.39
CA GLU B 350 -26.92 31.47 -1.06
C GLU B 350 -28.21 31.32 -1.90
N ALA B 351 -29.22 30.64 -1.35
CA ALA B 351 -30.53 30.45 -1.98
C ALA B 351 -31.41 31.72 -1.90
N ALA B 352 -30.91 32.82 -1.28
CA ALA B 352 -31.63 34.10 -1.13
C ALA B 352 -32.07 34.71 -2.47
N GLU B 353 -31.23 34.60 -3.52
CA GLU B 353 -31.51 35.10 -4.86
C GLU B 353 -32.69 34.38 -5.56
N PHE B 354 -33.13 33.23 -5.04
CA PHE B 354 -34.25 32.43 -5.57
C PHE B 354 -35.50 32.59 -4.64
N LEU B 355 -35.24 33.03 -3.38
CA LEU B 355 -36.22 33.28 -2.32
C LEU B 355 -36.21 34.75 -1.90
N THR C 8 30.39 20.61 11.97
CA THR C 8 31.21 20.62 10.76
C THR C 8 30.69 21.68 9.76
N LEU C 9 29.34 21.83 9.67
CA LEU C 9 28.62 22.79 8.83
C LEU C 9 28.60 24.14 9.57
N ASN C 10 28.84 25.25 8.81
CA ASN C 10 28.95 26.64 9.27
C ASN C 10 29.71 26.73 10.61
N PRO C 11 30.98 26.25 10.66
CA PRO C 11 31.71 26.28 11.95
C PRO C 11 32.01 27.70 12.41
N SER C 12 32.04 28.63 11.45
CA SER C 12 32.25 30.08 11.58
C SER C 12 31.02 30.79 12.20
N ALA C 13 29.81 30.14 12.14
CA ALA C 13 28.49 30.61 12.60
C ALA C 13 28.14 32.01 12.04
N ARG C 14 28.49 32.23 10.75
CA ARG C 14 28.24 33.49 10.04
C ARG C 14 26.86 33.51 9.40
N ILE C 15 26.23 34.71 9.28
CA ILE C 15 24.89 34.85 8.69
C ILE C 15 24.93 34.41 7.22
N MET C 16 24.07 33.44 6.87
CA MET C 16 23.96 32.88 5.53
C MET C 16 22.80 33.45 4.73
N THR C 17 22.99 33.59 3.43
CA THR C 17 21.97 34.08 2.55
C THR C 17 21.61 32.96 1.60
N PHE C 18 20.33 32.83 1.31
CA PHE C 18 19.84 31.80 0.41
C PHE C 18 18.98 32.37 -0.68
N TYR C 19 19.06 31.79 -1.87
CA TYR C 19 18.29 32.24 -3.01
C TYR C 19 17.55 31.05 -3.61
N PRO C 20 16.45 30.65 -2.99
CA PRO C 20 15.67 29.51 -3.49
C PRO C 20 14.99 29.76 -4.82
N THR C 21 14.78 28.68 -5.58
CA THR C 21 14.05 28.70 -6.84
C THR C 21 12.58 28.54 -6.44
N MET C 22 11.65 28.87 -7.34
CA MET C 22 10.23 28.76 -7.06
C MET C 22 9.82 27.37 -6.54
N GLU C 23 10.36 26.27 -7.13
CA GLU C 23 10.08 24.89 -6.70
C GLU C 23 10.56 24.63 -5.25
N GLU C 24 11.73 25.18 -4.87
CA GLU C 24 12.31 25.06 -3.54
C GLU C 24 11.49 25.91 -2.53
N PHE C 25 11.25 27.18 -2.90
CA PHE C 25 10.53 28.18 -2.11
C PHE C 25 9.12 27.73 -1.72
N ARG C 26 8.41 26.97 -2.59
CA ARG C 26 7.02 26.50 -2.38
C ARG C 26 6.75 25.85 -1.00
N ASN C 27 7.61 24.90 -0.52
CA ASN C 27 7.39 24.32 0.81
C ASN C 27 8.24 25.03 1.85
N PHE C 28 7.60 25.88 2.67
CA PHE C 28 8.23 26.69 3.72
C PHE C 28 9.00 25.85 4.72
N SER C 29 8.30 24.93 5.40
CA SER C 29 8.87 24.04 6.41
C SER C 29 10.05 23.21 5.86
N ARG C 30 9.91 22.68 4.61
CA ARG C 30 10.96 21.92 3.95
C ARG C 30 12.18 22.81 3.76
N TYR C 31 11.98 24.11 3.40
CA TYR C 31 13.10 25.04 3.18
C TYR C 31 13.81 25.43 4.45
N ILE C 32 13.04 25.66 5.55
CA ILE C 32 13.57 25.95 6.88
C ILE C 32 14.46 24.75 7.33
N ALA C 33 14.07 23.50 6.94
CA ALA C 33 14.78 22.25 7.22
C ALA C 33 16.07 22.21 6.43
N TYR C 34 15.96 22.57 5.12
CA TYR C 34 17.09 22.64 4.22
C TYR C 34 18.19 23.57 4.72
N ILE C 35 17.83 24.80 5.13
CA ILE C 35 18.78 25.81 5.57
C ILE C 35 19.49 25.36 6.86
N GLU C 36 18.80 24.57 7.70
CA GLU C 36 19.46 24.04 8.88
C GLU C 36 20.46 22.95 8.49
N SER C 37 20.13 22.13 7.45
CA SER C 37 21.04 21.10 6.93
C SER C 37 22.34 21.75 6.41
N GLN C 38 22.30 23.08 6.10
CA GLN C 38 23.42 23.89 5.62
C GLN C 38 24.19 24.58 6.76
N GLY C 39 23.61 24.55 7.96
CA GLY C 39 24.20 25.16 9.17
C GLY C 39 23.78 26.60 9.45
N ALA C 40 22.69 27.08 8.82
CA ALA C 40 22.16 28.45 8.95
C ALA C 40 21.80 28.81 10.36
N HIS C 41 21.24 27.84 11.12
CA HIS C 41 20.75 28.02 12.50
C HIS C 41 21.83 28.35 13.52
N ARG C 42 23.08 28.05 13.20
CA ARG C 42 24.20 28.29 14.08
C ARG C 42 24.48 29.76 14.30
N ALA C 43 24.22 30.60 13.27
CA ALA C 43 24.40 32.05 13.32
C ALA C 43 23.29 32.70 14.13
N GLY C 44 22.11 32.05 14.15
CA GLY C 44 20.91 32.51 14.84
C GLY C 44 20.01 33.35 13.97
N LEU C 45 20.50 33.72 12.77
CA LEU C 45 19.85 34.60 11.83
C LEU C 45 20.28 34.24 10.43
N ALA C 46 19.31 34.13 9.49
CA ALA C 46 19.59 33.84 8.07
C ALA C 46 18.71 34.72 7.17
N LYS C 47 19.22 35.06 5.98
CA LYS C 47 18.50 35.83 4.99
C LYS C 47 18.04 34.91 3.85
N VAL C 48 16.79 35.06 3.43
CA VAL C 48 16.23 34.28 2.32
C VAL C 48 15.69 35.26 1.29
N VAL C 49 16.27 35.20 0.08
CA VAL C 49 15.86 36.07 -1.01
C VAL C 49 14.90 35.27 -1.90
N PRO C 50 13.59 35.65 -1.87
CA PRO C 50 12.59 34.93 -2.67
C PRO C 50 12.80 35.01 -4.19
N PRO C 51 12.26 34.05 -5.00
CA PRO C 51 12.39 34.17 -6.46
C PRO C 51 11.81 35.48 -6.99
N LYS C 52 12.41 36.06 -8.05
CA LYS C 52 11.98 37.33 -8.66
C LYS C 52 10.49 37.31 -9.06
N GLU C 53 10.03 36.14 -9.52
CA GLU C 53 8.65 35.87 -9.94
C GLU C 53 7.64 35.86 -8.77
N TRP C 54 8.11 36.03 -7.52
CA TRP C 54 7.26 36.03 -6.32
C TRP C 54 7.06 37.43 -5.73
N LYS C 55 5.78 37.74 -5.46
CA LYS C 55 5.32 38.98 -4.86
C LYS C 55 4.13 38.69 -3.90
N PRO C 56 4.12 39.17 -2.64
CA PRO C 56 3.00 38.89 -1.74
C PRO C 56 1.76 39.80 -1.91
N ARG C 57 1.92 40.91 -2.63
CA ARG C 57 0.89 41.90 -2.90
C ARG C 57 1.26 42.61 -4.19
N ALA C 58 0.26 42.95 -4.99
CA ALA C 58 0.41 43.63 -6.29
C ALA C 58 0.95 45.06 -6.18
N SER C 59 0.45 45.86 -5.21
CA SER C 59 0.84 47.24 -4.94
C SER C 59 0.51 47.63 -3.48
N TYR C 60 1.27 48.58 -2.90
CA TYR C 60 1.08 49.08 -1.54
C TYR C 60 0.51 50.53 -1.54
N ASP C 61 -0.30 50.86 -2.57
CA ASP C 61 -0.88 52.20 -2.77
C ASP C 61 -2.18 52.47 -2.03
N ASP C 62 -2.80 51.41 -1.48
CA ASP C 62 -4.09 51.42 -0.79
C ASP C 62 -4.00 51.34 0.74
N ILE C 63 -2.79 51.47 1.30
CA ILE C 63 -2.64 51.34 2.74
C ILE C 63 -2.51 52.71 3.46
N ASP C 64 -2.80 53.84 2.78
CA ASP C 64 -2.66 55.17 3.40
C ASP C 64 -3.59 55.43 4.60
N ASP C 65 -4.79 54.88 4.56
CA ASP C 65 -5.79 55.01 5.63
C ASP C 65 -5.73 53.88 6.67
N LEU C 66 -4.71 53.01 6.60
CA LEU C 66 -4.50 51.90 7.54
C LEU C 66 -4.08 52.52 8.88
N VAL C 67 -4.70 52.07 9.96
CA VAL C 67 -4.40 52.61 11.27
C VAL C 67 -3.41 51.82 12.10
N ILE C 68 -2.48 52.58 12.70
CA ILE C 68 -1.47 52.07 13.59
C ILE C 68 -2.08 52.53 14.88
N PRO C 69 -2.60 51.61 15.66
CA PRO C 69 -3.32 51.97 16.91
C PRO C 69 -2.48 52.50 18.07
N ALA C 70 -1.26 52.00 18.23
CA ALA C 70 -0.40 52.39 19.35
C ALA C 70 1.02 52.74 18.89
N PRO C 71 1.23 53.92 18.25
CA PRO C 71 2.60 54.30 17.87
C PRO C 71 3.42 54.54 19.14
N ILE C 72 4.65 54.04 19.18
CA ILE C 72 5.53 54.22 20.36
C ILE C 72 6.64 55.21 20.07
N GLN C 73 6.80 56.21 20.93
CA GLN C 73 7.93 57.16 20.83
C GLN C 73 9.06 56.58 21.68
N GLN C 74 10.20 56.29 21.03
CA GLN C 74 11.32 55.61 21.64
C GLN C 74 12.35 56.55 22.27
N LEU C 75 12.36 56.62 23.60
CA LEU C 75 13.31 57.43 24.38
C LEU C 75 14.48 56.55 24.83
N VAL C 76 15.72 56.90 24.43
CA VAL C 76 16.89 56.10 24.81
C VAL C 76 17.81 56.89 25.76
N THR C 77 18.20 56.22 26.87
CA THR C 77 19.09 56.75 27.87
C THR C 77 20.32 55.87 27.93
N GLY C 78 21.48 56.50 28.07
CA GLY C 78 22.72 55.74 28.17
C GLY C 78 23.97 56.40 27.65
N GLN C 79 25.07 55.65 27.72
CA GLN C 79 26.40 56.07 27.30
C GLN C 79 27.28 54.86 27.14
N SER C 80 28.44 55.06 26.50
CA SER C 80 29.52 54.07 26.32
C SER C 80 29.02 52.68 25.86
N GLY C 81 28.19 52.69 24.84
CA GLY C 81 27.69 51.46 24.24
C GLY C 81 26.55 50.74 24.93
N LEU C 82 26.15 51.19 26.15
CA LEU C 82 25.06 50.60 26.94
C LEU C 82 23.94 51.56 27.14
N PHE C 83 22.76 51.21 26.62
CA PHE C 83 21.54 52.04 26.62
C PHE C 83 20.28 51.29 27.03
N THR C 84 19.26 52.04 27.43
CA THR C 84 17.93 51.56 27.81
C THR C 84 16.92 52.36 27.03
N GLN C 85 16.01 51.66 26.37
CA GLN C 85 14.94 52.24 25.57
C GLN C 85 13.60 52.19 26.34
N TYR C 86 13.00 53.36 26.49
CA TYR C 86 11.71 53.57 27.15
C TYR C 86 10.69 53.93 26.07
N ASN C 87 9.54 53.30 26.12
CA ASN C 87 8.52 53.49 25.12
C ASN C 87 7.41 54.34 25.69
N ILE C 88 7.02 55.39 24.97
CA ILE C 88 5.91 56.27 25.31
C ILE C 88 4.86 56.06 24.25
N GLN C 89 3.66 55.57 24.63
CA GLN C 89 2.56 55.35 23.68
C GLN C 89 1.94 56.68 23.26
N LYS C 90 1.71 56.81 21.94
CA LYS C 90 1.12 58.00 21.33
C LYS C 90 -0.28 57.65 20.81
N LYS C 91 -1.11 58.65 20.50
CA LYS C 91 -2.45 58.33 20.00
C LYS C 91 -2.38 57.69 18.62
N ALA C 92 -3.40 56.90 18.26
CA ALA C 92 -3.46 56.18 16.98
C ALA C 92 -3.28 57.12 15.82
N MET C 93 -2.54 56.68 14.81
CA MET C 93 -2.30 57.46 13.60
C MET C 93 -2.34 56.56 12.39
N THR C 94 -2.57 57.16 11.20
CA THR C 94 -2.64 56.42 9.95
C THR C 94 -1.26 56.36 9.35
N VAL C 95 -1.08 55.49 8.34
CA VAL C 95 0.16 55.31 7.57
C VAL C 95 0.49 56.64 6.83
N ARG C 96 -0.52 57.35 6.30
CA ARG C 96 -0.34 58.62 5.64
C ARG C 96 0.34 59.64 6.59
N GLU C 97 -0.17 59.74 7.84
CA GLU C 97 0.29 60.64 8.91
C GLU C 97 1.68 60.26 9.33
N PHE C 98 1.97 58.92 9.47
CA PHE C 98 3.25 58.38 9.86
C PHE C 98 4.31 58.70 8.80
N ARG C 99 4.10 58.31 7.52
CA ARG C 99 5.02 58.57 6.42
C ARG C 99 5.41 60.06 6.32
N LYS C 100 4.46 61.00 6.58
CA LYS C 100 4.73 62.45 6.61
C LYS C 100 5.78 62.82 7.68
N ILE C 101 5.67 62.23 8.92
CA ILE C 101 6.63 62.42 10.03
C ILE C 101 7.97 61.74 9.69
N ALA C 102 7.92 60.46 9.24
CA ALA C 102 9.10 59.66 8.88
C ALA C 102 9.97 60.34 7.79
N ASN C 103 9.36 60.99 6.79
CA ASN C 103 10.09 61.65 5.70
C ASN C 103 10.34 63.14 5.95
N SER C 104 9.89 63.67 7.11
CA SER C 104 10.06 65.08 7.48
C SER C 104 11.53 65.40 7.72
N ASP C 105 11.88 66.70 7.58
CA ASP C 105 13.25 67.17 7.78
C ASP C 105 13.85 66.70 9.11
N LYS C 106 13.01 66.74 10.18
CA LYS C 106 13.35 66.36 11.55
C LYS C 106 13.71 64.89 11.69
N TYR C 107 12.89 63.99 11.10
CA TYR C 107 13.07 62.57 11.30
C TYR C 107 13.63 61.76 10.13
N CYS C 108 13.83 62.35 8.94
CA CYS C 108 14.37 61.60 7.80
C CYS C 108 15.84 61.14 8.03
N THR C 109 16.27 60.12 7.27
CA THR C 109 17.59 59.51 7.32
C THR C 109 18.65 60.53 7.01
N PRO C 110 19.82 60.52 7.70
CA PRO C 110 20.88 61.49 7.34
C PRO C 110 21.55 61.12 6.00
N ARG C 111 22.24 62.09 5.37
CA ARG C 111 22.96 61.82 4.11
C ARG C 111 24.20 60.99 4.49
N TYR C 112 24.47 59.93 3.74
CA TYR C 112 25.61 59.09 4.02
C TYR C 112 26.03 58.36 2.75
N SER C 113 27.29 57.92 2.71
CA SER C 113 27.77 57.22 1.54
C SER C 113 27.82 55.71 1.74
N GLU C 114 28.33 55.28 2.88
CA GLU C 114 28.44 53.85 3.17
C GLU C 114 27.72 53.48 4.45
N PHE C 115 27.30 52.22 4.57
CA PHE C 115 26.57 51.80 5.75
C PHE C 115 27.40 51.99 7.01
N GLU C 116 28.65 51.59 6.98
CA GLU C 116 29.49 51.77 8.17
C GLU C 116 29.34 53.20 8.76
N GLU C 117 29.14 54.22 7.88
CA GLU C 117 28.90 55.63 8.19
C GLU C 117 27.53 55.84 8.86
N LEU C 118 26.45 55.17 8.37
CA LEU C 118 25.09 55.30 8.92
C LEU C 118 24.96 54.51 10.20
N GLU C 119 25.72 53.42 10.30
CA GLU C 119 25.76 52.62 11.52
C GLU C 119 26.45 53.45 12.65
N ARG C 120 27.47 54.28 12.29
CA ARG C 120 28.19 55.17 13.21
C ARG C 120 27.31 56.31 13.71
N LYS C 121 26.45 56.86 12.80
CA LYS C 121 25.50 57.95 13.10
C LYS C 121 24.39 57.45 14.02
N TYR C 122 23.92 56.20 13.84
CA TYR C 122 22.91 55.56 14.67
C TYR C 122 23.40 55.51 16.11
N TRP C 123 24.56 54.86 16.32
CA TRP C 123 25.14 54.70 17.64
C TRP C 123 25.60 56.05 18.29
N LYS C 124 25.84 57.09 17.48
CA LYS C 124 26.23 58.41 17.96
C LYS C 124 25.02 59.21 18.37
N ASN C 125 23.88 59.01 17.68
CA ASN C 125 22.68 59.81 17.90
C ASN C 125 21.45 59.08 18.46
N LEU C 126 21.59 57.87 19.05
CA LEU C 126 20.37 57.19 19.47
C LEU C 126 19.71 57.79 20.71
N THR C 127 20.44 58.61 21.51
CA THR C 127 19.83 59.24 22.69
C THR C 127 19.21 60.61 22.34
N PHE C 128 19.31 61.03 21.07
CA PHE C 128 18.78 62.31 20.58
C PHE C 128 17.55 62.17 19.67
N ASN C 129 16.77 63.25 19.53
CA ASN C 129 15.59 63.38 18.66
C ASN C 129 14.76 62.08 18.62
N PRO C 130 14.13 61.66 19.76
CA PRO C 130 13.42 60.37 19.78
C PRO C 130 12.48 60.10 18.64
N PRO C 131 12.69 59.01 17.84
CA PRO C 131 11.76 58.72 16.74
C PRO C 131 10.46 58.08 17.25
N ILE C 132 9.51 57.84 16.33
CA ILE C 132 8.24 57.16 16.58
C ILE C 132 8.26 55.84 15.77
N TYR C 133 7.98 54.72 16.43
CA TYR C 133 7.90 53.40 15.81
C TYR C 133 6.42 52.97 15.74
N GLY C 134 5.94 52.74 14.52
CA GLY C 134 4.60 52.23 14.28
C GLY C 134 4.62 50.73 14.41
N ALA C 135 4.86 50.25 15.62
CA ALA C 135 5.04 48.85 15.97
C ALA C 135 3.80 48.14 16.45
N ASP C 136 3.82 46.79 16.34
CA ASP C 136 2.86 45.83 16.85
C ASP C 136 1.43 46.05 16.35
N VAL C 137 1.32 46.39 15.06
CA VAL C 137 0.04 46.60 14.39
C VAL C 137 -0.48 45.22 13.98
N ASN C 138 -1.68 44.86 14.38
CA ASN C 138 -2.28 43.57 13.99
C ASN C 138 -2.73 43.61 12.56
N GLY C 139 -2.20 42.69 11.78
CA GLY C 139 -2.54 42.58 10.36
C GLY C 139 -1.47 42.06 9.44
N THR C 140 -1.86 41.84 8.18
CA THR C 140 -1.01 41.35 7.09
C THR C 140 -1.14 42.25 5.86
N LEU C 141 -0.11 42.26 5.01
CA LEU C 141 -0.20 42.99 3.75
C LEU C 141 -0.19 41.98 2.60
N TYR C 142 -0.33 40.67 2.91
CA TYR C 142 -0.39 39.60 1.94
C TYR C 142 -1.79 39.51 1.36
N GLU C 143 -1.86 39.21 0.07
CA GLU C 143 -3.13 39.01 -0.63
C GLU C 143 -3.60 37.63 -0.25
N LYS C 144 -4.93 37.46 -0.16
CA LYS C 144 -5.56 36.22 0.30
C LYS C 144 -5.10 34.93 -0.42
N HIS C 145 -4.80 35.00 -1.72
CA HIS C 145 -4.43 33.86 -2.57
C HIS C 145 -2.97 33.34 -2.45
N VAL C 146 -2.02 34.17 -1.99
CA VAL C 146 -0.60 33.85 -1.85
C VAL C 146 -0.43 32.66 -0.89
N ASP C 147 -0.05 31.49 -1.44
CA ASP C 147 0.10 30.25 -0.67
C ASP C 147 1.54 29.96 -0.19
N GLU C 148 2.54 30.64 -0.76
CA GLU C 148 3.95 30.45 -0.43
C GLU C 148 4.44 31.49 0.58
N TRP C 149 5.00 31.01 1.68
CA TRP C 149 5.58 31.86 2.74
C TRP C 149 4.60 32.95 3.24
N ASN C 150 3.33 32.58 3.49
CA ASN C 150 2.32 33.51 4.00
C ASN C 150 2.47 33.62 5.51
N ILE C 151 2.84 34.77 6.00
CA ILE C 151 3.03 34.95 7.42
C ILE C 151 1.74 34.65 8.18
N GLY C 152 0.61 34.98 7.59
CA GLY C 152 -0.68 34.70 8.20
C GLY C 152 -0.95 33.23 8.38
N ARG C 153 -0.56 32.42 7.41
CA ARG C 153 -0.76 30.97 7.49
C ARG C 153 0.47 30.15 7.11
N LEU C 154 1.46 30.14 7.98
CA LEU C 154 2.70 29.41 7.75
C LEU C 154 2.63 27.89 7.64
N ARG C 155 1.72 27.28 8.40
CA ARG C 155 1.58 25.82 8.38
C ARG C 155 2.65 25.09 9.18
N THR C 156 3.13 25.68 10.26
CA THR C 156 4.17 24.99 11.03
C THR C 156 3.47 24.24 12.17
N ILE C 157 4.23 23.53 13.01
CA ILE C 157 3.64 22.79 14.13
C ILE C 157 3.12 23.77 15.22
N LEU C 158 3.46 25.08 15.14
CA LEU C 158 2.99 26.09 16.08
C LEU C 158 1.47 26.23 16.03
N ASP C 159 0.87 25.86 14.88
CA ASP C 159 -0.57 25.85 14.62
C ASP C 159 -1.37 25.05 15.69
N LEU C 160 -0.73 24.06 16.35
CA LEU C 160 -1.30 23.18 17.38
C LEU C 160 -1.80 23.95 18.60
N VAL C 161 -1.15 25.08 18.93
CA VAL C 161 -1.51 25.96 20.04
C VAL C 161 -2.95 26.40 19.86
N GLU C 162 -3.28 27.02 18.70
CA GLU C 162 -4.64 27.47 18.43
C GLU C 162 -5.60 26.32 18.08
N LYS C 163 -5.12 25.34 17.27
CA LYS C 163 -5.93 24.20 16.84
C LYS C 163 -6.38 23.30 17.98
N GLU C 164 -5.55 23.14 19.02
CA GLU C 164 -5.90 22.30 20.16
C GLU C 164 -6.35 23.11 21.36
N SER C 165 -5.58 24.16 21.72
CA SER C 165 -5.81 24.98 22.91
C SER C 165 -6.73 26.23 22.70
N GLY C 166 -7.04 26.60 21.46
CA GLY C 166 -7.92 27.73 21.12
C GLY C 166 -7.37 29.11 21.44
N ILE C 167 -6.19 29.11 22.09
CA ILE C 167 -5.47 30.31 22.53
C ILE C 167 -4.82 31.04 21.34
N THR C 168 -5.02 32.37 21.31
CA THR C 168 -4.49 33.31 20.34
C THR C 168 -3.49 34.23 21.05
N ILE C 169 -2.26 34.29 20.53
CA ILE C 169 -1.21 35.17 21.05
C ILE C 169 -0.81 36.14 19.94
N GLU C 170 -1.30 37.39 20.03
CA GLU C 170 -1.06 38.51 19.12
C GLU C 170 0.44 38.61 18.83
N GLY C 171 0.81 38.49 17.55
CA GLY C 171 2.19 38.56 17.12
C GLY C 171 2.89 37.22 17.12
N VAL C 172 2.52 36.31 18.05
CA VAL C 172 3.14 34.98 18.17
C VAL C 172 2.54 34.00 17.13
N ASN C 173 1.21 33.84 17.09
CA ASN C 173 0.59 32.96 16.10
C ASN C 173 -0.35 33.75 15.16
N THR C 174 -0.24 35.09 15.18
CA THR C 174 -0.98 36.05 14.34
C THR C 174 0.09 36.98 13.74
N PRO C 175 -0.09 37.58 12.54
CA PRO C 175 0.95 38.49 12.04
C PRO C 175 0.88 39.93 12.62
N TYR C 176 2.06 40.56 12.72
CA TYR C 176 2.27 41.93 13.18
C TYR C 176 2.92 42.73 12.06
N LEU C 177 2.59 44.02 11.99
CA LEU C 177 3.20 44.97 11.05
C LEU C 177 4.01 45.99 11.85
N TYR C 178 5.14 46.44 11.27
CA TYR C 178 6.05 47.40 11.85
C TYR C 178 6.37 48.46 10.81
N PHE C 179 5.86 49.67 11.03
CA PHE C 179 6.11 50.81 10.16
C PHE C 179 7.22 51.56 10.88
N GLY C 180 8.38 51.57 10.24
CA GLY C 180 9.57 52.18 10.79
C GLY C 180 9.94 53.49 10.14
N MET C 181 10.86 54.18 10.81
CA MET C 181 11.49 55.44 10.44
C MET C 181 12.97 55.44 10.86
N TRP C 182 13.75 56.40 10.39
CA TRP C 182 15.17 56.45 10.75
C TRP C 182 15.34 56.37 12.27
N LYS C 183 16.33 55.55 12.72
CA LYS C 183 16.73 55.40 14.13
C LYS C 183 15.77 54.59 14.98
N THR C 184 14.63 54.10 14.42
CA THR C 184 13.72 53.28 15.24
C THR C 184 14.46 51.99 15.47
N SER C 185 14.23 51.28 16.57
CA SER C 185 14.99 50.07 16.78
C SER C 185 14.40 49.01 17.69
N PHE C 186 14.94 47.81 17.58
CA PHE C 186 14.54 46.72 18.44
C PHE C 186 15.74 46.29 19.27
N ALA C 187 15.52 46.16 20.56
CA ALA C 187 16.57 45.81 21.51
C ALA C 187 16.89 44.34 21.50
N TRP C 188 17.97 43.97 22.17
CA TRP C 188 18.39 42.57 22.24
C TRP C 188 17.34 41.70 22.90
N HIS C 189 17.02 40.59 22.25
CA HIS C 189 16.02 39.67 22.76
C HIS C 189 16.01 38.37 21.99
N THR C 190 15.20 37.44 22.47
CA THR C 190 14.99 36.15 21.84
C THR C 190 13.48 36.10 21.68
N GLU C 191 12.97 35.23 20.82
CA GLU C 191 11.53 35.19 20.62
C GLU C 191 10.80 34.65 21.87
N ASP C 192 9.49 34.88 21.97
CA ASP C 192 8.75 34.35 23.11
C ASP C 192 8.79 32.83 23.02
N MET C 193 9.08 32.16 24.16
CA MET C 193 9.20 30.70 24.28
C MET C 193 10.39 30.17 23.47
N ASP C 194 11.34 31.07 23.13
CA ASP C 194 12.53 30.82 22.32
C ASP C 194 12.17 30.17 20.99
N LEU C 195 11.11 30.70 20.35
CA LEU C 195 10.57 30.23 19.08
C LEU C 195 11.41 30.78 17.92
N TYR C 196 11.06 30.38 16.70
CA TYR C 196 11.68 30.91 15.49
C TYR C 196 10.85 32.16 15.11
N SER C 197 11.35 32.98 14.18
CA SER C 197 10.58 34.11 13.66
C SER C 197 10.85 34.31 12.18
N ILE C 198 9.83 34.83 11.49
CA ILE C 198 9.95 35.19 10.08
C ILE C 198 9.70 36.69 10.01
N ASN C 199 10.52 37.38 9.22
CA ASN C 199 10.40 38.81 9.02
C ASN C 199 10.58 39.18 7.53
N TYR C 200 9.53 39.74 6.92
CA TYR C 200 9.53 40.16 5.51
C TYR C 200 9.41 41.68 5.40
N LEU C 201 10.32 42.30 4.62
CA LEU C 201 10.35 43.75 4.41
C LEU C 201 9.55 43.99 3.19
N HIS C 202 8.29 44.44 3.40
CA HIS C 202 7.34 44.69 2.33
C HIS C 202 7.81 45.75 1.36
N PHE C 203 8.25 46.88 1.89
CA PHE C 203 8.73 48.01 1.11
C PHE C 203 9.55 48.95 1.98
N GLY C 204 10.20 49.92 1.36
CA GLY C 204 10.90 50.98 2.06
C GLY C 204 12.40 50.84 2.23
N GLU C 205 12.95 51.71 3.10
CA GLU C 205 14.36 51.76 3.39
C GLU C 205 14.81 50.54 4.16
N PRO C 206 16.11 50.14 4.13
CA PRO C 206 16.53 48.92 4.85
C PRO C 206 16.26 48.87 6.37
N LYS C 207 16.41 47.65 6.88
CA LYS C 207 16.38 47.31 8.29
C LYS C 207 17.71 46.61 8.55
N SER C 208 18.58 47.13 9.44
CA SER C 208 19.84 46.45 9.80
C SER C 208 19.71 45.66 11.11
N TRP C 209 20.30 44.44 11.09
CA TRP C 209 20.29 43.43 12.15
C TRP C 209 21.67 43.10 12.69
N TYR C 210 21.70 42.67 13.97
CA TYR C 210 22.85 42.16 14.73
C TYR C 210 22.38 40.85 15.34
N SER C 211 23.26 39.86 15.41
CA SER C 211 22.89 38.58 16.02
C SER C 211 24.05 37.88 16.72
N VAL C 212 23.74 37.27 17.89
CA VAL C 212 24.66 36.47 18.68
C VAL C 212 24.29 35.01 18.40
N PRO C 213 25.26 34.17 17.95
CA PRO C 213 24.94 32.76 17.69
C PRO C 213 24.37 32.06 18.94
N PRO C 214 23.26 31.29 18.83
CA PRO C 214 22.71 30.59 20.01
C PRO C 214 23.72 29.93 20.94
N GLU C 215 24.84 29.34 20.45
CA GLU C 215 25.87 28.71 21.33
C GLU C 215 26.66 29.72 22.21
N HIS C 216 26.44 31.04 21.97
CA HIS C 216 27.07 32.14 22.73
C HIS C 216 26.05 33.04 23.42
N GLY C 217 24.77 32.68 23.34
CA GLY C 217 23.68 33.42 23.96
C GLY C 217 23.80 33.58 25.46
N LYS C 218 24.30 32.54 26.17
CA LYS C 218 24.48 32.61 27.62
C LYS C 218 25.55 33.62 28.03
N ARG C 219 26.51 33.88 27.11
CA ARG C 219 27.56 34.88 27.29
C ARG C 219 26.97 36.29 27.19
N LEU C 220 26.01 36.52 26.25
CA LEU C 220 25.37 37.83 26.13
C LEU C 220 24.55 38.07 27.40
N GLU C 221 23.86 37.01 27.90
CA GLU C 221 23.06 37.06 29.10
C GLU C 221 23.91 37.42 30.30
N ARG C 222 25.11 36.77 30.44
CA ARG C 222 26.06 37.03 31.56
C ARG C 222 26.52 38.47 31.54
N LEU C 223 26.85 38.99 30.35
CA LEU C 223 27.26 40.37 30.12
C LEU C 223 26.19 41.37 30.55
N ALA C 224 24.96 41.23 30.00
CA ALA C 224 23.82 42.09 30.31
C ALA C 224 23.52 42.13 31.83
N LYS C 225 23.52 40.96 32.51
CA LYS C 225 23.28 40.86 33.97
C LYS C 225 24.37 41.59 34.76
N GLY C 226 25.57 41.68 34.19
CA GLY C 226 26.70 42.38 34.80
C GLY C 226 26.50 43.87 34.73
N PHE C 227 25.92 44.35 33.63
CA PHE C 227 25.68 45.76 33.35
C PHE C 227 24.45 46.31 33.99
N PHE C 228 23.40 45.50 34.12
CA PHE C 228 22.13 45.92 34.73
C PHE C 228 21.79 44.93 35.86
N PRO C 229 22.55 44.95 36.98
CA PRO C 229 22.30 43.98 38.06
C PRO C 229 20.97 44.16 38.80
N GLY C 230 20.47 45.40 38.79
CA GLY C 230 19.21 45.77 39.42
C GLY C 230 18.06 45.08 38.72
N SER C 231 18.04 45.18 37.37
CA SER C 231 17.07 44.57 36.47
C SER C 231 17.10 43.04 36.59
N ALA C 232 18.31 42.47 36.73
CA ALA C 232 18.53 41.03 36.88
C ALA C 232 17.93 40.47 38.17
N GLN C 233 17.98 41.25 39.28
CA GLN C 233 17.42 40.86 40.58
C GLN C 233 15.89 40.87 40.53
N SER C 234 15.32 41.79 39.74
CA SER C 234 13.88 41.99 39.56
C SER C 234 13.23 40.95 38.65
N CYS C 235 13.92 40.59 37.55
CA CYS C 235 13.47 39.62 36.56
C CYS C 235 14.64 38.88 35.96
N GLU C 236 14.65 37.53 36.11
CA GLU C 236 15.69 36.63 35.60
C GLU C 236 15.81 36.82 34.07
N ALA C 237 14.65 36.95 33.40
CA ALA C 237 14.55 37.13 31.96
C ALA C 237 14.26 38.60 31.56
N PHE C 238 15.04 39.59 32.10
CA PHE C 238 14.82 41.02 31.82
C PHE C 238 15.07 41.41 30.35
N LEU C 239 15.89 40.64 29.62
CA LEU C 239 16.13 40.99 28.24
C LEU C 239 14.85 40.79 27.41
N ARG C 240 13.86 40.06 27.96
CA ARG C 240 12.56 39.79 27.34
C ARG C 240 11.67 41.05 27.34
N HIS C 241 12.02 42.06 28.19
CA HIS C 241 11.34 43.35 28.27
C HIS C 241 11.57 44.19 27.01
N LYS C 242 12.58 43.81 26.19
CA LYS C 242 13.01 44.43 24.95
C LYS C 242 13.36 45.91 25.17
N MET C 243 14.24 46.18 26.15
CA MET C 243 14.65 47.55 26.50
C MET C 243 16.16 47.79 26.44
N THR C 244 16.96 46.71 26.37
CA THR C 244 18.41 46.76 26.41
C THR C 244 19.05 46.89 25.04
N LEU C 245 19.81 47.98 24.81
CA LEU C 245 20.56 48.22 23.59
C LEU C 245 22.09 48.12 23.93
N ILE C 246 22.80 47.21 23.27
CA ILE C 246 24.23 47.02 23.46
C ILE C 246 24.90 47.21 22.10
N SER C 247 25.86 48.15 22.01
CA SER C 247 26.61 48.50 20.81
C SER C 247 27.48 47.33 20.31
N PRO C 248 27.66 47.17 18.97
CA PRO C 248 28.57 46.11 18.49
C PRO C 248 30.00 46.24 19.03
N LEU C 249 30.46 47.48 19.37
CA LEU C 249 31.74 47.78 20.00
C LEU C 249 31.83 47.25 21.44
N MET C 250 30.73 47.36 22.21
CA MET C 250 30.64 46.83 23.59
C MET C 250 30.76 45.29 23.57
N LEU C 251 30.09 44.65 22.56
CA LEU C 251 30.12 43.20 22.30
C LEU C 251 31.56 42.77 22.02
N LYS C 252 32.17 43.43 21.01
CA LYS C 252 33.55 43.23 20.57
C LYS C 252 34.51 43.37 21.79
N LYS C 253 34.36 44.46 22.58
CA LYS C 253 35.13 44.72 23.82
C LYS C 253 35.11 43.56 24.80
N TYR C 254 33.95 42.96 25.04
CA TYR C 254 33.83 41.88 26.01
C TYR C 254 33.84 40.49 25.39
N GLY C 255 34.29 40.42 24.15
CA GLY C 255 34.46 39.16 23.44
C GLY C 255 33.22 38.35 23.13
N ILE C 256 32.07 39.04 23.00
CA ILE C 256 30.85 38.35 22.60
C ILE C 256 30.90 38.19 21.06
N PRO C 257 30.86 36.95 20.50
CA PRO C 257 30.86 36.83 19.03
C PRO C 257 29.49 37.22 18.47
N PHE C 258 29.49 37.99 17.36
CA PHE C 258 28.26 38.46 16.71
C PHE C 258 28.49 38.71 15.23
N ASP C 259 27.39 38.85 14.44
CA ASP C 259 27.46 39.17 13.03
C ASP C 259 26.40 40.21 12.70
N LYS C 260 26.65 41.01 11.64
CA LYS C 260 25.69 41.99 11.16
C LYS C 260 25.25 41.69 9.72
N VAL C 261 24.04 42.16 9.36
CA VAL C 261 23.40 41.98 8.06
C VAL C 261 22.37 43.06 7.89
N THR C 262 22.22 43.57 6.66
CA THR C 262 21.21 44.55 6.32
C THR C 262 20.16 43.87 5.45
N GLN C 263 18.90 43.97 5.84
CA GLN C 263 17.76 43.43 5.10
C GLN C 263 17.19 44.56 4.26
N GLU C 264 16.95 44.28 2.97
CA GLU C 264 16.38 45.23 2.01
C GLU C 264 14.97 44.83 1.61
N ALA C 265 14.18 45.75 1.03
CA ALA C 265 12.80 45.45 0.66
C ALA C 265 12.73 44.20 -0.21
N GLY C 266 11.74 43.34 0.07
CA GLY C 266 11.52 42.10 -0.66
C GLY C 266 12.36 40.93 -0.22
N GLU C 267 13.01 41.05 0.94
CA GLU C 267 13.86 40.02 1.52
C GLU C 267 13.28 39.51 2.86
N PHE C 268 13.57 38.22 3.18
CA PHE C 268 13.14 37.58 4.42
C PHE C 268 14.29 37.41 5.38
N MET C 269 14.00 37.51 6.69
CA MET C 269 14.98 37.25 7.73
C MET C 269 14.37 36.20 8.66
N ILE C 270 15.09 35.07 8.84
CA ILE C 270 14.69 33.97 9.72
C ILE C 270 15.54 34.04 10.96
N THR C 271 14.91 34.03 12.14
CA THR C 271 15.59 33.98 13.44
C THR C 271 15.29 32.59 13.98
N PHE C 272 16.30 31.99 14.59
CA PHE C 272 16.24 30.61 15.05
C PHE C 272 16.11 30.55 16.56
N PRO C 273 15.69 29.41 17.14
CA PRO C 273 15.54 29.33 18.60
C PRO C 273 16.82 29.69 19.37
N TYR C 274 16.65 30.64 20.34
CA TYR C 274 17.67 31.18 21.24
C TYR C 274 18.69 32.12 20.52
N GLY C 275 18.32 32.56 19.31
CA GLY C 275 19.11 33.48 18.52
C GLY C 275 18.85 34.91 18.94
N TYR C 276 19.75 35.48 19.73
CA TYR C 276 19.67 36.85 20.22
C TYR C 276 19.89 37.79 19.08
N HIS C 277 18.97 38.76 18.91
CA HIS C 277 19.02 39.74 17.84
C HIS C 277 18.55 41.09 18.31
N ALA C 278 19.02 42.13 17.60
CA ALA C 278 18.73 43.53 17.77
C ALA C 278 19.00 44.19 16.43
N GLY C 279 18.56 45.43 16.30
CA GLY C 279 18.77 46.14 15.05
C GLY C 279 17.99 47.42 15.01
N PHE C 280 18.06 48.12 13.84
CA PHE C 280 17.43 49.42 13.60
C PHE C 280 16.98 49.61 12.14
N ASN C 281 16.03 50.53 11.97
CA ASN C 281 15.45 50.92 10.69
C ASN C 281 16.17 52.12 10.09
N HIS C 282 16.56 52.02 8.80
CA HIS C 282 17.28 53.08 8.09
C HIS C 282 16.40 54.28 7.77
N GLY C 283 15.12 54.05 7.49
CA GLY C 283 14.16 55.10 7.23
C GLY C 283 12.79 54.50 7.13
N PHE C 284 11.83 55.26 6.55
CA PHE C 284 10.45 54.82 6.34
C PHE C 284 10.34 53.49 5.58
N ASN C 285 9.89 52.43 6.28
CA ASN C 285 9.71 51.10 5.68
C ASN C 285 8.52 50.39 6.33
N CYS C 286 8.25 49.12 5.96
CA CYS C 286 7.19 48.29 6.56
C CYS C 286 7.56 46.85 6.50
N ALA C 287 7.55 46.19 7.67
CA ALA C 287 7.93 44.79 7.84
C ALA C 287 6.82 43.99 8.49
N GLU C 288 6.60 42.75 8.04
CA GLU C 288 5.59 41.85 8.59
C GLU C 288 6.30 40.73 9.31
N SER C 289 5.77 40.36 10.47
CA SER C 289 6.42 39.36 11.28
C SER C 289 5.46 38.47 12.06
N THR C 290 5.93 37.27 12.41
CA THR C 290 5.27 36.23 13.22
C THR C 290 6.29 35.21 13.68
N ASN C 291 5.89 34.36 14.64
CA ASN C 291 6.67 33.27 15.18
C ASN C 291 6.24 31.96 14.52
N PHE C 292 7.14 30.97 14.46
CA PHE C 292 6.85 29.64 13.92
C PHE C 292 7.69 28.59 14.63
N ALA C 293 7.51 27.31 14.31
CA ALA C 293 8.22 26.22 14.97
C ALA C 293 8.55 25.02 14.06
N THR C 294 9.50 24.20 14.54
CA THR C 294 9.94 22.94 13.95
C THR C 294 10.02 21.97 15.12
N ARG C 295 10.21 20.67 14.85
CA ARG C 295 10.37 19.65 15.89
C ARG C 295 11.55 20.00 16.85
N ARG C 296 12.60 20.65 16.33
CA ARG C 296 13.78 21.10 17.09
C ARG C 296 13.42 22.12 18.15
N TRP C 297 12.38 22.92 17.88
CA TRP C 297 11.94 23.98 18.79
C TRP C 297 11.41 23.46 20.13
N ILE C 298 10.65 22.35 20.10
CA ILE C 298 10.00 21.77 21.29
C ILE C 298 10.93 21.79 22.53
N GLU C 299 12.19 21.26 22.43
CA GLU C 299 13.14 21.25 23.56
C GLU C 299 13.47 22.66 24.12
N TYR C 300 13.57 23.67 23.22
CA TYR C 300 13.84 25.07 23.56
C TYR C 300 12.67 25.65 24.31
N GLY C 301 11.45 25.27 23.93
CA GLY C 301 10.21 25.71 24.56
C GLY C 301 10.07 25.27 26.02
N LYS C 302 10.41 23.99 26.28
CA LYS C 302 10.42 23.32 27.58
C LYS C 302 11.48 23.92 28.47
N GLN C 303 12.67 24.25 27.88
CA GLN C 303 13.81 24.83 28.63
C GLN C 303 13.87 26.39 28.69
N ALA C 304 12.96 27.10 27.96
CA ALA C 304 12.95 28.57 27.92
C ALA C 304 12.68 29.20 29.28
N VAL C 305 13.57 30.13 29.70
CA VAL C 305 13.43 30.91 30.93
C VAL C 305 12.55 32.12 30.60
N LEU C 306 11.42 32.22 31.28
CA LEU C 306 10.44 33.25 30.99
C LEU C 306 10.46 34.46 31.92
N CYS C 307 9.85 35.57 31.44
CA CYS C 307 9.71 36.80 32.21
C CYS C 307 8.71 36.54 33.31
N SER C 308 9.13 36.87 34.55
CA SER C 308 8.34 36.70 35.77
C SER C 308 7.47 37.92 36.14
N CYS C 309 8.14 39.04 36.47
CA CYS C 309 7.64 40.33 36.99
C CYS C 309 6.32 40.86 36.37
N ARG C 310 6.12 40.69 35.05
CA ARG C 310 4.98 41.24 34.34
C ARG C 310 3.82 40.25 34.17
N LYS C 311 2.58 40.75 34.35
CA LYS C 311 1.34 39.98 34.22
C LYS C 311 0.94 39.88 32.74
N ASP C 312 0.36 38.71 32.36
CA ASP C 312 -0.08 38.35 31.01
C ASP C 312 1.09 38.26 29.98
N MET C 313 2.27 37.76 30.44
CA MET C 313 3.44 37.52 29.58
C MET C 313 3.18 36.25 28.79
N VAL C 314 3.86 36.11 27.63
CA VAL C 314 3.66 34.94 26.76
C VAL C 314 4.25 33.66 27.38
N LYS C 315 3.33 32.74 27.69
CA LYS C 315 3.60 31.41 28.20
C LYS C 315 2.67 30.48 27.42
N ILE C 316 3.28 29.54 26.69
CA ILE C 316 2.61 28.53 25.90
C ILE C 316 2.75 27.23 26.70
N SER C 317 1.64 26.46 26.87
CA SER C 317 1.73 25.18 27.59
C SER C 317 2.36 24.19 26.61
N MET C 318 3.45 23.56 27.05
CA MET C 318 4.23 22.67 26.20
C MET C 318 3.67 21.25 26.11
N ASP C 319 2.77 20.88 27.04
CA ASP C 319 2.11 19.57 27.14
C ASP C 319 1.68 18.99 25.79
N VAL C 320 0.91 19.77 25.00
CA VAL C 320 0.38 19.39 23.68
C VAL C 320 1.51 18.89 22.75
N PHE C 321 2.65 19.63 22.68
CA PHE C 321 3.80 19.30 21.85
C PHE C 321 4.48 18.04 22.34
N VAL C 322 4.79 17.95 23.67
CA VAL C 322 5.43 16.78 24.33
C VAL C 322 4.59 15.53 24.09
N ARG C 323 3.25 15.63 24.26
CA ARG C 323 2.34 14.50 24.02
C ARG C 323 2.45 13.96 22.57
N LYS C 324 2.39 14.87 21.58
CA LYS C 324 2.39 14.55 20.15
C LYS C 324 3.75 14.11 19.60
N PHE C 325 4.79 14.87 19.86
CA PHE C 325 6.09 14.57 19.28
C PHE C 325 7.10 13.98 20.24
N GLN C 326 6.78 14.02 21.52
CA GLN C 326 7.65 13.46 22.53
C GLN C 326 6.80 12.61 23.47
N PRO C 327 6.20 11.53 22.98
CA PRO C 327 5.41 10.73 23.92
C PRO C 327 6.26 9.93 24.89
N GLU C 328 7.45 9.45 24.43
CA GLU C 328 8.44 8.68 25.20
C GLU C 328 8.89 9.41 26.47
N ARG C 329 9.11 10.74 26.34
CA ARG C 329 9.59 11.60 27.42
C ARG C 329 8.50 12.26 28.27
N TYR C 330 7.21 12.16 27.86
CA TYR C 330 6.06 12.80 28.56
C TYR C 330 5.98 12.48 30.06
N LYS C 331 6.19 11.21 30.44
CA LYS C 331 6.11 10.78 31.84
C LYS C 331 7.25 11.41 32.63
N LEU C 332 8.49 11.32 32.11
CA LEU C 332 9.71 11.85 32.73
C LEU C 332 9.66 13.38 32.86
N TRP C 333 9.20 14.09 31.81
CA TRP C 333 9.13 15.56 31.74
C TRP C 333 8.12 16.15 32.71
N LYS C 334 6.95 15.49 32.83
CA LYS C 334 5.90 15.94 33.75
C LYS C 334 6.30 15.71 35.23
N ALA C 335 7.26 14.79 35.48
CA ALA C 335 7.81 14.47 36.81
C ALA C 335 8.97 15.43 37.18
N GLY C 336 9.46 16.16 36.19
CA GLY C 336 10.57 17.11 36.33
C GLY C 336 11.93 16.44 36.24
N LYS C 337 11.95 15.16 35.81
CA LYS C 337 13.16 14.34 35.67
C LYS C 337 13.75 14.29 34.23
N ASP C 338 13.41 15.30 33.39
CA ASP C 338 13.92 15.43 32.02
C ASP C 338 15.13 16.38 32.03
N ASN C 339 16.33 15.79 32.04
CA ASN C 339 17.59 16.52 32.13
C ASN C 339 18.28 16.76 30.75
N THR C 340 17.49 16.70 29.62
CA THR C 340 17.94 16.86 28.24
C THR C 340 18.77 18.13 28.03
N VAL C 341 19.97 17.97 27.44
CA VAL C 341 20.88 19.08 27.14
C VAL C 341 20.77 19.41 25.66
N ILE C 342 20.45 20.67 25.34
CA ILE C 342 20.30 21.12 23.97
C ILE C 342 21.66 21.35 23.30
N ASP C 343 21.83 20.80 22.08
CA ASP C 343 22.99 21.01 21.21
C ASP C 343 22.55 22.03 20.13
N HIS C 344 22.99 23.29 20.28
CA HIS C 344 22.61 24.40 19.40
C HIS C 344 23.09 24.25 17.94
N THR C 345 24.08 23.35 17.70
CA THR C 345 24.68 23.08 16.39
C THR C 345 23.86 22.11 15.54
N LEU C 346 23.07 21.25 16.20
CA LEU C 346 22.27 20.21 15.55
C LEU C 346 21.08 20.73 14.77
N PRO C 347 20.85 20.23 13.53
CA PRO C 347 19.69 20.68 12.77
C PRO C 347 18.43 19.96 13.22
N THR C 348 17.28 20.42 12.72
CA THR C 348 15.98 19.87 13.01
C THR C 348 15.87 18.44 12.42
N PRO C 349 15.12 17.50 13.07
CA PRO C 349 15.01 16.13 12.50
C PRO C 349 14.50 16.08 11.06
N GLU C 350 13.73 17.11 10.64
CA GLU C 350 13.14 17.30 9.29
C GLU C 350 14.22 17.47 8.19
N ALA C 351 15.44 17.88 8.58
CA ALA C 351 16.57 18.07 7.70
C ALA C 351 17.23 16.73 7.32
N ALA C 352 16.70 15.58 7.83
CA ALA C 352 17.23 14.22 7.57
C ALA C 352 17.27 13.88 6.08
N GLU C 353 16.26 14.32 5.31
CA GLU C 353 16.17 14.07 3.86
C GLU C 353 17.25 14.80 3.03
N PHE C 354 17.99 15.75 3.64
CA PHE C 354 19.05 16.53 3.00
C PHE C 354 20.44 16.15 3.53
N LEU C 355 20.53 15.94 4.87
CA LEU C 355 21.77 15.61 5.58
C LEU C 355 21.81 14.12 5.88
N GLU D 7 -10.18 -55.76 8.33
CA GLU D 7 -11.53 -55.69 7.76
C GLU D 7 -12.61 -56.31 8.67
N THR D 8 -12.20 -57.28 9.53
CA THR D 8 -13.08 -57.95 10.51
C THR D 8 -13.18 -57.10 11.79
N LEU D 9 -12.11 -56.31 12.09
CA LEU D 9 -11.97 -55.37 13.22
C LEU D 9 -12.70 -54.05 12.88
N ASN D 10 -13.50 -53.56 13.84
CA ASN D 10 -14.37 -52.39 13.78
C ASN D 10 -15.07 -52.29 12.41
N PRO D 11 -15.89 -53.30 12.02
CA PRO D 11 -16.52 -53.25 10.67
C PRO D 11 -17.55 -52.13 10.53
N SER D 12 -18.05 -51.62 11.67
CA SER D 12 -19.02 -50.53 11.82
C SER D 12 -18.35 -49.15 11.63
N ALA D 13 -17.01 -49.11 11.87
CA ALA D 13 -16.15 -47.93 11.79
C ALA D 13 -16.60 -46.83 12.79
N ARG D 14 -16.89 -47.27 14.04
CA ARG D 14 -17.40 -46.39 15.09
C ARG D 14 -16.28 -45.84 15.96
N ILE D 15 -16.44 -44.59 16.48
CA ILE D 15 -15.38 -43.98 17.31
C ILE D 15 -15.17 -44.84 18.58
N MET D 16 -13.91 -45.28 18.77
CA MET D 16 -13.52 -46.11 19.91
C MET D 16 -12.81 -45.32 21.00
N THR D 17 -13.05 -45.71 22.24
CA THR D 17 -12.44 -45.08 23.38
C THR D 17 -11.55 -46.09 24.08
N PHE D 18 -10.37 -45.66 24.51
CA PHE D 18 -9.41 -46.54 25.17
C PHE D 18 -9.02 -46.02 26.53
N TYR D 19 -8.71 -46.94 27.43
CA TYR D 19 -8.31 -46.62 28.79
C TYR D 19 -7.03 -47.33 29.14
N PRO D 20 -5.92 -46.86 28.60
CA PRO D 20 -4.64 -47.51 28.89
C PRO D 20 -4.18 -47.40 30.33
N THR D 21 -3.41 -48.40 30.79
CA THR D 21 -2.79 -48.40 32.10
C THR D 21 -1.48 -47.63 31.94
N MET D 22 -0.86 -47.19 33.03
CA MET D 22 0.39 -46.44 32.96
C MET D 22 1.49 -47.15 32.14
N GLU D 23 1.63 -48.50 32.29
CA GLU D 23 2.60 -49.30 31.52
C GLU D 23 2.33 -49.27 30.00
N GLU D 24 1.03 -49.34 29.62
CA GLU D 24 0.58 -49.29 28.21
C GLU D 24 0.81 -47.86 27.62
N PHE D 25 0.35 -46.85 28.39
CA PHE D 25 0.43 -45.44 28.07
C PHE D 25 1.87 -44.95 27.79
N ARG D 26 2.87 -45.46 28.54
CA ARG D 26 4.27 -45.04 28.44
C ARG D 26 4.83 -44.96 27.00
N ASN D 27 4.61 -45.96 26.14
CA ASN D 27 5.12 -45.88 24.76
C ASN D 27 4.01 -45.41 23.83
N PHE D 28 4.09 -44.12 23.41
CA PHE D 28 3.12 -43.46 22.53
C PHE D 28 2.94 -44.20 21.23
N SER D 29 4.05 -44.36 20.46
CA SER D 29 4.07 -45.02 19.16
C SER D 29 3.50 -46.46 19.24
N ARG D 30 3.90 -47.22 20.27
CA ARG D 30 3.40 -48.58 20.50
C ARG D 30 1.89 -48.55 20.70
N TYR D 31 1.36 -47.54 21.45
CA TYR D 31 -0.08 -47.44 21.72
C TYR D 31 -0.89 -47.08 20.50
N ILE D 32 -0.36 -46.20 19.61
CA ILE D 32 -1.07 -45.87 18.34
C ILE D 32 -1.16 -47.16 17.46
N ALA D 33 -0.09 -47.96 17.48
CA ALA D 33 0.04 -49.23 16.78
C ALA D 33 -0.96 -50.22 17.35
N TYR D 34 -1.18 -50.18 18.69
CA TYR D 34 -2.13 -51.05 19.39
C TYR D 34 -3.58 -50.73 19.01
N ILE D 35 -3.98 -49.44 19.07
CA ILE D 35 -5.36 -49.03 18.76
C ILE D 35 -5.72 -49.30 17.29
N GLU D 36 -4.74 -49.23 16.36
CA GLU D 36 -4.92 -49.55 14.94
C GLU D 36 -5.06 -51.07 14.76
N SER D 37 -4.46 -51.86 15.67
CA SER D 37 -4.62 -53.32 15.69
C SER D 37 -6.07 -53.69 16.13
N GLN D 38 -6.75 -52.75 16.82
CA GLN D 38 -8.13 -52.89 17.33
C GLN D 38 -9.18 -52.35 16.34
N GLY D 39 -8.72 -51.66 15.28
CA GLY D 39 -9.58 -51.10 14.24
C GLY D 39 -10.04 -49.67 14.46
N ALA D 40 -9.38 -48.92 15.38
CA ALA D 40 -9.70 -47.53 15.73
C ALA D 40 -9.59 -46.60 14.57
N HIS D 41 -8.60 -46.86 13.71
CA HIS D 41 -8.29 -46.01 12.58
C HIS D 41 -9.39 -45.93 11.54
N ARG D 42 -10.25 -46.94 11.45
CA ARG D 42 -11.35 -47.02 10.48
C ARG D 42 -12.40 -45.94 10.63
N ALA D 43 -12.61 -45.47 11.87
CA ALA D 43 -13.56 -44.40 12.21
C ALA D 43 -13.00 -43.04 11.82
N GLY D 44 -11.67 -42.94 11.81
CA GLY D 44 -10.92 -41.75 11.48
C GLY D 44 -10.59 -40.89 12.71
N LEU D 45 -11.18 -41.24 13.85
CA LEU D 45 -11.08 -40.52 15.11
C LEU D 45 -11.23 -41.51 16.27
N ALA D 46 -10.34 -41.42 17.27
CA ALA D 46 -10.37 -42.26 18.48
C ALA D 46 -10.11 -41.41 19.73
N LYS D 47 -10.69 -41.83 20.88
CA LYS D 47 -10.49 -41.16 22.15
C LYS D 47 -9.61 -42.03 23.05
N VAL D 48 -8.62 -41.42 23.70
CA VAL D 48 -7.74 -42.13 24.62
C VAL D 48 -7.79 -41.42 25.98
N VAL D 49 -8.23 -42.15 27.01
CA VAL D 49 -8.35 -41.62 28.35
C VAL D 49 -7.12 -42.05 29.13
N PRO D 50 -6.25 -41.08 29.46
CA PRO D 50 -5.00 -41.40 30.18
C PRO D 50 -5.21 -41.92 31.60
N PRO D 51 -4.24 -42.68 32.19
CA PRO D 51 -4.39 -43.12 33.59
C PRO D 51 -4.58 -41.94 34.53
N LYS D 52 -5.38 -42.12 35.62
CA LYS D 52 -5.68 -41.07 36.60
C LYS D 52 -4.41 -40.44 37.19
N GLU D 53 -3.38 -41.28 37.41
CA GLU D 53 -2.06 -40.93 37.95
C GLU D 53 -1.21 -40.06 37.00
N TRP D 54 -1.73 -39.77 35.77
CA TRP D 54 -1.04 -38.96 34.76
C TRP D 54 -1.64 -37.56 34.63
N LYS D 55 -0.78 -36.54 34.80
CA LYS D 55 -1.05 -35.10 34.72
C LYS D 55 0.09 -34.45 33.87
N PRO D 56 -0.18 -33.72 32.76
CA PRO D 56 0.91 -33.09 32.01
C PRO D 56 1.44 -31.81 32.68
N ARG D 57 0.69 -31.29 33.66
CA ARG D 57 1.01 -30.07 34.39
C ARG D 57 0.31 -30.18 35.74
N ALA D 58 0.96 -29.64 36.80
CA ALA D 58 0.44 -29.66 38.17
C ALA D 58 -0.82 -28.81 38.39
N SER D 59 -0.86 -27.58 37.80
CA SER D 59 -1.98 -26.63 37.88
C SER D 59 -1.92 -25.65 36.69
N TYR D 60 -3.07 -25.10 36.29
CA TYR D 60 -3.18 -24.13 35.18
C TYR D 60 -3.49 -22.68 35.70
N ASP D 61 -3.00 -22.36 36.93
CA ASP D 61 -3.19 -21.08 37.60
C ASP D 61 -2.19 -19.97 37.17
N ASP D 62 -1.14 -20.35 36.46
CA ASP D 62 -0.03 -19.47 36.05
C ASP D 62 -0.02 -19.11 34.56
N ILE D 63 -1.09 -19.41 33.84
CA ILE D 63 -1.11 -19.11 32.40
C ILE D 63 -1.92 -17.84 32.05
N ASP D 64 -2.29 -17.03 33.04
CA ASP D 64 -3.08 -15.82 32.80
C ASP D 64 -2.40 -14.78 31.95
N ASP D 65 -1.06 -14.67 32.05
CA ASP D 65 -0.23 -13.70 31.32
C ASP D 65 0.25 -14.19 29.96
N LEU D 66 -0.11 -15.44 29.60
CA LEU D 66 0.26 -16.07 28.33
C LEU D 66 -0.44 -15.33 27.16
N VAL D 67 0.30 -15.00 26.11
CA VAL D 67 -0.25 -14.27 24.99
C VAL D 67 -0.69 -15.08 23.78
N ILE D 68 -1.87 -14.73 23.30
CA ILE D 68 -2.44 -15.31 22.10
C ILE D 68 -2.22 -14.16 21.16
N PRO D 69 -1.28 -14.32 20.24
CA PRO D 69 -0.90 -13.22 19.32
C PRO D 69 -1.89 -12.85 18.21
N ALA D 70 -2.62 -13.83 17.67
CA ALA D 70 -3.56 -13.60 16.60
C ALA D 70 -4.95 -14.23 16.84
N PRO D 71 -5.77 -13.64 17.74
CA PRO D 71 -7.11 -14.18 17.95
C PRO D 71 -7.94 -13.98 16.69
N ILE D 72 -8.70 -14.98 16.26
CA ILE D 72 -9.53 -14.90 15.08
C ILE D 72 -11.01 -14.77 15.45
N GLN D 73 -11.71 -13.78 14.87
CA GLN D 73 -13.15 -13.63 15.03
C GLN D 73 -13.79 -14.40 13.88
N GLN D 74 -14.58 -15.41 14.21
CA GLN D 74 -15.18 -16.34 13.25
C GLN D 74 -16.55 -15.90 12.74
N LEU D 75 -16.59 -15.42 11.50
CA LEU D 75 -17.82 -14.99 10.83
C LEU D 75 -18.39 -16.13 9.97
N VAL D 76 -19.62 -16.58 10.22
CA VAL D 76 -20.19 -17.69 9.45
C VAL D 76 -21.38 -17.21 8.60
N THR D 77 -21.35 -17.58 7.33
CA THR D 77 -22.39 -17.26 6.35
C THR D 77 -23.00 -18.57 5.86
N GLY D 78 -24.32 -18.59 5.67
CA GLY D 78 -25.01 -19.77 5.17
C GLY D 78 -26.39 -20.00 5.69
N GLN D 79 -26.96 -21.13 5.28
CA GLN D 79 -28.30 -21.59 5.65
C GLN D 79 -28.42 -23.05 5.30
N SER D 80 -29.51 -23.69 5.79
CA SER D 80 -29.92 -25.07 5.48
C SER D 80 -28.78 -26.10 5.56
N GLY D 81 -28.04 -26.03 6.68
CA GLY D 81 -26.95 -26.93 7.01
C GLY D 81 -25.63 -26.73 6.31
N LEU D 82 -25.54 -25.78 5.36
CA LEU D 82 -24.32 -25.47 4.59
C LEU D 82 -23.86 -24.06 4.84
N PHE D 83 -22.68 -23.93 5.42
CA PHE D 83 -22.04 -22.66 5.85
C PHE D 83 -20.57 -22.51 5.45
N THR D 84 -20.09 -21.27 5.46
CA THR D 84 -18.71 -20.88 5.18
C THR D 84 -18.25 -19.98 6.30
N GLN D 85 -17.11 -20.32 6.90
CA GLN D 85 -16.50 -19.58 7.99
C GLN D 85 -15.36 -18.68 7.47
N TYR D 86 -15.45 -17.42 7.76
CA TYR D 86 -14.47 -16.38 7.42
C TYR D 86 -13.77 -15.96 8.72
N ASN D 87 -12.46 -15.85 8.67
CA ASN D 87 -11.68 -15.51 9.86
C ASN D 87 -11.19 -14.09 9.73
N ILE D 88 -11.44 -13.29 10.77
CA ILE D 88 -10.99 -11.90 10.87
C ILE D 88 -9.99 -11.85 12.02
N GLN D 89 -8.72 -11.47 11.74
CA GLN D 89 -7.69 -11.36 12.79
C GLN D 89 -7.92 -10.16 13.69
N LYS D 90 -7.76 -10.37 15.00
CA LYS D 90 -7.94 -9.35 16.03
C LYS D 90 -6.59 -9.07 16.72
N LYS D 91 -6.52 -7.99 17.51
CA LYS D 91 -5.29 -7.62 18.23
C LYS D 91 -4.93 -8.70 19.26
N ALA D 92 -3.62 -8.86 19.54
CA ALA D 92 -3.12 -9.85 20.50
C ALA D 92 -3.72 -9.64 21.87
N MET D 93 -3.85 -10.74 22.63
CA MET D 93 -4.40 -10.68 23.99
C MET D 93 -3.94 -11.81 24.87
N THR D 94 -4.02 -11.59 26.19
CA THR D 94 -3.63 -12.57 27.21
C THR D 94 -4.79 -13.53 27.47
N VAL D 95 -4.51 -14.65 28.14
CA VAL D 95 -5.54 -15.63 28.45
C VAL D 95 -6.48 -15.04 29.50
N ARG D 96 -5.98 -14.09 30.34
CA ARG D 96 -6.78 -13.37 31.33
C ARG D 96 -7.87 -12.58 30.61
N GLU D 97 -7.43 -11.78 29.58
CA GLU D 97 -8.25 -10.95 28.70
C GLU D 97 -9.31 -11.84 27.99
N PHE D 98 -8.87 -12.99 27.36
CA PHE D 98 -9.71 -13.95 26.62
C PHE D 98 -10.76 -14.59 27.51
N ARG D 99 -10.34 -15.21 28.63
CA ARG D 99 -11.26 -15.83 29.61
C ARG D 99 -12.40 -14.86 30.06
N LYS D 100 -12.08 -13.54 30.26
CA LYS D 100 -13.08 -12.51 30.60
C LYS D 100 -14.16 -12.40 29.50
N ILE D 101 -13.76 -12.37 28.20
CA ILE D 101 -14.66 -12.30 27.04
C ILE D 101 -15.43 -13.65 26.90
N ALA D 102 -14.71 -14.79 27.01
CA ALA D 102 -15.28 -16.14 26.92
C ALA D 102 -16.43 -16.34 27.89
N ASN D 103 -16.26 -15.95 29.16
CA ASN D 103 -17.25 -16.10 30.23
C ASN D 103 -18.24 -14.91 30.36
N SER D 104 -18.00 -13.81 29.60
CA SER D 104 -18.88 -12.63 29.56
C SER D 104 -20.31 -12.98 29.15
N ASP D 105 -21.28 -12.12 29.50
CA ASP D 105 -22.71 -12.28 29.17
C ASP D 105 -22.93 -12.50 27.66
N LYS D 106 -22.18 -11.73 26.83
CA LYS D 106 -22.26 -11.76 25.39
C LYS D 106 -21.87 -13.11 24.78
N TYR D 107 -20.74 -13.68 25.22
CA TYR D 107 -20.18 -14.88 24.61
C TYR D 107 -20.29 -16.18 25.39
N CYS D 108 -20.79 -16.18 26.63
CA CYS D 108 -20.90 -17.42 27.41
C CYS D 108 -21.91 -18.45 26.83
N THR D 109 -21.69 -19.74 27.18
CA THR D 109 -22.47 -20.91 26.76
C THR D 109 -23.92 -20.74 27.21
N PRO D 110 -24.93 -21.14 26.38
CA PRO D 110 -26.32 -21.06 26.82
C PRO D 110 -26.63 -22.10 27.91
N ARG D 111 -27.73 -21.89 28.69
CA ARG D 111 -28.15 -22.84 29.72
C ARG D 111 -28.76 -24.04 28.97
N TYR D 112 -28.37 -25.26 29.32
CA TYR D 112 -28.86 -26.44 28.62
C TYR D 112 -28.91 -27.69 29.49
N SER D 113 -29.81 -28.61 29.19
CA SER D 113 -29.94 -29.83 29.96
C SER D 113 -29.24 -31.06 29.38
N GLU D 114 -29.27 -31.22 28.06
CA GLU D 114 -28.66 -32.35 27.40
C GLU D 114 -27.79 -31.86 26.26
N PHE D 115 -26.81 -32.66 25.84
CA PHE D 115 -25.92 -32.24 24.77
C PHE D 115 -26.68 -32.00 23.46
N GLU D 116 -27.57 -32.92 23.14
CA GLU D 116 -28.38 -32.80 21.93
C GLU D 116 -28.97 -31.37 21.81
N GLU D 117 -29.40 -30.73 22.95
CA GLU D 117 -29.94 -29.36 23.00
C GLU D 117 -28.86 -28.32 22.68
N LEU D 118 -27.63 -28.49 23.19
CA LEU D 118 -26.55 -27.56 22.94
C LEU D 118 -26.09 -27.64 21.48
N GLU D 119 -26.06 -28.87 20.93
CA GLU D 119 -25.71 -29.14 19.54
C GLU D 119 -26.79 -28.52 18.62
N ARG D 120 -28.03 -28.46 19.06
CA ARG D 120 -29.13 -27.83 18.31
C ARG D 120 -28.98 -26.32 18.30
N LYS D 121 -28.65 -25.74 19.47
CA LYS D 121 -28.37 -24.33 19.74
C LYS D 121 -27.18 -23.86 18.92
N TYR D 122 -26.13 -24.71 18.77
CA TYR D 122 -24.94 -24.37 17.98
C TYR D 122 -25.29 -24.18 16.51
N TRP D 123 -25.91 -25.20 15.90
CA TRP D 123 -26.32 -25.23 14.49
C TRP D 123 -27.45 -24.18 14.18
N LYS D 124 -28.23 -23.76 15.20
CA LYS D 124 -29.27 -22.75 15.01
C LYS D 124 -28.67 -21.34 15.06
N ASN D 125 -27.59 -21.13 15.86
CA ASN D 125 -27.02 -19.81 16.08
C ASN D 125 -25.59 -19.59 15.60
N LEU D 126 -25.03 -20.45 14.72
CA LEU D 126 -23.62 -20.23 14.33
C LEU D 126 -23.40 -19.03 13.40
N THR D 127 -24.46 -18.49 12.73
CA THR D 127 -24.29 -17.31 11.88
C THR D 127 -24.47 -15.99 12.67
N PHE D 128 -24.80 -16.09 13.98
CA PHE D 128 -25.07 -14.96 14.87
C PHE D 128 -23.96 -14.74 15.90
N ASN D 129 -23.85 -13.50 16.45
CA ASN D 129 -22.88 -13.10 17.47
C ASN D 129 -21.51 -13.77 17.30
N PRO D 130 -20.77 -13.47 16.19
CA PRO D 130 -19.49 -14.17 15.92
C PRO D 130 -18.52 -14.26 17.09
N PRO D 131 -18.08 -15.49 17.45
CA PRO D 131 -17.17 -15.63 18.59
C PRO D 131 -15.72 -15.36 18.19
N ILE D 132 -14.81 -15.36 19.19
CA ILE D 132 -13.37 -15.17 19.02
C ILE D 132 -12.68 -16.50 19.41
N TYR D 133 -11.84 -17.01 18.51
CA TYR D 133 -11.06 -18.23 18.74
C TYR D 133 -9.58 -17.86 18.93
N GLY D 134 -9.03 -18.19 20.10
CA GLY D 134 -7.62 -18.00 20.42
C GLY D 134 -6.85 -19.18 19.86
N ALA D 135 -6.81 -19.28 18.52
CA ALA D 135 -6.22 -20.36 17.76
C ALA D 135 -4.80 -20.14 17.31
N ASP D 136 -4.10 -21.26 17.03
CA ASP D 136 -2.76 -21.40 16.46
C ASP D 136 -1.67 -20.68 17.25
N VAL D 137 -1.76 -20.76 18.57
CA VAL D 137 -0.78 -20.13 19.48
C VAL D 137 0.39 -21.13 19.58
N ASN D 138 1.60 -20.69 19.26
CA ASN D 138 2.81 -21.51 19.42
C ASN D 138 3.14 -21.71 20.90
N GLY D 139 3.05 -22.97 21.36
CA GLY D 139 3.32 -23.30 22.75
C GLY D 139 2.82 -24.63 23.25
N THR D 140 3.18 -24.93 24.50
CA THR D 140 2.79 -26.14 25.20
C THR D 140 2.40 -25.80 26.62
N LEU D 141 1.57 -26.62 27.23
CA LEU D 141 1.24 -26.43 28.64
C LEU D 141 1.77 -27.60 29.43
N TYR D 142 2.63 -28.42 28.78
CA TYR D 142 3.30 -29.55 29.40
C TYR D 142 4.49 -29.06 30.20
N GLU D 143 4.75 -29.70 31.34
CA GLU D 143 5.91 -29.40 32.15
C GLU D 143 7.11 -30.07 31.46
N LYS D 144 8.29 -29.46 31.58
CA LYS D 144 9.52 -29.89 30.92
C LYS D 144 9.87 -31.39 31.08
N HIS D 145 9.65 -31.96 32.30
CA HIS D 145 9.98 -33.34 32.68
C HIS D 145 9.04 -34.47 32.10
N VAL D 146 7.77 -34.13 31.73
CA VAL D 146 6.77 -35.05 31.19
C VAL D 146 7.29 -35.80 29.96
N ASP D 147 7.54 -37.10 30.11
CA ASP D 147 8.07 -37.92 29.03
C ASP D 147 7.01 -38.72 28.27
N GLU D 148 5.81 -38.88 28.84
CA GLU D 148 4.73 -39.66 28.23
C GLU D 148 3.77 -38.75 27.47
N TRP D 149 3.54 -39.04 26.18
CA TRP D 149 2.60 -38.33 25.30
C TRP D 149 2.78 -36.83 25.30
N ASN D 150 4.03 -36.40 25.15
CA ASN D 150 4.33 -34.99 25.10
C ASN D 150 4.15 -34.54 23.69
N ILE D 151 3.20 -33.65 23.48
CA ILE D 151 2.90 -33.11 22.18
C ILE D 151 4.09 -32.36 21.60
N GLY D 152 4.82 -31.69 22.47
CA GLY D 152 5.99 -30.93 22.06
C GLY D 152 7.04 -31.81 21.45
N ARG D 153 7.23 -33.00 22.00
CA ARG D 153 8.22 -33.93 21.48
C ARG D 153 7.75 -35.38 21.34
N LEU D 154 6.90 -35.65 20.36
CA LEU D 154 6.41 -37.01 20.15
C LEU D 154 7.46 -38.04 19.71
N ARG D 155 8.39 -37.62 18.86
CA ARG D 155 9.44 -38.52 18.37
C ARG D 155 9.00 -39.60 17.35
N THR D 156 8.03 -39.26 16.52
CA THR D 156 7.52 -40.16 15.49
C THR D 156 8.45 -39.98 14.27
N ILE D 157 8.22 -40.71 13.16
CA ILE D 157 9.06 -40.55 11.96
C ILE D 157 8.88 -39.15 11.34
N LEU D 158 7.79 -38.42 11.69
CA LEU D 158 7.56 -37.06 11.18
C LEU D 158 8.78 -36.16 11.45
N ASP D 159 9.57 -36.51 12.47
CA ASP D 159 10.80 -35.83 12.87
C ASP D 159 11.84 -35.78 11.74
N LEU D 160 11.72 -36.65 10.72
CA LEU D 160 12.60 -36.72 9.54
C LEU D 160 12.56 -35.46 8.70
N VAL D 161 11.40 -34.77 8.66
CA VAL D 161 11.23 -33.52 7.94
C VAL D 161 12.24 -32.48 8.48
N GLU D 162 12.27 -32.26 9.83
CA GLU D 162 13.19 -31.33 10.49
C GLU D 162 14.64 -31.86 10.53
N LYS D 163 14.81 -33.17 10.82
CA LYS D 163 16.12 -33.85 10.91
C LYS D 163 16.86 -33.94 9.57
N GLU D 164 16.13 -34.09 8.43
CA GLU D 164 16.70 -34.28 7.09
C GLU D 164 16.15 -33.30 5.98
N SER D 165 15.67 -32.08 6.39
CA SER D 165 15.16 -31.00 5.49
C SER D 165 15.25 -29.63 6.18
N GLY D 171 7.27 -27.03 9.65
CA GLY D 171 7.03 -26.53 11.01
C GLY D 171 5.77 -27.07 11.70
N VAL D 172 5.28 -28.25 11.25
CA VAL D 172 4.09 -28.91 11.81
C VAL D 172 4.47 -30.02 12.83
N ASN D 173 5.75 -30.03 13.25
N ASN D 173 5.76 -30.04 13.26
CA ASN D 173 6.35 -30.92 14.24
CA ASN D 173 6.29 -30.97 14.26
C ASN D 173 6.25 -30.28 15.64
C ASN D 173 6.20 -30.29 15.65
N THR D 174 5.80 -28.99 15.66
CA THR D 174 5.67 -28.15 16.86
C THR D 174 4.22 -28.13 17.46
N PRO D 175 4.05 -27.82 18.79
CA PRO D 175 2.69 -27.78 19.34
C PRO D 175 2.00 -26.42 19.24
N TYR D 176 0.67 -26.49 19.11
CA TYR D 176 -0.19 -25.33 18.98
C TYR D 176 -1.26 -25.41 20.02
N LEU D 177 -1.56 -24.26 20.64
CA LEU D 177 -2.59 -24.12 21.66
C LEU D 177 -3.82 -23.45 21.04
N TYR D 178 -4.99 -23.86 21.52
CA TYR D 178 -6.30 -23.37 21.08
C TYR D 178 -7.14 -23.04 22.32
N PHE D 179 -7.35 -21.75 22.54
CA PHE D 179 -8.16 -21.24 23.62
C PHE D 179 -9.50 -20.98 22.98
N GLY D 180 -10.46 -21.81 23.38
CA GLY D 180 -11.79 -21.74 22.81
C GLY D 180 -12.79 -21.07 23.71
N MET D 181 -13.91 -20.68 23.10
CA MET D 181 -15.06 -20.12 23.75
C MET D 181 -16.27 -20.71 23.05
N TRP D 182 -17.48 -20.62 23.65
CA TRP D 182 -18.70 -21.18 23.10
C TRP D 182 -18.89 -20.81 21.60
N LYS D 183 -19.27 -21.82 20.76
CA LYS D 183 -19.59 -21.73 19.31
C LYS D 183 -18.36 -21.55 18.38
N THR D 184 -17.14 -21.57 18.94
CA THR D 184 -15.96 -21.47 18.09
C THR D 184 -15.83 -22.84 17.55
N SER D 185 -15.58 -22.94 16.25
CA SER D 185 -15.54 -24.23 15.61
C SER D 185 -14.49 -24.41 14.55
N PHE D 186 -14.24 -25.66 14.21
CA PHE D 186 -13.32 -25.98 13.17
C PHE D 186 -14.09 -26.69 12.08
N ALA D 187 -13.83 -26.28 10.85
CA ALA D 187 -14.47 -26.79 9.66
C ALA D 187 -13.97 -28.16 9.26
N TRP D 188 -14.68 -28.80 8.35
CA TRP D 188 -14.32 -30.11 7.86
C TRP D 188 -12.99 -30.08 7.17
N HIS D 189 -12.12 -31.01 7.52
CA HIS D 189 -10.81 -31.07 6.93
C HIS D 189 -10.09 -32.34 7.29
N THR D 190 -8.94 -32.55 6.64
CA THR D 190 -8.06 -33.66 6.92
C THR D 190 -6.79 -32.93 7.26
N GLU D 191 -5.86 -33.58 7.94
CA GLU D 191 -4.61 -32.90 8.34
C GLU D 191 -3.74 -32.54 7.13
N ASP D 192 -2.77 -31.64 7.32
CA ASP D 192 -1.90 -31.29 6.19
C ASP D 192 -1.09 -32.54 5.82
N MET D 193 -1.01 -32.84 4.51
CA MET D 193 -0.35 -34.02 3.95
C MET D 193 -1.01 -35.33 4.39
N ASP D 194 -2.28 -35.25 4.83
CA ASP D 194 -3.11 -36.34 5.34
C ASP D 194 -2.40 -37.09 6.46
N LEU D 195 -1.82 -36.31 7.39
CA LEU D 195 -1.07 -36.80 8.55
C LEU D 195 -2.04 -37.18 9.66
N TYR D 196 -1.52 -37.70 10.77
CA TYR D 196 -2.28 -38.02 11.99
C TYR D 196 -2.23 -36.75 12.81
N SER D 197 -3.07 -36.67 13.85
CA SER D 197 -3.04 -35.55 14.78
C SER D 197 -3.35 -36.04 16.20
N ILE D 198 -2.76 -35.35 17.18
CA ILE D 198 -3.02 -35.59 18.58
C ILE D 198 -3.63 -34.32 19.12
N ASN D 199 -4.69 -34.46 19.94
CA ASN D 199 -5.37 -33.31 20.54
C ASN D 199 -5.71 -33.61 22.01
N TYR D 200 -5.09 -32.87 22.95
CA TYR D 200 -5.32 -33.00 24.40
C TYR D 200 -6.04 -31.78 24.94
N LEU D 201 -7.16 -32.03 25.61
CA LEU D 201 -7.95 -30.95 26.18
C LEU D 201 -7.41 -30.76 27.58
N HIS D 202 -6.64 -29.68 27.79
CA HIS D 202 -5.98 -29.39 29.06
C HIS D 202 -6.94 -29.13 30.19
N PHE D 203 -7.92 -28.25 29.93
CA PHE D 203 -8.92 -27.88 30.93
C PHE D 203 -10.12 -27.24 30.24
N GLY D 204 -11.17 -26.99 31.02
CA GLY D 204 -12.33 -26.26 30.56
C GLY D 204 -13.50 -27.05 30.05
N GLU D 205 -14.40 -26.32 29.37
CA GLU D 205 -15.63 -26.88 28.81
C GLU D 205 -15.36 -27.84 27.67
N PRO D 206 -16.24 -28.83 27.38
CA PRO D 206 -15.94 -29.80 26.30
C PRO D 206 -15.72 -29.25 24.88
N LYS D 207 -15.26 -30.16 24.00
CA LYS D 207 -15.07 -29.97 22.56
C LYS D 207 -15.85 -31.06 21.83
N SER D 208 -16.86 -30.69 21.04
CA SER D 208 -17.57 -31.73 20.28
C SER D 208 -17.00 -31.93 18.89
N TRP D 209 -16.85 -33.21 18.51
CA TRP D 209 -16.28 -33.68 17.25
C TRP D 209 -17.27 -34.45 16.43
N TYR D 210 -17.08 -34.40 15.09
CA TYR D 210 -17.80 -35.14 14.05
C TYR D 210 -16.72 -35.73 13.17
N SER D 211 -16.92 -36.93 12.67
CA SER D 211 -15.94 -37.57 11.79
C SER D 211 -16.56 -38.49 10.74
N VAL D 212 -15.98 -38.44 9.50
CA VAL D 212 -16.34 -39.29 8.39
C VAL D 212 -15.25 -40.36 8.30
N PRO D 213 -15.59 -41.69 8.31
CA PRO D 213 -14.56 -42.73 8.21
C PRO D 213 -13.74 -42.59 6.92
N PRO D 214 -12.40 -42.76 6.95
CA PRO D 214 -11.60 -42.58 5.73
C PRO D 214 -12.12 -43.33 4.48
N GLU D 215 -12.65 -44.55 4.62
CA GLU D 215 -13.20 -45.29 3.47
C GLU D 215 -14.42 -44.61 2.80
N HIS D 216 -15.02 -43.61 3.47
CA HIS D 216 -16.15 -42.81 3.00
C HIS D 216 -15.80 -41.31 2.79
N GLY D 217 -14.53 -40.97 2.96
CA GLY D 217 -13.98 -39.64 2.81
C GLY D 217 -14.25 -39.03 1.45
N LYS D 218 -14.16 -39.85 0.38
CA LYS D 218 -14.39 -39.42 -1.01
C LYS D 218 -15.85 -39.03 -1.27
N ARG D 219 -16.78 -39.60 -0.47
CA ARG D 219 -18.21 -39.30 -0.51
C ARG D 219 -18.46 -37.90 0.07
N LEU D 220 -17.77 -37.54 1.14
CA LEU D 220 -17.91 -36.20 1.73
C LEU D 220 -17.39 -35.19 0.74
N GLU D 221 -16.24 -35.51 0.09
CA GLU D 221 -15.61 -34.68 -0.94
C GLU D 221 -16.58 -34.43 -2.10
N ARG D 222 -17.24 -35.50 -2.61
CA ARG D 222 -18.20 -35.43 -3.70
C ARG D 222 -19.35 -34.51 -3.36
N LEU D 223 -19.89 -34.66 -2.15
CA LEU D 223 -20.99 -33.85 -1.61
C LEU D 223 -20.62 -32.37 -1.59
N ALA D 224 -19.49 -32.02 -0.93
CA ALA D 224 -18.95 -30.66 -0.80
C ALA D 224 -18.78 -29.98 -2.16
N LYS D 225 -18.18 -30.69 -3.15
CA LYS D 225 -17.96 -30.17 -4.52
C LYS D 225 -19.28 -29.89 -5.23
N GLY D 226 -20.33 -30.61 -4.84
CA GLY D 226 -21.65 -30.43 -5.39
C GLY D 226 -22.29 -29.16 -4.87
N PHE D 227 -22.02 -28.85 -3.59
CA PHE D 227 -22.56 -27.69 -2.88
C PHE D 227 -21.82 -26.40 -3.14
N PHE D 228 -20.50 -26.47 -3.34
CA PHE D 228 -19.67 -25.31 -3.60
C PHE D 228 -18.87 -25.55 -4.90
N PRO D 229 -19.57 -25.57 -6.08
CA PRO D 229 -18.86 -25.84 -7.34
C PRO D 229 -17.87 -24.74 -7.75
N GLY D 230 -18.11 -23.51 -7.29
CA GLY D 230 -17.27 -22.35 -7.57
C GLY D 230 -15.90 -22.53 -6.96
N SER D 231 -15.89 -22.89 -5.66
CA SER D 231 -14.70 -23.17 -4.84
C SER D 231 -13.91 -24.35 -5.42
N ALA D 232 -14.64 -25.38 -5.92
CA ALA D 232 -14.07 -26.59 -6.51
C ALA D 232 -13.32 -26.31 -7.82
N GLN D 233 -13.83 -25.34 -8.62
CA GLN D 233 -13.18 -24.96 -9.87
C GLN D 233 -11.91 -24.15 -9.63
N SER D 234 -11.88 -23.40 -8.50
CA SER D 234 -10.76 -22.54 -8.09
C SER D 234 -9.63 -23.33 -7.41
N CYS D 235 -9.97 -24.39 -6.66
CA CYS D 235 -9.06 -25.29 -5.94
C CYS D 235 -9.68 -26.68 -5.83
N GLU D 236 -8.94 -27.71 -6.23
CA GLU D 236 -9.38 -29.12 -6.14
C GLU D 236 -9.55 -29.53 -4.66
N ALA D 237 -8.59 -29.09 -3.82
CA ALA D 237 -8.55 -29.34 -2.39
C ALA D 237 -9.05 -28.13 -1.56
N PHE D 238 -10.24 -27.56 -1.89
CA PHE D 238 -10.78 -26.39 -1.19
C PHE D 238 -11.14 -26.68 0.27
N LEU D 239 -11.40 -27.95 0.62
CA LEU D 239 -11.73 -28.29 2.00
C LEU D 239 -10.54 -28.04 2.91
N ARG D 240 -9.32 -27.93 2.31
CA ARG D 240 -8.05 -27.65 3.02
C ARG D 240 -7.99 -26.21 3.53
N HIS D 241 -8.84 -25.32 2.96
CA HIS D 241 -8.95 -23.92 3.36
C HIS D 241 -9.56 -23.78 4.75
N LYS D 242 -10.21 -24.87 5.26
CA LYS D 242 -10.86 -24.97 6.58
C LYS D 242 -11.92 -23.89 6.77
N MET D 243 -12.88 -23.83 5.85
CA MET D 243 -13.95 -22.81 5.90
C MET D 243 -15.32 -23.44 5.72
N THR D 244 -15.39 -24.74 5.30
CA THR D 244 -16.66 -25.43 5.02
C THR D 244 -17.24 -26.08 6.26
N LEU D 245 -18.46 -25.66 6.64
CA LEU D 245 -19.20 -26.27 7.77
C LEU D 245 -20.42 -26.95 7.18
N ILE D 246 -20.55 -28.26 7.39
CA ILE D 246 -21.67 -29.06 6.93
C ILE D 246 -22.31 -29.68 8.19
N SER D 247 -23.61 -29.43 8.40
CA SER D 247 -24.39 -29.91 9.53
C SER D 247 -24.50 -31.46 9.53
N PRO D 248 -24.51 -32.13 10.71
CA PRO D 248 -24.71 -33.60 10.72
C PRO D 248 -25.99 -34.05 10.01
N LEU D 249 -27.05 -33.18 10.02
CA LEU D 249 -28.36 -33.38 9.37
C LEU D 249 -28.24 -33.38 7.86
N MET D 250 -27.36 -32.53 7.32
CA MET D 250 -27.02 -32.41 5.89
C MET D 250 -26.34 -33.71 5.41
N LEU D 251 -25.41 -34.25 6.23
CA LEU D 251 -24.72 -35.52 5.97
C LEU D 251 -25.74 -36.68 5.98
N LYS D 252 -26.52 -36.79 7.10
CA LYS D 252 -27.57 -37.79 7.31
C LYS D 252 -28.53 -37.79 6.09
N LYS D 253 -28.99 -36.58 5.65
CA LYS D 253 -29.85 -36.42 4.48
C LYS D 253 -29.26 -37.06 3.20
N TYR D 254 -27.95 -36.90 2.97
CA TYR D 254 -27.33 -37.43 1.76
C TYR D 254 -26.62 -38.77 1.97
N GLY D 255 -26.90 -39.42 3.09
CA GLY D 255 -26.37 -40.75 3.39
C GLY D 255 -24.88 -40.86 3.62
N ILE D 256 -24.25 -39.76 4.06
CA ILE D 256 -22.82 -39.77 4.36
C ILE D 256 -22.70 -40.40 5.75
N PRO D 257 -21.95 -41.53 5.93
CA PRO D 257 -21.81 -42.09 7.28
C PRO D 257 -20.84 -41.23 8.08
N PHE D 258 -21.21 -40.98 9.34
CA PHE D 258 -20.42 -40.17 10.27
C PHE D 258 -20.71 -40.58 11.71
N ASP D 259 -19.86 -40.17 12.65
CA ASP D 259 -20.03 -40.42 14.07
C ASP D 259 -19.71 -39.15 14.84
N LYS D 260 -20.31 -39.00 16.03
CA LYS D 260 -20.00 -37.88 16.90
C LYS D 260 -19.43 -38.38 18.23
N VAL D 261 -18.68 -37.52 18.90
CA VAL D 261 -18.02 -37.77 20.18
C VAL D 261 -17.77 -36.42 20.85
N THR D 262 -17.90 -36.36 22.17
CA THR D 262 -17.57 -35.19 22.94
C THR D 262 -16.30 -35.51 23.73
N GLN D 263 -15.29 -34.66 23.60
CA GLN D 263 -14.03 -34.74 24.31
C GLN D 263 -14.17 -33.83 25.53
N GLU D 264 -13.78 -34.35 26.71
CA GLU D 264 -13.81 -33.62 27.97
C GLU D 264 -12.40 -33.39 28.44
N ALA D 265 -12.22 -32.43 29.38
CA ALA D 265 -10.90 -32.10 29.89
C ALA D 265 -10.16 -33.34 30.41
N GLY D 266 -8.88 -33.45 30.08
CA GLY D 266 -8.00 -34.55 30.46
C GLY D 266 -8.07 -35.74 29.53
N GLU D 267 -8.70 -35.59 28.36
CA GLU D 267 -8.84 -36.65 27.36
C GLU D 267 -8.10 -36.31 26.06
N PHE D 268 -7.63 -37.34 25.35
CA PHE D 268 -6.94 -37.23 24.08
C PHE D 268 -7.83 -37.64 22.92
N MET D 269 -7.67 -36.96 21.77
CA MET D 269 -8.37 -37.32 20.54
C MET D 269 -7.31 -37.53 19.47
N ILE D 270 -7.31 -38.73 18.85
CA ILE D 270 -6.37 -39.10 17.78
C ILE D 270 -7.15 -39.06 16.48
N THR D 271 -6.62 -38.36 15.47
CA THR D 271 -7.19 -38.30 14.12
C THR D 271 -6.20 -39.08 13.28
N PHE D 272 -6.73 -39.88 12.36
CA PHE D 272 -5.93 -40.78 11.54
C PHE D 272 -5.83 -40.26 10.11
N PRO D 273 -4.85 -40.76 9.31
CA PRO D 273 -4.73 -40.27 7.93
C PRO D 273 -6.01 -40.39 7.10
N TYR D 274 -6.43 -39.26 6.52
CA TYR D 274 -7.62 -39.11 5.65
C TYR D 274 -8.98 -39.13 6.43
N GLY D 275 -8.88 -38.96 7.75
CA GLY D 275 -10.03 -38.90 8.64
C GLY D 275 -10.59 -37.50 8.69
N TYR D 276 -11.69 -37.26 7.96
CA TYR D 276 -12.36 -35.96 7.91
C TYR D 276 -13.04 -35.68 9.21
N HIS D 277 -12.77 -34.50 9.79
CA HIS D 277 -13.31 -34.08 11.07
C HIS D 277 -13.63 -32.60 11.09
N ALA D 278 -14.48 -32.19 12.03
CA ALA D 278 -14.98 -30.85 12.28
C ALA D 278 -15.55 -30.95 13.67
N GLY D 279 -15.99 -29.85 14.22
CA GLY D 279 -16.54 -29.83 15.56
C GLY D 279 -16.60 -28.42 16.06
N PHE D 280 -16.89 -28.25 17.38
CA PHE D 280 -17.06 -26.96 18.08
C PHE D 280 -16.76 -27.05 19.57
N ASN D 281 -16.43 -25.88 20.15
CA ASN D 281 -16.12 -25.69 21.56
C ASN D 281 -17.35 -25.30 22.33
N HIS D 282 -17.63 -26.01 23.46
CA HIS D 282 -18.81 -25.75 24.31
C HIS D 282 -18.74 -24.46 25.10
N GLY D 283 -17.54 -24.09 25.50
CA GLY D 283 -17.27 -22.89 26.27
C GLY D 283 -15.77 -22.74 26.47
N PHE D 284 -15.37 -21.94 27.48
CA PHE D 284 -13.95 -21.66 27.74
C PHE D 284 -13.14 -22.92 28.05
N ASN D 285 -12.12 -23.16 27.20
CA ASN D 285 -11.22 -24.30 27.28
C ASN D 285 -9.86 -24.01 26.67
N CYS D 286 -9.02 -25.02 26.68
CA CYS D 286 -7.70 -24.97 26.10
C CYS D 286 -7.31 -26.36 25.68
N ALA D 287 -6.91 -26.47 24.41
CA ALA D 287 -6.48 -27.73 23.79
C ALA D 287 -5.14 -27.58 23.18
N GLU D 288 -4.29 -28.62 23.29
CA GLU D 288 -2.95 -28.63 22.70
C GLU D 288 -2.94 -29.64 21.57
N SER D 289 -2.30 -29.29 20.46
CA SER D 289 -2.33 -30.13 19.31
C SER D 289 -1.05 -30.07 18.50
N THR D 290 -0.82 -31.12 17.68
CA THR D 290 0.30 -31.33 16.73
C THR D 290 -0.03 -32.47 15.81
N ASN D 291 0.78 -32.59 14.72
CA ASN D 291 0.69 -33.67 13.74
C ASN D 291 1.77 -34.70 14.03
N PHE D 292 1.55 -35.95 13.65
CA PHE D 292 2.53 -37.03 13.84
C PHE D 292 2.35 -38.05 12.71
N ALA D 293 3.22 -39.08 12.64
CA ALA D 293 3.18 -40.08 11.58
C ALA D 293 3.58 -41.46 12.03
N THR D 294 3.18 -42.45 11.21
CA THR D 294 3.53 -43.87 11.35
C THR D 294 3.95 -44.29 9.94
N ARG D 295 4.53 -45.50 9.78
CA ARG D 295 4.93 -46.03 8.48
C ARG D 295 3.73 -46.07 7.51
N ARG D 296 2.51 -46.31 8.03
CA ARG D 296 1.24 -46.34 7.27
C ARG D 296 0.95 -44.99 6.58
N TRP D 297 1.36 -43.85 7.19
CA TRP D 297 1.12 -42.52 6.66
C TRP D 297 1.89 -42.23 5.36
N ILE D 298 3.13 -42.74 5.19
CA ILE D 298 3.95 -42.42 4.01
C ILE D 298 3.16 -42.55 2.69
N GLU D 299 2.43 -43.65 2.49
CA GLU D 299 1.60 -43.78 1.28
C GLU D 299 0.52 -42.68 1.13
N TYR D 300 -0.11 -42.25 2.26
CA TYR D 300 -1.09 -41.16 2.31
C TYR D 300 -0.45 -39.82 1.95
N GLY D 301 0.77 -39.55 2.42
CA GLY D 301 1.50 -38.33 2.11
C GLY D 301 1.79 -38.26 0.61
N LYS D 302 2.20 -39.41 0.05
CA LYS D 302 2.53 -39.59 -1.36
C LYS D 302 1.30 -39.32 -2.23
N GLN D 303 0.12 -39.83 -1.80
CA GLN D 303 -1.15 -39.70 -2.53
C GLN D 303 -2.06 -38.51 -2.14
N ALA D 304 -1.69 -37.70 -1.13
CA ALA D 304 -2.46 -36.55 -0.64
C ALA D 304 -2.68 -35.50 -1.72
N VAL D 305 -3.93 -35.10 -1.99
CA VAL D 305 -4.29 -34.06 -2.96
C VAL D 305 -4.17 -32.74 -2.21
N LEU D 306 -3.29 -31.87 -2.68
CA LEU D 306 -2.97 -30.63 -2.00
C LEU D 306 -3.67 -29.39 -2.57
N CYS D 307 -3.71 -28.33 -1.75
CA CYS D 307 -4.26 -27.05 -2.14
C CYS D 307 -3.31 -26.42 -3.15
N SER D 308 -3.88 -26.00 -4.28
CA SER D 308 -3.17 -25.37 -5.40
C SER D 308 -3.06 -23.82 -5.30
N CYS D 309 -4.24 -23.15 -5.38
CA CYS D 309 -4.53 -21.72 -5.42
C CYS D 309 -3.65 -20.80 -4.53
N ARG D 310 -3.35 -21.22 -3.29
CA ARG D 310 -2.62 -20.41 -2.31
C ARG D 310 -1.12 -20.67 -2.31
N LYS D 311 -0.32 -19.57 -2.21
CA LYS D 311 1.14 -19.63 -2.11
C LYS D 311 1.55 -19.90 -0.65
N ASP D 312 2.63 -20.68 -0.46
CA ASP D 312 3.19 -21.10 0.84
C ASP D 312 2.21 -22.03 1.65
N MET D 313 1.44 -22.89 0.92
CA MET D 313 0.54 -23.90 1.52
C MET D 313 1.42 -25.04 2.02
N VAL D 314 0.96 -25.85 3.01
CA VAL D 314 1.79 -26.92 3.54
C VAL D 314 1.98 -28.07 2.54
N LYS D 315 3.23 -28.18 2.06
CA LYS D 315 3.73 -29.23 1.17
C LYS D 315 5.07 -29.65 1.78
N ILE D 316 5.12 -30.92 2.15
CA ILE D 316 6.28 -31.58 2.74
C ILE D 316 6.84 -32.42 1.60
N SER D 317 8.16 -32.37 1.36
CA SER D 317 8.75 -33.20 0.31
C SER D 317 8.79 -34.63 0.85
N MET D 318 8.20 -35.55 0.11
CA MET D 318 8.07 -36.95 0.52
C MET D 318 9.32 -37.72 0.24
N ASP D 319 10.20 -37.15 -0.56
CA ASP D 319 11.47 -37.71 -0.99
C ASP D 319 12.27 -38.42 0.11
N VAL D 320 12.44 -37.76 1.26
CA VAL D 320 13.17 -38.27 2.41
C VAL D 320 12.54 -39.56 2.94
N PHE D 321 11.21 -39.67 2.84
CA PHE D 321 10.46 -40.83 3.32
C PHE D 321 10.52 -42.01 2.35
N VAL D 322 10.40 -41.72 1.03
CA VAL D 322 10.48 -42.73 -0.02
C VAL D 322 11.89 -43.30 0.00
N ARG D 323 12.89 -42.47 0.20
CA ARG D 323 14.28 -42.92 0.30
C ARG D 323 14.53 -43.89 1.49
N LYS D 324 14.10 -43.49 2.72
CA LYS D 324 14.30 -44.24 3.95
C LYS D 324 13.46 -45.51 4.09
N PHE D 325 12.15 -45.41 3.85
CA PHE D 325 11.28 -46.54 4.04
C PHE D 325 10.86 -47.28 2.80
N GLN D 326 11.02 -46.64 1.66
CA GLN D 326 10.66 -47.27 0.41
C GLN D 326 11.76 -47.03 -0.60
N PRO D 327 12.94 -47.60 -0.37
CA PRO D 327 14.01 -47.40 -1.37
C PRO D 327 13.76 -48.14 -2.68
N GLU D 328 13.15 -49.31 -2.62
CA GLU D 328 12.87 -50.10 -3.79
C GLU D 328 11.94 -49.40 -4.78
N ARG D 329 10.97 -48.66 -4.26
CA ARG D 329 10.01 -47.96 -5.08
C ARG D 329 10.40 -46.54 -5.46
N TYR D 330 11.55 -46.07 -5.02
CA TYR D 330 11.97 -44.70 -5.29
C TYR D 330 12.12 -44.33 -6.75
N LYS D 331 12.68 -45.23 -7.54
CA LYS D 331 12.83 -45.00 -8.99
C LYS D 331 11.47 -44.83 -9.66
N LEU D 332 10.54 -45.76 -9.35
CA LEU D 332 9.18 -45.79 -9.89
C LEU D 332 8.37 -44.56 -9.47
N TRP D 333 8.46 -44.18 -8.18
CA TRP D 333 7.73 -43.05 -7.59
C TRP D 333 8.15 -41.70 -8.16
N LYS D 334 9.45 -41.52 -8.36
CA LYS D 334 10.01 -40.28 -8.91
C LYS D 334 9.62 -40.11 -10.40
N ALA D 335 9.32 -41.24 -11.10
CA ALA D 335 8.89 -41.29 -12.51
C ALA D 335 7.36 -41.07 -12.64
N GLY D 336 6.66 -41.13 -11.51
CA GLY D 336 5.21 -40.96 -11.41
C GLY D 336 4.44 -42.24 -11.72
N LYS D 337 5.17 -43.37 -11.82
CA LYS D 337 4.65 -44.69 -12.17
C LYS D 337 4.35 -45.60 -10.93
N ASP D 338 4.13 -44.99 -9.73
CA ASP D 338 3.78 -45.71 -8.51
C ASP D 338 2.25 -45.75 -8.36
N ASN D 339 1.65 -46.91 -8.76
CA ASN D 339 0.20 -47.12 -8.77
C ASN D 339 -0.38 -47.80 -7.51
N THR D 340 0.33 -47.72 -6.36
CA THR D 340 -0.08 -48.31 -5.07
C THR D 340 -1.47 -47.84 -4.63
N VAL D 341 -2.37 -48.77 -4.30
CA VAL D 341 -3.74 -48.48 -3.86
C VAL D 341 -3.81 -48.60 -2.35
N ILE D 342 -4.27 -47.52 -1.69
CA ILE D 342 -4.40 -47.49 -0.24
C ILE D 342 -5.66 -48.20 0.23
N ASP D 343 -5.51 -49.12 1.20
CA ASP D 343 -6.62 -49.83 1.85
C ASP D 343 -6.75 -49.17 3.24
N HIS D 344 -7.79 -48.35 3.41
CA HIS D 344 -8.03 -47.57 4.64
C HIS D 344 -8.32 -48.42 5.90
N THR D 345 -8.66 -49.71 5.69
CA THR D 345 -8.98 -50.69 6.74
C THR D 345 -7.74 -51.33 7.37
N LEU D 346 -6.62 -51.31 6.64
CA LEU D 346 -5.36 -51.91 7.07
C LEU D 346 -4.65 -51.16 8.18
N PRO D 347 -4.14 -51.86 9.22
CA PRO D 347 -3.43 -51.16 10.29
C PRO D 347 -1.98 -50.88 9.88
N THR D 348 -1.27 -50.08 10.69
CA THR D 348 0.14 -49.72 10.46
C THR D 348 1.02 -50.99 10.61
N PRO D 349 2.13 -51.13 9.84
CA PRO D 349 2.97 -52.34 9.98
C PRO D 349 3.45 -52.63 11.40
N GLU D 350 3.55 -51.55 12.22
CA GLU D 350 4.00 -51.54 13.62
C GLU D 350 3.04 -52.34 14.56
N ALA D 351 1.77 -52.49 14.13
CA ALA D 351 0.73 -53.23 14.84
C ALA D 351 0.90 -54.75 14.71
N ALA D 352 1.94 -55.22 13.97
CA ALA D 352 2.23 -56.64 13.73
C ALA D 352 2.40 -57.45 15.02
N GLU D 353 3.05 -56.86 16.05
CA GLU D 353 3.29 -57.49 17.35
C GLU D 353 1.99 -57.76 18.16
N PHE D 354 0.85 -57.16 17.76
CA PHE D 354 -0.46 -57.31 18.41
C PHE D 354 -1.39 -58.21 17.60
N LEU D 355 -1.12 -58.38 16.28
CA LEU D 355 -1.88 -59.22 15.36
C LEU D 355 -1.82 -60.70 15.75
ZN ZN E . 17.32 -16.29 -32.25
ZN ZN F . 12.27 -18.56 -47.83
O 5UB G . 20.78 -21.61 -28.66
C 5UB G . 19.88 -21.54 -29.50
C3 5UB G . 19.35 -20.27 -30.02
C4 5UB G . 19.89 -19.06 -29.62
C5 5UB G . 19.35 -17.93 -30.19
N2 5UB G . 18.33 -17.94 -31.07
C6 5UB G . 17.79 -19.11 -31.43
C2 5UB G . 18.31 -20.32 -30.94
N1 5UB G . 17.76 -21.50 -31.39
C1 5UB G . 18.30 -22.60 -30.89
N 5UB G . 19.31 -22.65 -29.99
C7 5UB G . 16.58 -19.04 -32.27
N3 5UB G . 15.99 -17.76 -32.41
C9 5UB G . 14.91 -17.86 -33.11
S 5UB G . 14.54 -19.45 -33.66
C8 5UB G . 15.93 -20.04 -32.89
S DMS H . 20.90 -33.04 -15.33
O DMS H . 20.25 -33.48 -16.60
C1 DMS H . 22.62 -32.97 -15.73
C2 DMS H . 20.54 -31.35 -15.10
S DMS I . 12.35 -18.99 -29.38
O DMS I . 13.51 -19.88 -29.25
C1 DMS I . 13.03 -17.36 -29.42
C2 DMS I . 11.92 -19.10 -31.07
S DMS J . 21.51 -21.16 -47.46
O DMS J . 22.35 -21.38 -46.27
C1 DMS J . 22.15 -22.29 -48.67
C2 DMS J . 19.90 -21.85 -47.17
S DMS K . 7.36 -29.50 -19.26
O DMS K . 6.99 -28.08 -19.34
C1 DMS K . 8.43 -29.84 -20.65
C2 DMS K . 8.52 -29.66 -17.93
ZN ZN L . -22.52 8.70 2.14
ZN ZN M . -15.99 5.30 16.88
O 5UB N . -22.53 3.58 -2.97
C 5UB N . -21.81 3.87 -2.02
C3 5UB N . -22.04 5.03 -1.15
C4 5UB N . -23.16 5.83 -1.31
C5 5UB N . -23.30 6.88 -0.43
N2 5UB N . -22.43 7.16 0.55
C6 5UB N . -21.34 6.40 0.70
C2 5UB N . -21.12 5.28 -0.13
N1 5UB N . -20.02 4.49 0.09
C1 5UB N . -19.88 3.47 -0.71
N 5UB N . -20.72 3.15 -1.72
C7 5UB N . -20.33 6.87 1.67
N3 5UB N . -20.49 8.18 2.17
C9 5UB N . -19.50 8.48 2.95
S 5UB N . -18.34 7.24 3.14
C8 5UB N . -19.22 6.24 2.10
S DMS O . -16.86 10.01 -0.40
O DMS O . -17.64 8.77 -0.59
C1 DMS O . -18.09 11.21 -0.02
C2 DMS O . -16.05 9.84 1.15
S DMS P . -22.25 -2.32 14.88
O DMS P . -22.64 -1.94 16.24
C1 DMS P . -23.76 -2.42 13.99
C2 DMS P . -21.62 -0.80 14.28
ZN ZN Q . 12.63 39.25 17.43
ZN ZN R . 10.06 40.33 33.61
O 5UB S . 12.06 45.18 13.20
C 5UB S . 11.61 44.80 14.28
C3 5UB S . 11.89 43.49 14.85
C4 5UB S . 12.78 42.61 14.24
C5 5UB S . 13.02 41.42 14.89
N2 5UB S . 12.42 41.04 16.03
C6 5UB S . 11.52 41.87 16.61
C2 5UB S . 11.26 43.14 16.05
N1 5UB S . 10.41 43.99 16.73
C1 5UB S . 10.23 45.17 16.17
N 5UB S . 10.77 45.58 15.01
C7 5UB S . 10.75 41.31 17.72
N3 5UB S . 10.82 39.90 17.90
C9 5UB S . 10.05 39.56 18.89
S 5UB S . 9.22 40.85 19.65
C8 5UB S . 9.94 41.96 18.59
S DMS T . 3.35 53.73 0.50
O DMS T . 4.58 54.50 0.82
C1 DMS T . 3.93 52.09 0.19
C2 DMS T . 2.51 53.50 2.04
S DMS U . 6.87 38.88 15.95
O DMS U . 6.58 38.88 17.38
C1 DMS U . 5.53 39.81 15.34
C2 DMS U . 8.20 40.03 15.76
S DMS V . -5.06 44.87 7.35
O DMS V . -4.22 45.16 6.17
C1 DMS V . -4.96 43.12 7.64
C2 DMS V . -4.20 45.49 8.79
S DMS W . -2.16 57.91 24.47
O DMS W . -2.43 56.71 25.30
C1 DMS W . -3.75 58.64 24.10
C2 DMS W . -1.54 59.13 25.59
S DMS X . 17.99 27.24 26.72
O DMS X . 18.19 28.43 27.57
C1 DMS X . 16.29 27.33 26.18
C2 DMS X . 18.71 27.62 25.18
ZN ZN Y . -6.55 -23.83 -2.47
ZN ZN Z . -7.70 -31.34 12.30
O 5UB AA . -10.28 -27.78 18.17
C 5UB AA . -9.70 -27.49 17.13
C3 5UB AA . -9.24 -28.48 16.14
C4 5UB AA . -9.52 -29.82 16.30
C5 5UB AA . -9.07 -30.67 15.30
N2 5UB AA . -8.39 -30.26 14.23
C6 5UB AA . -8.08 -28.96 14.09
C2 5UB AA . -8.54 -28.02 15.02
N1 5UB AA . -8.28 -26.68 14.79
C1 5UB AA . -8.74 -25.85 15.71
N 5UB AA . -9.42 -26.21 16.82
C7 5UB AA . -7.14 -28.63 13.02
N3 5UB AA . -6.46 -29.71 12.40
C9 5UB AA . -5.61 -29.26 11.53
S 5UB AA . -5.57 -27.55 11.37
C8 5UB AA . -6.77 -27.40 12.56
S DMS BA . -7.67 -21.23 34.13
O DMS BA . -8.53 -20.27 33.42
C1 DMS BA . -7.07 -20.28 35.51
C2 DMS BA . -8.77 -22.34 34.96
S DMS CA . -2.63 -28.66 14.51
O DMS CA . -2.07 -28.23 15.78
C1 DMS CA . -2.29 -27.31 13.41
C2 DMS CA . -1.38 -29.69 13.88
S DMS DA . -15.70 -22.93 0.62
O DMS DA . -16.44 -23.16 1.90
C1 DMS DA . -16.47 -21.46 0.01
C2 DMS DA . -14.10 -22.24 1.00
#